data_1KEN
#
_entry.id   1KEN
#
_cell.length_a   143.041
_cell.length_b   315.588
_cell.length_c   97.029
_cell.angle_alpha   90.00
_cell.angle_beta   90.00
_cell.angle_gamma   90.00
#
_symmetry.space_group_name_H-M   'P 21 21 2'
#
loop_
_entity.id
_entity.type
_entity.pdbx_description
1 polymer 'hemagglutinin HA1'
2 polymer 'hemagglutinin HA2'
3 polymer 'influenza virus infectivity neutralizing antibody (light chain)'
4 polymer 'influenza virus infectivity neutralizing antibody (heavy chain)'
5 branched alpha-D-mannopyranose-(1-4)-2-acetamido-2-deoxy-beta-D-glucopyranose-(1-4)-2-acetamido-2-deoxy-beta-D-glucopyranose
#
loop_
_entity_poly.entity_id
_entity_poly.type
_entity_poly.pdbx_seq_one_letter_code
_entity_poly.pdbx_strand_id
1 'polypeptide(L)'
;QDLPGNDNSTATLCLGHHAVPNGTLVKTITDDQIEVTNATELVQSSSTGKICNNPHRILDGIDCTLIDALLGDPHCDVFQ
NETWDLFVERSKAFSNCYPYDVPDYASLRSLVASSGTLEFITEGFTWTGVTQNGGSNACKRGPGSGFFSRLNWLTKSGST
YPVLNVTMPNNDNFDKLYIWGIHHPSTNQEQTSLYVQASGRVTVSTRRSQQTIIPNIGSRPWVRGLSSRISIYWTIVKPG
DVLVINSNGNLIAPRGYFKMRTGKSSIMRSDAPIDTCISECITPNGSIPNDKPFQNVNKITYGACPKYVKQNTLKLATGM
RNVPEKQT
;
A,C,E
2 'polypeptide(L)'
;GLFGAIAGFIENGWEGMIDGWYGFRHQNSEGTGQAADLKSTQAAIDQINGKLNRVIEKTNEKFHQIEKEFSEVEGRIQDL
EKYVEDTKIDLWSYNAELLVALENQHTIDLTDSEMNKLFEKTRRQLRENAEEMGNGCFKIYHKCDNACIESIRNGTYDHD
VYRDEALNNRFQIKG
;
B,D,F
3 'polypeptide(L)'
;QIVLTQSPAIMSASPGEKVTLTCSASSTITSSFLYWYQQKPGSSPKLWIYSTSNLASGVPARFSGSGSGTSYSLTISSLE
AEDGASYFCHQWETFPRTFGGGTKLEIKRADAAPTVSIFPPSKIQLTSGGASVVCFLNNFYPKDINVKWKIDGSERQNGV
LNSWTDQDSKDSTYSMSSTLTLTKDEYERHNSYTCEATHKTSTSPIVKSFNRN
;
L,U
4 'polypeptide(L)'
;DVHLQESGPGLVKPSQSLSLTCYVTGYSITSGYYWTWIRQFPGNKLEWMGYISYDGSNNYNPSLKNRISITRDTSKNQFF
LKLNSVTAEDTASYYCAAFYYDYDFFFDYWGQGTTLTVSSAKTTPPSVYPLAPGSAAQTNSMVTLGCLVKGYFPEPVTVT
WNSGSLSSGVHTFPAVLQSDLYTLSSSVTVPSSTWPSETVTCNVAHPASSTKVDKKIVPRD
;
H,T
#
# COMPACT_ATOMS: atom_id res chain seq x y z
N SER A 9 -43.56 -85.92 1.50
CA SER A 9 -44.92 -85.77 2.12
C SER A 9 -45.57 -84.48 1.63
N THR A 10 -45.11 -83.33 2.18
CA THR A 10 -45.64 -82.00 1.86
C THR A 10 -44.73 -81.02 1.06
N ALA A 11 -44.80 -79.73 1.43
CA ALA A 11 -44.05 -78.62 0.83
C ALA A 11 -43.35 -77.75 1.90
N THR A 12 -42.21 -77.18 1.50
CA THR A 12 -41.39 -76.32 2.36
C THR A 12 -41.24 -74.99 1.58
N LEU A 13 -41.22 -73.86 2.28
CA LEU A 13 -41.08 -72.58 1.58
C LEU A 13 -39.96 -71.68 2.08
N CYS A 14 -39.05 -71.38 1.17
CA CYS A 14 -37.92 -70.50 1.45
C CYS A 14 -38.19 -69.14 0.75
N LEU A 15 -37.69 -68.07 1.37
CA LEU A 15 -37.88 -66.72 0.86
C LEU A 15 -36.64 -65.87 1.17
N GLY A 16 -36.48 -64.79 0.42
CA GLY A 16 -35.33 -63.92 0.65
C GLY A 16 -35.11 -62.79 -0.33
N HIS A 17 -33.88 -62.31 -0.36
CA HIS A 17 -33.48 -61.23 -1.23
C HIS A 17 -32.99 -61.84 -2.54
N HIS A 18 -31.71 -61.59 -2.81
CA HIS A 18 -30.98 -62.12 -3.96
C HIS A 18 -29.53 -61.69 -3.79
N ALA A 19 -28.83 -61.44 -4.90
CA ALA A 19 -27.44 -61.03 -4.78
C ALA A 19 -26.67 -60.96 -6.09
N VAL A 20 -25.35 -61.01 -5.93
CA VAL A 20 -24.36 -60.96 -7.00
C VAL A 20 -23.00 -61.24 -6.42
N PRO A 21 -22.01 -61.39 -7.28
CA PRO A 21 -20.66 -61.67 -6.79
C PRO A 21 -19.68 -60.51 -6.86
N ASN A 22 -19.85 -59.70 -7.91
CA ASN A 22 -19.00 -58.54 -8.17
C ASN A 22 -19.40 -57.29 -7.37
N GLY A 23 -19.73 -57.49 -6.09
CA GLY A 23 -20.13 -56.40 -5.21
C GLY A 23 -19.07 -55.33 -5.00
N THR A 24 -19.53 -54.12 -4.73
CA THR A 24 -18.66 -52.96 -4.50
C THR A 24 -18.78 -52.52 -3.04
N LEU A 25 -17.69 -52.08 -2.45
CA LEU A 25 -17.74 -51.65 -1.05
C LEU A 25 -18.21 -50.19 -0.90
N VAL A 26 -18.61 -49.84 0.32
CA VAL A 26 -19.09 -48.48 0.65
C VAL A 26 -18.91 -48.16 2.14
N LYS A 27 -19.42 -47.01 2.57
CA LYS A 27 -19.32 -46.60 3.98
C LYS A 27 -20.63 -46.03 4.50
N THR A 28 -20.90 -46.25 5.76
CA THR A 28 -22.14 -45.72 6.37
C THR A 28 -21.92 -45.40 7.83
N ILE A 29 -22.86 -44.69 8.42
CA ILE A 29 -22.76 -44.28 9.82
C ILE A 29 -21.99 -45.21 10.79
N THR A 30 -21.90 -46.51 10.47
CA THR A 30 -21.22 -47.51 11.32
C THR A 30 -20.08 -48.29 10.68
N ASP A 31 -20.29 -48.71 9.44
CA ASP A 31 -19.26 -49.46 8.72
C ASP A 31 -18.62 -48.53 7.69
N ASP A 32 -17.29 -48.52 7.64
CA ASP A 32 -16.58 -47.71 6.64
C ASP A 32 -16.27 -48.67 5.51
N GLN A 33 -16.82 -49.88 5.65
CA GLN A 33 -16.66 -50.96 4.68
C GLN A 33 -17.82 -51.97 4.67
N ILE A 34 -18.42 -52.10 3.49
CA ILE A 34 -19.54 -53.00 3.21
C ILE A 34 -19.75 -53.24 1.70
N GLU A 35 -20.24 -54.43 1.36
CA GLU A 35 -20.46 -54.88 -0.02
C GLU A 35 -21.89 -54.93 -0.50
N VAL A 36 -22.41 -53.80 -0.99
CA VAL A 36 -23.79 -53.75 -1.47
C VAL A 36 -23.94 -54.29 -2.89
N THR A 37 -25.17 -54.57 -3.30
CA THR A 37 -25.43 -55.08 -4.64
C THR A 37 -24.90 -54.10 -5.68
N ASN A 38 -25.50 -52.90 -5.70
CA ASN A 38 -25.13 -51.85 -6.65
C ASN A 38 -25.01 -50.44 -6.06
N ALA A 39 -23.93 -49.74 -6.37
CA ALA A 39 -23.76 -48.39 -5.86
C ALA A 39 -23.30 -47.48 -7.00
N THR A 40 -23.67 -46.21 -6.92
CA THR A 40 -23.30 -45.27 -7.98
C THR A 40 -22.38 -44.17 -7.45
N GLU A 41 -21.63 -43.52 -8.35
CA GLU A 41 -20.72 -42.44 -7.98
C GLU A 41 -21.43 -41.10 -7.93
N LEU A 42 -20.99 -40.26 -6.99
CA LEU A 42 -21.56 -38.93 -6.78
C LEU A 42 -20.47 -37.86 -6.75
N VAL A 43 -19.27 -38.24 -7.19
CA VAL A 43 -18.12 -37.34 -7.21
C VAL A 43 -17.36 -37.42 -8.55
N GLN A 44 -17.66 -36.47 -9.41
CA GLN A 44 -17.07 -36.40 -10.73
C GLN A 44 -15.57 -36.57 -10.69
N SER A 45 -15.13 -37.80 -10.85
CA SER A 45 -13.71 -38.13 -10.82
C SER A 45 -12.80 -37.27 -11.71
N SER A 46 -12.96 -37.32 -13.03
CA SER A 46 -12.08 -36.55 -13.94
C SER A 46 -12.79 -36.06 -15.17
N SER A 47 -12.05 -35.31 -16.00
CA SER A 47 -12.59 -34.77 -17.25
C SER A 47 -11.74 -35.07 -18.46
N THR A 48 -12.34 -34.78 -19.62
CA THR A 48 -11.73 -35.00 -20.92
C THR A 48 -10.57 -34.05 -21.28
N GLY A 49 -10.75 -32.76 -21.08
CA GLY A 49 -9.65 -31.88 -21.40
C GLY A 49 -9.81 -30.92 -22.55
N LYS A 50 -11.05 -30.61 -22.93
CA LYS A 50 -11.31 -29.65 -24.01
C LYS A 50 -12.52 -28.86 -23.57
N ILE A 51 -12.58 -27.58 -23.90
CA ILE A 51 -13.73 -26.79 -23.47
C ILE A 51 -14.79 -26.77 -24.58
N CYS A 52 -16.06 -26.91 -24.20
CA CYS A 52 -17.11 -26.93 -25.20
C CYS A 52 -17.54 -25.55 -25.61
N ASN A 53 -17.43 -25.29 -26.91
CA ASN A 53 -17.82 -24.01 -27.49
C ASN A 53 -19.29 -23.72 -27.20
N ASN A 54 -20.00 -24.74 -26.71
CA ASN A 54 -21.41 -24.61 -26.35
C ASN A 54 -21.74 -25.25 -25.01
N PRO A 55 -22.86 -24.80 -24.42
CA PRO A 55 -23.78 -23.77 -24.92
C PRO A 55 -23.41 -22.31 -24.64
N HIS A 56 -22.24 -22.07 -24.05
CA HIS A 56 -21.75 -20.74 -23.69
C HIS A 56 -21.03 -19.96 -24.79
N ARG A 57 -20.87 -18.65 -24.57
CA ARG A 57 -20.19 -17.80 -25.55
C ARG A 57 -18.73 -17.80 -25.16
N ILE A 58 -17.90 -18.64 -25.76
CA ILE A 58 -16.47 -18.64 -25.40
C ILE A 58 -15.64 -17.78 -26.35
N LEU A 59 -14.64 -17.12 -25.78
CA LEU A 59 -13.76 -16.26 -26.56
C LEU A 59 -12.31 -16.45 -26.14
N ASP A 60 -11.52 -17.00 -27.06
CA ASP A 60 -10.11 -17.29 -26.82
C ASP A 60 -9.37 -15.96 -26.89
N GLY A 61 -8.80 -15.57 -25.76
CA GLY A 61 -8.06 -14.33 -25.70
C GLY A 61 -6.79 -14.51 -26.48
N ILE A 62 -6.44 -15.77 -26.74
CA ILE A 62 -5.25 -16.10 -27.50
C ILE A 62 -4.12 -15.44 -26.70
N ASP A 63 -3.21 -14.73 -27.40
CA ASP A 63 -2.07 -14.02 -26.78
C ASP A 63 -2.52 -12.82 -26.00
N CYS A 64 -3.61 -12.21 -26.44
CA CYS A 64 -4.11 -11.06 -25.75
C CYS A 64 -4.72 -11.40 -24.43
N THR A 65 -4.47 -10.55 -23.47
CA THR A 65 -5.00 -10.73 -22.14
C THR A 65 -6.17 -9.71 -22.13
N LEU A 66 -7.23 -9.98 -21.36
CA LEU A 66 -8.37 -9.07 -21.41
C LEU A 66 -8.02 -7.62 -21.21
N ILE A 67 -7.17 -7.36 -20.22
CA ILE A 67 -6.77 -5.98 -19.99
C ILE A 67 -6.14 -5.31 -21.22
N ASP A 68 -5.33 -6.07 -21.95
CA ASP A 68 -4.66 -5.59 -23.16
C ASP A 68 -5.71 -5.48 -24.25
N ALA A 69 -6.61 -6.47 -24.26
CA ALA A 69 -7.69 -6.47 -25.23
C ALA A 69 -8.43 -5.15 -25.02
N LEU A 70 -8.63 -4.80 -23.74
CA LEU A 70 -9.30 -3.55 -23.37
C LEU A 70 -8.48 -2.40 -23.97
N LEU A 71 -7.50 -1.93 -23.21
CA LEU A 71 -6.64 -0.84 -23.63
C LEU A 71 -6.43 -0.81 -25.11
N GLY A 72 -6.27 -1.99 -25.71
CA GLY A 72 -6.03 -2.05 -27.15
C GLY A 72 -4.54 -2.10 -27.51
N ASP A 73 -3.89 -3.16 -27.07
CA ASP A 73 -2.47 -3.34 -27.34
C ASP A 73 -2.38 -3.22 -28.85
N PRO A 74 -1.21 -2.88 -29.43
CA PRO A 74 -1.08 -2.75 -30.89
C PRO A 74 -1.54 -4.04 -31.54
N HIS A 75 -1.29 -5.19 -30.88
CA HIS A 75 -1.66 -6.49 -31.44
C HIS A 75 -2.94 -7.13 -30.99
N CYS A 76 -3.82 -6.41 -30.33
CA CYS A 76 -5.04 -7.05 -29.94
C CYS A 76 -6.15 -6.46 -30.72
N ASP A 77 -5.80 -5.64 -31.70
CA ASP A 77 -6.82 -5.02 -32.52
C ASP A 77 -7.87 -6.06 -32.88
N VAL A 78 -7.41 -7.26 -33.20
CA VAL A 78 -8.31 -8.36 -33.54
C VAL A 78 -9.49 -8.43 -32.58
N PHE A 79 -9.25 -8.29 -31.29
CA PHE A 79 -10.35 -8.36 -30.37
C PHE A 79 -11.16 -7.12 -30.24
N GLN A 80 -11.03 -6.17 -31.16
CA GLN A 80 -11.85 -4.96 -31.04
C GLN A 80 -13.34 -5.25 -30.71
N ASN A 81 -14.07 -4.24 -30.23
CA ASN A 81 -15.49 -4.43 -29.94
C ASN A 81 -16.03 -5.84 -29.58
N GLU A 82 -15.20 -6.73 -29.06
CA GLU A 82 -15.66 -8.07 -28.74
C GLU A 82 -16.68 -8.14 -27.61
N THR A 83 -17.22 -9.34 -27.38
CA THR A 83 -18.22 -9.62 -26.34
C THR A 83 -18.01 -11.05 -25.87
N TRP A 84 -18.81 -11.50 -24.90
CA TRP A 84 -18.69 -12.87 -24.37
C TRP A 84 -19.55 -13.27 -23.15
N ASP A 85 -19.29 -14.49 -22.69
CA ASP A 85 -19.95 -15.12 -21.54
C ASP A 85 -18.82 -15.55 -20.62
N LEU A 86 -17.73 -15.95 -21.26
CA LEU A 86 -16.56 -16.40 -20.54
C LEU A 86 -15.30 -16.15 -21.33
N PHE A 87 -14.58 -15.13 -20.93
CA PHE A 87 -13.32 -14.81 -21.58
C PHE A 87 -12.28 -15.74 -20.96
N VAL A 88 -11.48 -16.34 -21.82
CA VAL A 88 -10.43 -17.27 -21.41
C VAL A 88 -9.10 -16.62 -21.62
N GLU A 89 -8.32 -16.49 -20.56
CA GLU A 89 -7.01 -15.88 -20.70
C GLU A 89 -6.04 -17.02 -20.82
N ARG A 90 -5.08 -16.86 -21.72
CA ARG A 90 -4.11 -17.92 -21.93
C ARG A 90 -2.78 -17.65 -21.26
N SER A 91 -1.94 -18.69 -21.20
CA SER A 91 -0.60 -18.61 -20.60
C SER A 91 0.36 -17.93 -21.57
N LYS A 92 0.57 -18.58 -22.70
CA LYS A 92 1.46 -18.10 -23.73
C LYS A 92 1.21 -16.63 -24.01
N ALA A 93 0.18 -16.08 -23.38
CA ALA A 93 -0.21 -14.69 -23.58
C ALA A 93 0.82 -13.65 -23.22
N PHE A 94 0.68 -12.48 -23.81
CA PHE A 94 1.60 -11.40 -23.52
C PHE A 94 1.08 -10.06 -23.95
N SER A 95 1.88 -9.03 -23.67
CA SER A 95 1.58 -7.65 -24.00
C SER A 95 2.82 -7.13 -24.68
N ASN A 96 2.58 -6.30 -25.69
CA ASN A 96 3.59 -5.71 -26.56
C ASN A 96 3.13 -4.28 -26.85
N CYS A 97 3.40 -3.40 -25.89
CA CYS A 97 2.96 -2.03 -26.00
C CYS A 97 3.44 -1.29 -24.75
N TYR A 98 3.73 0.00 -24.90
CA TYR A 98 4.18 0.91 -23.84
C TYR A 98 3.95 0.27 -22.53
N PRO A 99 4.99 -0.03 -21.75
CA PRO A 99 4.75 -0.68 -20.46
C PRO A 99 3.85 0.18 -19.62
N TYR A 100 3.08 -0.49 -18.77
CA TYR A 100 2.12 0.16 -17.90
C TYR A 100 1.81 -0.63 -16.63
N ASP A 101 1.18 0.08 -15.69
CA ASP A 101 0.77 -0.51 -14.41
C ASP A 101 -0.69 -0.14 -14.18
N VAL A 102 -1.53 -1.11 -13.89
CA VAL A 102 -2.93 -0.79 -13.63
C VAL A 102 -3.13 -0.97 -12.12
N PRO A 103 -3.21 0.14 -11.37
CA PRO A 103 -3.38 0.02 -9.93
C PRO A 103 -4.68 -0.70 -9.73
N ASP A 104 -4.65 -1.73 -8.90
CA ASP A 104 -5.86 -2.53 -8.61
C ASP A 104 -6.33 -3.14 -9.93
N TYR A 105 -5.35 -3.72 -10.61
CA TYR A 105 -5.50 -4.40 -11.88
C TYR A 105 -6.62 -5.40 -11.72
N ALA A 106 -6.54 -6.12 -10.59
CA ALA A 106 -7.51 -7.19 -10.23
C ALA A 106 -8.94 -6.90 -10.57
N SER A 107 -9.40 -5.73 -10.11
CA SER A 107 -10.75 -5.19 -10.27
C SER A 107 -11.04 -4.64 -11.64
N LEU A 108 -10.07 -3.93 -12.24
CA LEU A 108 -10.34 -3.42 -13.58
C LEU A 108 -10.50 -4.61 -14.47
N ARG A 109 -10.01 -5.76 -14.02
CA ARG A 109 -10.17 -6.98 -14.76
C ARG A 109 -11.53 -7.57 -14.41
N SER A 110 -11.69 -7.91 -13.15
CA SER A 110 -12.92 -8.50 -12.64
C SER A 110 -14.17 -7.77 -13.01
N LEU A 111 -14.08 -6.55 -13.50
CA LEU A 111 -15.28 -5.84 -13.89
C LEU A 111 -15.44 -5.86 -15.38
N VAL A 112 -14.37 -5.60 -16.11
CA VAL A 112 -14.49 -5.61 -17.56
C VAL A 112 -14.92 -7.00 -17.92
N ALA A 113 -14.50 -7.95 -17.11
CA ALA A 113 -14.85 -9.34 -17.36
C ALA A 113 -16.35 -9.58 -17.10
N SER A 114 -16.82 -9.05 -15.98
CA SER A 114 -18.20 -9.22 -15.54
C SER A 114 -19.11 -8.52 -16.50
N SER A 115 -18.60 -7.43 -17.05
CA SER A 115 -19.34 -6.65 -18.00
C SER A 115 -19.42 -7.46 -19.26
N GLY A 116 -18.35 -8.19 -19.52
CA GLY A 116 -18.32 -9.04 -20.69
C GLY A 116 -18.62 -8.34 -21.99
N THR A 117 -17.91 -7.25 -22.28
CA THR A 117 -18.15 -6.56 -23.53
C THR A 117 -17.16 -5.46 -23.74
N LEU A 118 -16.43 -5.48 -24.85
CA LEU A 118 -15.47 -4.42 -25.12
C LEU A 118 -16.05 -3.56 -26.17
N GLU A 119 -17.35 -3.33 -26.11
CA GLU A 119 -18.02 -2.49 -27.08
C GLU A 119 -17.57 -1.10 -26.72
N PHE A 120 -17.02 -0.41 -27.70
CA PHE A 120 -16.51 0.95 -27.49
C PHE A 120 -17.17 2.18 -28.22
N ILE A 121 -17.86 3.07 -27.52
CA ILE A 121 -18.42 4.22 -28.19
C ILE A 121 -17.25 5.18 -28.36
N THR A 122 -17.11 5.80 -29.54
CA THR A 122 -15.98 6.70 -29.76
C THR A 122 -16.26 8.19 -29.71
N GLU A 123 -16.87 8.68 -28.63
CA GLU A 123 -17.14 10.11 -28.56
C GLU A 123 -15.85 10.91 -28.72
N GLY A 124 -15.94 12.11 -29.29
CA GLY A 124 -14.74 12.89 -29.54
C GLY A 124 -14.54 14.14 -28.69
N PHE A 125 -13.33 14.26 -28.14
CA PHE A 125 -12.99 15.40 -27.30
C PHE A 125 -12.30 16.50 -28.10
N THR A 126 -12.18 17.67 -27.48
CA THR A 126 -11.52 18.79 -28.12
C THR A 126 -10.24 19.01 -27.34
N TRP A 127 -9.17 18.36 -27.78
CA TRP A 127 -7.89 18.53 -27.11
C TRP A 127 -7.14 19.68 -27.78
N THR A 128 -7.63 20.88 -27.48
CA THR A 128 -7.12 22.13 -28.02
C THR A 128 -5.83 22.62 -27.40
N GLY A 129 -4.81 22.79 -28.23
CA GLY A 129 -3.58 23.32 -27.71
C GLY A 129 -2.54 22.33 -27.22
N VAL A 130 -2.57 21.13 -27.79
CA VAL A 130 -1.64 20.05 -27.44
C VAL A 130 -1.61 19.07 -28.61
N THR A 131 -0.53 18.32 -28.77
CA THR A 131 -0.45 17.36 -29.88
C THR A 131 -1.10 16.01 -29.55
N GLN A 132 -2.15 15.68 -30.29
CA GLN A 132 -2.87 14.43 -30.07
C GLN A 132 -2.11 13.20 -30.48
N ASN A 133 -2.85 12.12 -30.74
CA ASN A 133 -2.32 10.81 -31.18
C ASN A 133 -0.82 10.62 -31.04
N GLY A 134 -0.34 10.26 -29.85
CA GLY A 134 1.10 10.06 -29.70
C GLY A 134 1.59 8.76 -30.31
N GLY A 135 2.85 8.39 -30.04
CA GLY A 135 3.36 7.15 -30.60
C GLY A 135 4.70 6.77 -29.99
N SER A 136 4.85 5.50 -29.63
CA SER A 136 6.10 5.01 -29.04
C SER A 136 6.63 3.81 -29.79
N ASN A 137 7.95 3.75 -29.83
CA ASN A 137 8.63 2.67 -30.50
C ASN A 137 8.59 1.40 -29.65
N ALA A 138 7.65 1.37 -28.72
CA ALA A 138 7.53 0.19 -27.91
C ALA A 138 6.14 -0.43 -28.08
N CYS A 139 5.25 0.36 -28.66
CA CYS A 139 3.88 -0.05 -28.87
C CYS A 139 3.58 0.37 -30.26
N LYS A 140 4.36 -0.20 -31.20
CA LYS A 140 4.29 0.07 -32.63
C LYS A 140 3.19 -0.66 -33.36
N ARG A 141 2.69 0.03 -34.40
CA ARG A 141 1.61 -0.47 -35.25
C ARG A 141 2.13 -0.74 -36.67
N GLY A 142 2.59 -1.97 -36.88
CA GLY A 142 3.09 -2.39 -38.17
C GLY A 142 4.51 -2.01 -38.55
N PRO A 143 4.68 -0.95 -39.38
CA PRO A 143 5.97 -0.42 -39.87
C PRO A 143 6.64 0.53 -38.89
N GLY A 144 5.86 1.47 -38.35
CA GLY A 144 6.42 2.42 -37.40
C GLY A 144 5.82 2.46 -35.99
N SER A 145 5.99 3.62 -35.35
CA SER A 145 5.51 3.86 -34.01
C SER A 145 4.00 3.71 -33.92
N GLY A 146 3.52 3.47 -32.72
CA GLY A 146 2.10 3.30 -32.49
C GLY A 146 1.83 3.38 -31.00
N PHE A 147 0.56 3.25 -30.62
CA PHE A 147 0.15 3.36 -29.23
C PHE A 147 -0.94 2.38 -28.85
N PHE A 148 -1.85 2.83 -28.01
CA PHE A 148 -2.98 1.99 -27.58
C PHE A 148 -4.19 2.43 -28.36
N SER A 149 -4.94 1.47 -28.89
CA SER A 149 -6.09 1.82 -29.68
C SER A 149 -7.03 2.76 -28.92
N ARG A 150 -7.59 2.34 -27.78
CA ARG A 150 -8.54 3.19 -27.07
C ARG A 150 -7.91 4.35 -26.33
N LEU A 151 -6.63 4.60 -26.54
CA LEU A 151 -5.96 5.66 -25.79
C LEU A 151 -5.29 6.77 -26.56
N ASN A 152 -5.38 7.98 -26.00
CA ASN A 152 -4.79 9.18 -26.63
C ASN A 152 -3.70 9.73 -25.77
N TRP A 153 -2.58 10.00 -26.44
CA TRP A 153 -1.41 10.54 -25.80
C TRP A 153 -1.14 11.98 -26.26
N LEU A 154 -1.20 12.90 -25.30
CA LEU A 154 -1.01 14.31 -25.54
C LEU A 154 0.33 14.82 -25.06
N THR A 155 0.93 15.68 -25.88
CA THR A 155 2.20 16.31 -25.53
C THR A 155 2.05 17.75 -25.91
N LYS A 156 3.08 18.54 -25.62
CA LYS A 156 3.09 19.97 -25.88
C LYS A 156 2.62 20.34 -27.29
N SER A 157 2.14 21.58 -27.41
CA SER A 157 1.61 22.18 -28.65
C SER A 157 2.72 22.45 -29.65
N GLY A 158 3.76 23.09 -29.15
CA GLY A 158 4.92 23.44 -29.92
C GLY A 158 5.94 23.91 -28.89
N SER A 159 5.53 24.86 -28.04
CA SER A 159 6.40 25.38 -26.99
C SER A 159 5.67 25.43 -25.66
N THR A 160 4.50 24.79 -25.61
CA THR A 160 3.69 24.78 -24.39
C THR A 160 2.63 23.67 -24.25
N TYR A 161 2.10 23.54 -23.03
CA TYR A 161 1.07 22.57 -22.65
C TYR A 161 0.16 23.38 -21.78
N PRO A 162 -1.03 23.69 -22.28
CA PRO A 162 -1.99 24.49 -21.51
C PRO A 162 -2.68 23.60 -20.51
N VAL A 163 -3.47 24.19 -19.64
CA VAL A 163 -4.22 23.42 -18.66
C VAL A 163 -5.36 22.87 -19.48
N LEU A 164 -5.61 21.59 -19.36
CA LEU A 164 -6.69 21.02 -20.12
C LEU A 164 -7.99 20.87 -19.32
N ASN A 165 -9.02 21.63 -19.67
CA ASN A 165 -10.31 21.56 -18.97
C ASN A 165 -11.40 21.00 -19.89
N VAL A 166 -11.62 19.70 -19.95
CA VAL A 166 -12.65 19.21 -20.87
C VAL A 166 -13.80 18.61 -20.13
N THR A 167 -15.00 18.67 -20.72
CA THR A 167 -16.15 18.06 -20.08
C THR A 167 -16.89 17.20 -21.12
N MET A 168 -17.40 16.08 -20.71
CA MET A 168 -18.05 15.22 -21.65
C MET A 168 -19.18 14.56 -20.87
N PRO A 169 -20.39 15.07 -21.03
CA PRO A 169 -21.58 14.58 -20.36
C PRO A 169 -22.05 13.20 -20.85
N ASN A 170 -23.00 12.64 -20.10
CA ASN A 170 -23.57 11.35 -20.43
C ASN A 170 -25.07 11.50 -20.43
N ASN A 171 -25.63 11.42 -21.62
CA ASN A 171 -27.04 11.57 -21.79
C ASN A 171 -27.75 10.23 -21.90
N ASP A 172 -27.08 9.26 -22.50
CA ASP A 172 -27.67 7.93 -22.67
C ASP A 172 -28.24 7.42 -21.36
N ASN A 173 -28.92 6.28 -21.44
CA ASN A 173 -29.57 5.67 -20.28
C ASN A 173 -28.73 4.57 -19.64
N PHE A 174 -27.45 4.60 -19.89
CA PHE A 174 -26.63 3.59 -19.32
C PHE A 174 -25.28 4.09 -18.79
N ASP A 175 -24.79 3.35 -17.80
CA ASP A 175 -23.51 3.57 -17.17
C ASP A 175 -22.43 3.56 -18.28
N LYS A 176 -21.58 4.60 -18.30
CA LYS A 176 -20.47 4.69 -19.25
C LYS A 176 -19.19 4.33 -18.50
N LEU A 177 -18.29 3.56 -19.12
CA LEU A 177 -17.01 3.23 -18.49
C LEU A 177 -15.81 3.91 -19.20
N TYR A 178 -15.08 4.77 -18.48
CA TYR A 178 -13.92 5.46 -19.03
C TYR A 178 -12.59 4.88 -18.60
N ILE A 179 -11.75 4.53 -19.56
CA ILE A 179 -10.46 4.03 -19.21
C ILE A 179 -9.46 5.02 -19.71
N TRP A 180 -8.76 5.61 -18.76
CA TRP A 180 -7.72 6.59 -19.02
C TRP A 180 -6.40 6.30 -18.29
N GLY A 181 -5.54 7.32 -18.22
CA GLY A 181 -4.27 7.12 -17.59
C GLY A 181 -3.47 8.37 -17.43
N ILE A 182 -2.25 8.20 -16.94
CA ILE A 182 -1.28 9.26 -16.67
C ILE A 182 0.09 8.68 -16.95
N HIS A 183 0.98 9.52 -17.46
CA HIS A 183 2.35 9.12 -17.84
C HIS A 183 3.42 9.55 -16.89
N HIS A 184 4.33 8.62 -16.55
CA HIS A 184 5.42 8.93 -15.63
C HIS A 184 6.71 8.95 -16.39
N PRO A 185 7.41 10.11 -16.44
CA PRO A 185 8.69 10.19 -17.17
C PRO A 185 9.90 9.64 -16.42
N SER A 186 10.96 9.31 -17.15
CA SER A 186 12.19 8.87 -16.47
C SER A 186 13.03 10.02 -15.82
N THR A 187 13.18 11.16 -16.51
CA THR A 187 13.92 12.31 -15.98
C THR A 187 13.08 13.60 -15.93
N ASN A 188 13.47 14.40 -14.93
CA ASN A 188 12.86 15.67 -14.59
C ASN A 188 12.91 16.50 -15.80
N GLN A 189 13.64 16.01 -16.80
CA GLN A 189 13.75 16.68 -18.10
C GLN A 189 12.88 15.99 -19.16
N GLU A 190 12.59 14.70 -18.95
CA GLU A 190 11.76 14.03 -19.92
C GLU A 190 10.40 14.62 -19.75
N GLN A 191 10.10 15.15 -18.56
CA GLN A 191 8.82 15.81 -18.34
C GLN A 191 8.88 17.07 -19.19
N THR A 192 9.68 18.04 -18.72
CA THR A 192 9.91 19.35 -19.37
C THR A 192 9.75 19.20 -20.88
N SER A 193 10.53 18.24 -21.40
CA SER A 193 10.58 17.90 -22.79
C SER A 193 9.20 17.75 -23.37
N LEU A 194 8.40 16.87 -22.75
CA LEU A 194 7.05 16.51 -23.19
C LEU A 194 5.85 17.32 -22.72
N TYR A 195 5.84 17.69 -21.46
CA TYR A 195 4.68 18.38 -20.98
C TYR A 195 4.93 19.78 -20.47
N VAL A 196 6.10 20.32 -20.77
CA VAL A 196 6.45 21.67 -20.35
C VAL A 196 6.46 21.75 -18.87
N GLN A 197 5.30 21.90 -18.24
CA GLN A 197 5.29 21.95 -16.77
C GLN A 197 6.22 20.91 -16.07
N ALA A 198 6.88 21.38 -15.02
CA ALA A 198 7.81 20.54 -14.28
C ALA A 198 7.14 19.50 -13.41
N SER A 199 5.81 19.49 -13.39
CA SER A 199 5.08 18.54 -12.57
C SER A 199 3.64 18.40 -13.03
N GLY A 200 3.40 17.29 -13.72
CA GLY A 200 2.09 16.96 -14.27
C GLY A 200 1.01 16.95 -13.23
N ARG A 201 -0.24 16.74 -13.65
CA ARG A 201 -1.40 16.69 -12.75
C ARG A 201 -2.57 16.28 -13.62
N VAL A 202 -3.36 15.32 -13.15
CA VAL A 202 -4.53 14.81 -13.86
C VAL A 202 -5.70 14.58 -12.93
N THR A 203 -6.88 15.06 -13.32
CA THR A 203 -8.06 14.89 -12.50
C THR A 203 -9.23 14.47 -13.36
N VAL A 204 -9.96 13.45 -12.92
CA VAL A 204 -11.12 12.95 -13.66
C VAL A 204 -12.26 12.83 -12.65
N SER A 205 -13.33 13.61 -12.83
CA SER A 205 -14.44 13.56 -11.86
C SER A 205 -15.83 13.54 -12.40
N THR A 206 -16.79 13.62 -11.49
CA THR A 206 -18.18 13.65 -11.86
C THR A 206 -18.86 14.35 -10.71
N ARG A 207 -20.18 14.44 -10.73
CA ARG A 207 -20.87 15.07 -9.60
C ARG A 207 -20.62 14.24 -8.31
N ARG A 208 -20.62 12.92 -8.40
CA ARG A 208 -20.40 12.13 -7.19
C ARG A 208 -18.97 11.62 -6.98
N SER A 209 -18.24 11.47 -8.09
CA SER A 209 -16.87 10.97 -8.08
C SER A 209 -15.81 12.05 -7.86
N GLN A 210 -14.59 11.74 -8.30
CA GLN A 210 -13.40 12.59 -8.22
C GLN A 210 -12.16 11.82 -7.83
N GLN A 211 -11.15 11.88 -8.67
CA GLN A 211 -9.91 11.22 -8.38
C GLN A 211 -8.77 11.97 -9.10
N THR A 212 -7.70 12.32 -8.38
CA THR A 212 -6.63 13.08 -9.01
C THR A 212 -5.34 12.40 -8.81
N ILE A 213 -4.48 12.49 -9.80
CA ILE A 213 -3.16 11.86 -9.77
C ILE A 213 -2.03 12.80 -10.13
N ILE A 214 -0.84 12.63 -9.53
CA ILE A 214 0.38 13.41 -9.88
C ILE A 214 1.52 12.43 -10.26
N PRO A 215 2.15 12.64 -11.42
CA PRO A 215 3.22 11.77 -11.89
C PRO A 215 4.40 11.65 -10.99
N ASN A 216 4.97 10.45 -10.96
CA ASN A 216 6.16 10.15 -10.18
C ASN A 216 7.29 9.99 -11.20
N ILE A 217 8.15 11.01 -11.30
CA ILE A 217 9.20 10.98 -12.29
C ILE A 217 10.24 10.03 -11.76
N GLY A 218 10.86 9.29 -12.69
CA GLY A 218 11.90 8.36 -12.28
C GLY A 218 12.37 7.35 -13.31
N SER A 219 13.11 6.38 -12.82
CA SER A 219 13.68 5.36 -13.64
C SER A 219 13.25 3.96 -13.35
N ARG A 220 12.39 3.48 -14.23
CA ARG A 220 11.93 2.13 -14.13
C ARG A 220 12.86 1.25 -14.95
N PRO A 221 12.90 -0.05 -14.64
CA PRO A 221 13.80 -0.94 -15.41
C PRO A 221 13.46 -0.92 -16.88
N TRP A 222 14.47 -1.23 -17.65
CA TRP A 222 14.30 -1.20 -19.06
C TRP A 222 13.34 -2.21 -19.58
N VAL A 223 12.22 -1.70 -20.07
CA VAL A 223 11.21 -2.57 -20.61
C VAL A 223 10.81 -2.29 -22.02
N ARG A 224 11.19 -3.20 -22.91
CA ARG A 224 10.79 -3.03 -24.28
C ARG A 224 11.38 -1.70 -24.66
N GLY A 225 12.65 -1.49 -24.31
CA GLY A 225 13.33 -0.25 -24.62
C GLY A 225 13.08 0.88 -23.63
N LEU A 226 11.81 1.27 -23.48
CA LEU A 226 11.42 2.35 -22.60
C LEU A 226 11.81 2.14 -21.13
N SER A 227 12.11 3.24 -20.40
CA SER A 227 12.48 3.20 -18.96
C SER A 227 11.48 4.00 -18.15
N SER A 228 10.49 4.56 -18.85
CA SER A 228 9.41 5.31 -18.22
C SER A 228 8.12 4.50 -18.42
N ARG A 229 7.00 4.92 -17.86
CA ARG A 229 5.76 4.18 -18.11
C ARG A 229 4.46 4.90 -17.79
N ILE A 230 3.36 4.18 -18.00
CA ILE A 230 2.03 4.73 -17.80
C ILE A 230 1.21 4.04 -16.74
N SER A 231 0.42 4.85 -16.06
CA SER A 231 -0.48 4.34 -15.05
C SER A 231 -1.98 4.37 -15.48
N ILE A 232 -2.57 3.18 -15.72
CA ILE A 232 -3.95 3.04 -16.14
C ILE A 232 -5.01 3.23 -15.04
N TYR A 233 -6.01 4.08 -15.29
CA TYR A 233 -7.07 4.32 -14.31
C TYR A 233 -8.44 4.27 -14.93
N TRP A 234 -9.48 4.07 -14.12
CA TRP A 234 -10.85 3.99 -14.63
C TRP A 234 -11.87 4.81 -13.86
N THR A 235 -12.88 5.24 -14.62
CA THR A 235 -13.99 6.08 -14.15
C THR A 235 -15.28 5.78 -14.92
N ILE A 236 -16.36 5.47 -14.21
CA ILE A 236 -17.67 5.21 -14.82
C ILE A 236 -18.60 6.36 -14.43
N VAL A 237 -19.45 6.78 -15.37
CA VAL A 237 -20.37 7.88 -15.08
C VAL A 237 -21.76 7.41 -15.36
N LYS A 238 -22.54 7.49 -14.29
CA LYS A 238 -23.92 7.07 -14.29
C LYS A 238 -24.77 8.01 -15.11
N PRO A 239 -25.78 7.44 -15.80
CA PRO A 239 -26.66 8.29 -16.60
C PRO A 239 -27.03 9.53 -15.82
N GLY A 240 -26.88 10.68 -16.46
CA GLY A 240 -27.24 11.92 -15.79
C GLY A 240 -26.16 12.45 -14.89
N ASP A 241 -24.94 12.40 -15.42
CA ASP A 241 -23.78 12.90 -14.72
C ASP A 241 -22.81 13.24 -15.83
N VAL A 242 -21.87 14.09 -15.51
CA VAL A 242 -20.93 14.51 -16.50
C VAL A 242 -19.51 14.13 -16.06
N LEU A 243 -18.66 13.85 -17.04
CA LEU A 243 -17.28 13.48 -16.82
C LEU A 243 -16.41 14.75 -17.01
N VAL A 244 -15.38 14.90 -16.19
CA VAL A 244 -14.54 16.06 -16.35
C VAL A 244 -13.07 15.71 -16.15
N ILE A 245 -12.31 16.04 -17.18
CA ILE A 245 -10.88 15.81 -17.22
C ILE A 245 -10.17 17.18 -17.15
N ASN A 246 -9.21 17.29 -16.25
CA ASN A 246 -8.48 18.50 -16.06
C ASN A 246 -6.98 18.20 -15.77
N SER A 247 -6.16 18.20 -16.82
CA SER A 247 -4.71 17.97 -16.68
C SER A 247 -3.84 19.11 -17.23
N ASN A 248 -2.66 19.32 -16.64
CA ASN A 248 -1.73 20.37 -17.11
C ASN A 248 -0.42 19.69 -17.62
N GLY A 249 -0.53 18.38 -17.82
CA GLY A 249 0.59 17.62 -18.30
C GLY A 249 0.31 16.15 -18.05
N ASN A 250 1.16 15.33 -18.66
CA ASN A 250 1.11 13.89 -18.54
C ASN A 250 -0.25 13.24 -18.72
N LEU A 251 -1.25 13.97 -19.22
CA LEU A 251 -2.54 13.33 -19.41
C LEU A 251 -2.54 12.40 -20.62
N ILE A 252 -2.98 11.16 -20.41
CA ILE A 252 -3.09 10.13 -21.45
C ILE A 252 -4.59 9.95 -21.62
N ALA A 253 -5.27 11.03 -21.97
CA ALA A 253 -6.71 11.02 -22.13
C ALA A 253 -7.33 9.88 -22.96
N PRO A 254 -8.64 9.63 -22.76
CA PRO A 254 -9.42 8.59 -23.45
C PRO A 254 -10.16 9.10 -24.69
N ARG A 255 -10.40 8.21 -25.65
CA ARG A 255 -11.10 8.58 -26.86
C ARG A 255 -12.59 8.26 -26.80
N GLY A 256 -13.09 7.77 -25.66
CA GLY A 256 -14.51 7.45 -25.58
C GLY A 256 -14.84 6.50 -24.43
N TYR A 257 -16.11 6.13 -24.29
CA TYR A 257 -16.54 5.21 -23.21
C TYR A 257 -16.89 3.80 -23.68
N PHE A 258 -16.75 2.83 -22.78
CA PHE A 258 -17.08 1.46 -23.08
C PHE A 258 -18.49 1.25 -22.56
N LYS A 259 -19.25 0.36 -23.21
CA LYS A 259 -20.61 0.09 -22.75
C LYS A 259 -20.55 -0.81 -21.51
N MET A 260 -21.55 -0.66 -20.65
CA MET A 260 -21.57 -1.41 -19.43
C MET A 260 -22.75 -2.35 -19.34
N ARG A 261 -22.51 -3.64 -19.51
CA ARG A 261 -23.57 -4.64 -19.43
C ARG A 261 -23.58 -5.19 -18.01
N THR A 262 -24.67 -5.87 -17.62
CA THR A 262 -24.81 -6.48 -16.29
C THR A 262 -24.69 -7.98 -16.34
N GLY A 263 -25.30 -8.55 -17.37
CA GLY A 263 -25.27 -9.98 -17.63
C GLY A 263 -24.60 -11.03 -16.74
N LYS A 264 -24.38 -12.19 -17.33
CA LYS A 264 -23.79 -13.31 -16.64
C LYS A 264 -22.45 -13.81 -17.18
N SER A 265 -21.48 -12.92 -17.39
CA SER A 265 -20.18 -13.37 -17.92
C SER A 265 -19.05 -13.31 -16.90
N SER A 266 -17.94 -13.98 -17.24
CA SER A 266 -16.76 -14.02 -16.38
C SER A 266 -15.51 -14.24 -17.23
N ILE A 267 -14.41 -14.56 -16.57
CA ILE A 267 -13.15 -14.82 -17.24
C ILE A 267 -12.46 -15.97 -16.49
N MET A 268 -11.67 -16.77 -17.23
CA MET A 268 -10.96 -17.94 -16.69
C MET A 268 -9.55 -18.19 -17.30
N ARG A 269 -8.58 -18.52 -16.44
CA ARG A 269 -7.21 -18.78 -16.89
C ARG A 269 -7.18 -20.25 -17.11
N SER A 270 -7.00 -20.67 -18.35
CA SER A 270 -6.94 -22.10 -18.67
C SER A 270 -6.24 -22.33 -19.95
N ASP A 271 -5.56 -23.46 -20.04
CA ASP A 271 -4.87 -23.74 -21.28
C ASP A 271 -5.64 -24.79 -22.11
N ALA A 272 -6.73 -25.31 -21.56
CA ALA A 272 -7.52 -26.29 -22.28
C ALA A 272 -7.95 -25.68 -23.63
N PRO A 273 -8.02 -26.51 -24.71
CA PRO A 273 -8.43 -26.02 -26.04
C PRO A 273 -9.94 -26.05 -26.23
N ILE A 274 -10.43 -25.07 -26.98
CA ILE A 274 -11.86 -25.03 -27.19
C ILE A 274 -12.22 -26.02 -28.29
N ASP A 275 -13.32 -26.75 -28.12
CA ASP A 275 -13.79 -27.73 -29.10
C ASP A 275 -15.28 -27.59 -29.30
N THR A 276 -15.82 -28.27 -30.31
CA THR A 276 -17.26 -28.19 -30.54
C THR A 276 -18.01 -29.23 -29.70
N CYS A 277 -18.95 -28.73 -28.87
CA CYS A 277 -19.78 -29.57 -28.01
C CYS A 277 -20.61 -28.80 -26.97
N ILE A 278 -21.28 -29.56 -26.11
CA ILE A 278 -22.16 -28.99 -25.09
C ILE A 278 -21.83 -29.54 -23.70
N SER A 279 -21.78 -28.64 -22.73
CA SER A 279 -21.48 -28.96 -21.32
C SER A 279 -21.63 -27.69 -20.54
N GLU A 280 -22.77 -27.58 -19.90
CA GLU A 280 -23.08 -26.42 -19.12
C GLU A 280 -22.01 -26.11 -18.07
N CYS A 281 -21.10 -27.06 -17.84
CA CYS A 281 -20.09 -26.82 -16.83
C CYS A 281 -18.60 -26.77 -17.25
N ILE A 282 -17.98 -25.60 -16.98
CA ILE A 282 -16.60 -25.35 -17.33
C ILE A 282 -15.61 -25.26 -16.18
N THR A 283 -14.55 -26.04 -16.37
CA THR A 283 -13.45 -26.13 -15.44
C THR A 283 -12.20 -25.70 -16.20
N PRO A 284 -11.36 -24.85 -15.57
CA PRO A 284 -10.13 -24.42 -16.25
C PRO A 284 -9.55 -25.72 -16.80
N ASN A 285 -9.82 -26.79 -16.06
CA ASN A 285 -9.34 -28.10 -16.41
C ASN A 285 -9.91 -28.68 -17.67
N GLY A 286 -11.12 -28.34 -18.09
CA GLY A 286 -11.60 -28.93 -19.34
C GLY A 286 -13.05 -28.75 -19.79
N SER A 287 -13.99 -29.13 -18.93
CA SER A 287 -15.44 -29.06 -19.16
C SER A 287 -15.91 -30.34 -18.53
N ILE A 288 -16.97 -30.31 -17.77
CA ILE A 288 -17.38 -31.56 -17.19
C ILE A 288 -18.88 -31.81 -17.16
N PRO A 289 -19.27 -33.08 -16.99
CA PRO A 289 -20.70 -33.37 -16.95
C PRO A 289 -21.36 -33.05 -15.60
N ASN A 290 -22.44 -32.30 -15.69
CA ASN A 290 -23.17 -31.86 -14.51
C ASN A 290 -24.13 -32.85 -13.89
N ASP A 291 -24.13 -34.10 -14.34
CA ASP A 291 -25.07 -35.04 -13.75
C ASP A 291 -24.79 -35.37 -12.25
N LYS A 292 -23.52 -35.58 -11.89
CA LYS A 292 -23.16 -35.90 -10.50
C LYS A 292 -23.55 -34.72 -9.63
N PRO A 293 -23.37 -34.84 -8.31
CA PRO A 293 -23.71 -33.73 -7.42
C PRO A 293 -22.40 -33.11 -6.98
N PHE A 294 -21.30 -33.85 -7.11
CA PHE A 294 -20.00 -33.35 -6.68
C PHE A 294 -18.87 -33.64 -7.69
N GLN A 295 -17.90 -32.76 -7.78
CA GLN A 295 -16.78 -33.01 -8.68
C GLN A 295 -15.55 -32.63 -7.91
N ASN A 296 -14.49 -33.38 -8.16
CA ASN A 296 -13.17 -33.18 -7.53
C ASN A 296 -12.10 -32.75 -8.56
N VAL A 297 -12.59 -32.10 -9.60
CA VAL A 297 -11.76 -31.63 -10.66
C VAL A 297 -11.04 -30.37 -10.32
N ASN A 298 -11.76 -29.27 -10.14
CA ASN A 298 -11.11 -27.99 -9.84
C ASN A 298 -12.03 -27.04 -9.09
N LYS A 299 -11.51 -26.41 -8.05
CA LYS A 299 -12.32 -25.49 -7.24
C LYS A 299 -12.85 -24.32 -8.05
N ILE A 300 -12.33 -24.15 -9.25
CA ILE A 300 -12.81 -23.09 -10.07
C ILE A 300 -13.73 -23.74 -11.04
N THR A 301 -14.96 -23.25 -11.13
CA THR A 301 -15.95 -23.78 -12.06
C THR A 301 -16.75 -22.63 -12.61
N TYR A 302 -17.58 -22.92 -13.59
CA TYR A 302 -18.39 -21.88 -14.19
C TYR A 302 -19.81 -22.41 -14.43
N GLY A 303 -20.80 -21.75 -13.83
CA GLY A 303 -22.18 -22.16 -14.03
C GLY A 303 -22.50 -23.60 -13.69
N ALA A 304 -23.66 -24.09 -14.16
CA ALA A 304 -24.15 -25.48 -13.93
C ALA A 304 -23.02 -26.44 -13.62
N CYS A 305 -22.69 -26.57 -12.34
CA CYS A 305 -21.60 -27.43 -11.95
C CYS A 305 -21.73 -28.14 -10.63
N PRO A 306 -20.97 -29.21 -10.47
CA PRO A 306 -21.00 -29.98 -9.23
C PRO A 306 -20.24 -29.31 -8.11
N LYS A 307 -20.91 -29.00 -7.02
CA LYS A 307 -20.24 -28.37 -5.88
C LYS A 307 -18.95 -29.13 -5.58
N TYR A 308 -17.85 -28.40 -5.48
CA TYR A 308 -16.54 -28.99 -5.24
C TYR A 308 -16.34 -29.63 -3.88
N VAL A 309 -15.71 -30.80 -3.84
CA VAL A 309 -15.47 -31.46 -2.57
C VAL A 309 -14.08 -32.03 -2.51
N LYS A 310 -13.63 -32.31 -1.29
CA LYS A 310 -12.28 -32.81 -1.08
C LYS A 310 -12.05 -34.22 -1.57
N GLN A 311 -13.08 -35.04 -1.40
CA GLN A 311 -13.06 -36.46 -1.74
C GLN A 311 -12.95 -36.78 -3.23
N ASN A 312 -12.18 -37.81 -3.57
CA ASN A 312 -12.02 -38.23 -4.98
C ASN A 312 -12.95 -39.37 -5.41
N THR A 313 -13.91 -39.69 -4.55
CA THR A 313 -14.88 -40.75 -4.83
C THR A 313 -15.83 -41.02 -3.66
N LEU A 314 -17.13 -40.96 -3.96
CA LEU A 314 -18.13 -41.23 -2.95
C LEU A 314 -19.19 -42.11 -3.60
N LYS A 315 -19.08 -43.41 -3.36
CA LYS A 315 -20.01 -44.39 -3.89
C LYS A 315 -21.31 -44.33 -3.09
N LEU A 316 -22.43 -44.45 -3.80
CA LEU A 316 -23.74 -44.46 -3.16
C LEU A 316 -24.54 -45.73 -3.45
N ALA A 317 -25.05 -46.32 -2.37
CA ALA A 317 -25.82 -47.54 -2.44
C ALA A 317 -27.08 -47.38 -3.27
N THR A 318 -27.15 -48.10 -4.39
CA THR A 318 -28.34 -48.09 -5.28
C THR A 318 -29.24 -49.25 -4.87
N GLY A 319 -28.66 -50.26 -4.22
CA GLY A 319 -29.42 -51.42 -3.82
C GLY A 319 -29.25 -51.94 -2.40
N MET A 320 -29.74 -53.16 -2.19
CA MET A 320 -29.72 -53.86 -0.89
C MET A 320 -28.32 -54.37 -0.59
N ARG A 321 -28.13 -54.92 0.61
CA ARG A 321 -26.79 -55.41 0.90
C ARG A 321 -26.40 -56.55 -0.05
N ASN A 322 -25.49 -57.42 0.37
CA ASN A 322 -25.08 -58.56 -0.47
C ASN A 322 -24.22 -59.53 0.29
N VAL A 323 -24.60 -60.80 0.22
CA VAL A 323 -23.90 -61.91 0.87
C VAL A 323 -23.29 -62.80 -0.20
N PRO A 324 -22.03 -63.22 0.01
CA PRO A 324 -21.29 -64.08 -0.91
C PRO A 324 -21.86 -65.48 -1.08
N GLU A 325 -21.72 -66.00 -2.30
CA GLU A 325 -22.19 -67.33 -2.62
C GLU A 325 -21.28 -68.33 -1.92
N LYS A 326 -20.02 -68.40 -2.38
CA LYS A 326 -19.03 -69.34 -1.86
C LYS A 326 -17.55 -68.88 -1.90
N GLN A 327 -16.95 -68.74 -0.72
CA GLN A 327 -15.52 -68.38 -0.55
C GLN A 327 -15.11 -66.90 -0.36
N THR A 328 -16.05 -66.00 -0.06
CA THR A 328 -15.73 -64.56 0.13
C THR A 328 -15.98 -63.98 1.55
N GLY B 1 -28.73 -54.87 8.25
CA GLY B 1 -29.65 -55.65 9.14
C GLY B 1 -29.99 -54.96 10.45
N LEU B 2 -30.74 -53.87 10.34
CA LEU B 2 -31.18 -53.08 11.49
C LEU B 2 -32.51 -53.74 11.85
N PHE B 3 -33.26 -54.04 10.79
CA PHE B 3 -34.54 -54.72 10.93
C PHE B 3 -34.24 -56.18 11.27
N GLY B 4 -32.99 -56.58 11.06
CA GLY B 4 -32.54 -57.94 11.35
C GLY B 4 -32.35 -58.79 10.10
N ALA B 5 -33.48 -59.15 9.53
CA ALA B 5 -33.56 -59.98 8.33
C ALA B 5 -32.27 -60.15 7.59
N ILE B 6 -32.24 -59.63 6.37
CA ILE B 6 -31.06 -59.75 5.53
C ILE B 6 -29.75 -59.77 6.31
N ALA B 7 -28.82 -60.60 5.83
CA ALA B 7 -27.51 -60.76 6.46
C ALA B 7 -27.69 -60.88 7.98
N GLY B 8 -28.92 -61.10 8.40
CA GLY B 8 -29.23 -61.27 9.81
C GLY B 8 -29.54 -62.74 9.97
N PHE B 9 -30.84 -63.10 9.97
CA PHE B 9 -31.20 -64.50 10.12
C PHE B 9 -31.48 -65.26 8.81
N ILE B 10 -31.47 -64.54 7.68
CA ILE B 10 -31.64 -65.16 6.34
C ILE B 10 -30.23 -65.19 5.71
N GLU B 11 -29.25 -65.49 6.58
CA GLU B 11 -27.82 -65.57 6.28
C GLU B 11 -27.35 -66.23 4.98
N ASN B 12 -28.26 -66.53 4.07
CA ASN B 12 -27.85 -67.12 2.80
C ASN B 12 -28.09 -66.14 1.66
N GLY B 13 -27.23 -66.20 0.64
CA GLY B 13 -27.35 -65.33 -0.52
C GLY B 13 -28.00 -65.99 -1.74
N TRP B 14 -29.13 -65.45 -2.16
CA TRP B 14 -29.88 -65.99 -3.30
C TRP B 14 -29.25 -66.10 -4.70
N GLU B 15 -27.96 -66.39 -4.72
CA GLU B 15 -27.15 -66.59 -5.92
C GLU B 15 -27.53 -65.78 -7.18
N GLY B 16 -28.40 -66.34 -8.01
CA GLY B 16 -28.79 -65.69 -9.25
C GLY B 16 -30.27 -65.44 -9.54
N MET B 17 -31.01 -64.97 -8.54
CA MET B 17 -32.43 -64.65 -8.74
C MET B 17 -32.47 -63.40 -9.66
N ILE B 18 -32.54 -63.60 -10.97
CA ILE B 18 -32.52 -62.45 -11.87
C ILE B 18 -33.88 -61.81 -12.24
N ASP B 19 -34.96 -62.59 -12.10
CA ASP B 19 -36.32 -62.13 -12.42
C ASP B 19 -36.88 -61.06 -11.43
N GLY B 20 -35.97 -60.40 -10.70
CA GLY B 20 -36.34 -59.38 -9.72
C GLY B 20 -35.32 -59.16 -8.60
N TRP B 21 -35.83 -58.67 -7.46
CA TRP B 21 -35.03 -58.37 -6.25
C TRP B 21 -35.47 -59.21 -5.07
N TYR B 22 -36.49 -60.04 -5.31
CA TYR B 22 -37.03 -60.90 -4.27
C TYR B 22 -37.76 -62.18 -4.77
N GLY B 23 -38.40 -62.89 -3.83
CA GLY B 23 -39.13 -64.11 -4.15
C GLY B 23 -39.10 -65.23 -3.12
N PHE B 24 -39.62 -66.40 -3.52
CA PHE B 24 -39.62 -67.55 -2.62
C PHE B 24 -38.98 -68.79 -3.28
N ARG B 25 -38.97 -69.90 -2.53
CA ARG B 25 -38.45 -71.20 -2.96
C ARG B 25 -39.39 -72.27 -2.41
N HIS B 26 -40.20 -72.89 -3.29
CA HIS B 26 -41.15 -73.94 -2.90
C HIS B 26 -40.54 -75.35 -3.02
N GLN B 27 -40.78 -76.19 -2.01
CA GLN B 27 -40.25 -77.54 -1.99
C GLN B 27 -41.40 -78.56 -2.04
N ASN B 28 -42.46 -78.20 -2.76
CA ASN B 28 -43.64 -79.07 -2.88
C ASN B 28 -43.28 -80.40 -3.50
N SER B 29 -44.31 -81.18 -3.81
CA SER B 29 -44.17 -82.50 -4.45
C SER B 29 -43.55 -82.41 -5.85
N GLU B 30 -43.83 -81.29 -6.53
CA GLU B 30 -43.35 -81.01 -7.89
C GLU B 30 -41.88 -80.60 -7.94
N GLY B 31 -41.12 -80.94 -6.91
CA GLY B 31 -39.70 -80.60 -6.86
C GLY B 31 -39.44 -79.25 -6.21
N THR B 32 -38.85 -78.33 -6.99
CA THR B 32 -38.48 -76.98 -6.51
C THR B 32 -38.56 -75.84 -7.57
N GLY B 33 -38.20 -74.63 -7.14
CA GLY B 33 -38.19 -73.45 -7.99
C GLY B 33 -38.22 -72.12 -7.22
N GLN B 34 -37.24 -71.25 -7.45
CA GLN B 34 -37.20 -69.96 -6.75
C GLN B 34 -37.98 -68.92 -7.54
N ALA B 35 -39.17 -68.58 -7.02
CA ALA B 35 -40.07 -67.62 -7.64
C ALA B 35 -39.77 -66.15 -7.33
N ALA B 36 -39.99 -65.29 -8.32
CA ALA B 36 -39.74 -63.85 -8.21
C ALA B 36 -40.97 -63.00 -7.76
N ASP B 37 -40.70 -61.97 -6.91
CA ASP B 37 -41.73 -61.07 -6.32
C ASP B 37 -41.92 -59.69 -7.02
N LEU B 38 -42.77 -58.84 -6.43
CA LEU B 38 -43.05 -57.52 -7.01
C LEU B 38 -43.22 -56.39 -5.98
N LYS B 39 -44.41 -56.33 -5.35
CA LYS B 39 -44.75 -55.28 -4.36
C LYS B 39 -43.68 -55.06 -3.24
N SER B 40 -42.57 -55.79 -3.33
CA SER B 40 -41.47 -55.66 -2.38
C SER B 40 -40.23 -55.29 -3.18
N THR B 41 -40.05 -55.96 -4.32
CA THR B 41 -38.93 -55.71 -5.21
C THR B 41 -39.11 -54.36 -5.86
N GLN B 42 -40.29 -54.09 -6.40
CA GLN B 42 -40.52 -52.79 -6.99
C GLN B 42 -40.56 -51.81 -5.81
N ALA B 43 -41.12 -52.28 -4.69
CA ALA B 43 -41.27 -51.49 -3.45
C ALA B 43 -40.00 -50.82 -2.94
N ALA B 44 -38.99 -51.63 -2.66
CA ALA B 44 -37.73 -51.09 -2.19
C ALA B 44 -37.14 -50.19 -3.30
N ILE B 45 -36.77 -50.80 -4.44
CA ILE B 45 -36.22 -50.10 -5.62
C ILE B 45 -37.04 -48.86 -6.02
N ASP B 46 -38.28 -48.81 -5.54
CA ASP B 46 -39.15 -47.69 -5.79
C ASP B 46 -38.50 -46.56 -5.02
N GLN B 47 -38.24 -46.84 -3.75
CA GLN B 47 -37.66 -45.87 -2.84
C GLN B 47 -36.20 -45.46 -3.11
N ILE B 48 -35.35 -46.45 -3.35
CA ILE B 48 -33.94 -46.20 -3.63
C ILE B 48 -33.85 -45.21 -4.78
N ASN B 49 -34.60 -45.47 -5.85
CA ASN B 49 -34.60 -44.54 -6.98
C ASN B 49 -35.30 -43.22 -6.61
N GLY B 50 -35.83 -43.15 -5.40
CA GLY B 50 -36.49 -41.94 -4.91
C GLY B 50 -35.53 -41.05 -4.14
N LYS B 51 -34.84 -41.61 -3.15
CA LYS B 51 -33.88 -40.82 -2.38
C LYS B 51 -32.80 -40.38 -3.35
N LEU B 52 -32.50 -41.25 -4.32
CA LEU B 52 -31.47 -40.93 -5.31
C LEU B 52 -31.81 -39.75 -6.21
N ASN B 53 -32.93 -39.81 -6.92
CA ASN B 53 -33.32 -38.70 -7.80
C ASN B 53 -33.08 -37.42 -7.03
N ARG B 54 -33.36 -37.47 -5.72
CA ARG B 54 -33.15 -36.34 -4.82
C ARG B 54 -31.70 -35.94 -4.95
N VAL B 55 -30.81 -36.87 -4.59
CA VAL B 55 -29.38 -36.61 -4.69
C VAL B 55 -28.99 -36.18 -6.06
N ILE B 56 -28.72 -37.16 -6.90
CA ILE B 56 -28.30 -36.96 -8.29
C ILE B 56 -29.03 -35.84 -9.05
N GLU B 57 -28.44 -35.41 -10.17
CA GLU B 57 -28.95 -34.36 -11.07
C GLU B 57 -29.87 -33.28 -10.52
N LYS B 58 -29.27 -32.24 -9.93
CA LYS B 58 -30.07 -31.14 -9.40
C LYS B 58 -29.40 -29.75 -9.43
N THR B 59 -29.57 -29.00 -8.34
CA THR B 59 -29.07 -27.63 -8.20
C THR B 59 -27.65 -27.17 -8.59
N ASN B 60 -27.44 -25.87 -8.31
CA ASN B 60 -26.20 -25.11 -8.48
C ASN B 60 -25.65 -24.69 -9.83
N GLU B 61 -25.82 -23.39 -10.10
CA GLU B 61 -25.31 -22.74 -11.31
C GLU B 61 -24.86 -21.37 -10.87
N LYS B 62 -23.54 -21.17 -10.82
CA LYS B 62 -22.91 -19.93 -10.37
C LYS B 62 -21.98 -19.38 -11.46
N PHE B 63 -22.10 -18.09 -11.78
CA PHE B 63 -21.23 -17.56 -12.81
C PHE B 63 -19.99 -16.81 -12.37
N HIS B 64 -20.05 -15.49 -12.25
CA HIS B 64 -18.81 -14.84 -11.86
C HIS B 64 -18.56 -14.93 -10.36
N GLN B 65 -17.39 -15.42 -9.99
CA GLN B 65 -17.02 -15.55 -8.58
C GLN B 65 -15.68 -14.89 -8.24
N ILE B 66 -15.10 -15.32 -7.12
CA ILE B 66 -13.81 -14.82 -6.63
C ILE B 66 -12.73 -15.68 -7.28
N GLU B 67 -11.51 -15.16 -7.35
CA GLU B 67 -10.42 -15.90 -7.96
C GLU B 67 -9.92 -16.91 -6.90
N LYS B 68 -9.16 -17.92 -7.28
CA LYS B 68 -8.79 -18.82 -6.22
C LYS B 68 -7.39 -19.31 -6.32
N GLU B 69 -6.72 -18.96 -7.40
CA GLU B 69 -5.31 -19.35 -7.52
C GLU B 69 -4.56 -18.03 -7.61
N PHE B 70 -3.35 -17.94 -7.07
CA PHE B 70 -2.70 -16.65 -7.13
C PHE B 70 -1.21 -16.59 -7.54
N SER B 71 -0.94 -15.67 -8.45
CA SER B 71 0.37 -15.44 -9.06
C SER B 71 1.48 -14.67 -8.31
N GLU B 72 1.13 -13.82 -7.33
CA GLU B 72 2.12 -13.08 -6.52
C GLU B 72 1.59 -12.91 -5.12
N VAL B 73 2.50 -12.74 -4.17
CA VAL B 73 2.19 -12.62 -2.73
C VAL B 73 1.44 -11.37 -2.30
N GLU B 74 0.13 -11.43 -2.06
CA GLU B 74 -0.51 -10.16 -1.74
C GLU B 74 -0.74 -9.89 -0.26
N GLY B 75 -1.04 -10.90 0.54
CA GLY B 75 -1.28 -10.62 1.95
C GLY B 75 -2.66 -10.04 2.28
N ARG B 76 -3.18 -10.37 3.44
CA ARG B 76 -4.48 -9.93 3.88
C ARG B 76 -5.63 -10.27 2.93
N ILE B 77 -6.02 -9.39 2.02
CA ILE B 77 -7.09 -9.81 1.14
C ILE B 77 -6.82 -11.18 0.65
N GLN B 78 -5.63 -11.38 0.11
CA GLN B 78 -5.20 -12.71 -0.38
C GLN B 78 -5.61 -13.75 0.68
N ASP B 79 -4.82 -13.79 1.76
CA ASP B 79 -5.08 -14.73 2.82
C ASP B 79 -6.59 -14.98 2.79
N LEU B 80 -7.38 -13.97 3.11
CA LEU B 80 -8.86 -14.07 3.14
C LEU B 80 -9.55 -14.76 1.94
N GLU B 81 -9.35 -14.24 0.73
CA GLU B 81 -9.95 -14.85 -0.47
C GLU B 81 -9.74 -16.36 -0.43
N LYS B 82 -8.65 -16.79 0.21
CA LYS B 82 -8.33 -18.22 0.35
C LYS B 82 -9.26 -18.74 1.42
N TYR B 83 -8.87 -18.44 2.65
CA TYR B 83 -9.61 -18.87 3.79
C TYR B 83 -11.14 -18.90 3.56
N VAL B 84 -11.65 -18.03 2.71
CA VAL B 84 -13.11 -18.06 2.50
C VAL B 84 -13.40 -19.28 1.66
N GLU B 85 -12.78 -19.34 0.49
CA GLU B 85 -12.99 -20.47 -0.40
C GLU B 85 -12.58 -21.74 0.27
N ASP B 86 -11.50 -21.71 1.04
CA ASP B 86 -11.10 -22.94 1.71
C ASP B 86 -12.23 -23.39 2.62
N THR B 87 -12.66 -22.50 3.52
CA THR B 87 -13.75 -22.86 4.42
C THR B 87 -14.91 -23.49 3.68
N LYS B 88 -15.27 -22.97 2.51
CA LYS B 88 -16.39 -23.52 1.69
C LYS B 88 -16.15 -24.98 1.35
N ILE B 89 -15.18 -25.22 0.48
CA ILE B 89 -14.85 -26.58 0.15
C ILE B 89 -14.97 -27.41 1.43
N ASP B 90 -14.13 -27.08 2.42
CA ASP B 90 -14.13 -27.81 3.68
C ASP B 90 -15.51 -28.17 4.15
N LEU B 91 -16.41 -27.19 4.33
CA LEU B 91 -17.80 -27.48 4.76
C LEU B 91 -18.48 -28.38 3.77
N TRP B 92 -18.73 -27.85 2.58
CA TRP B 92 -19.35 -28.65 1.56
C TRP B 92 -18.84 -30.09 1.57
N SER B 93 -17.59 -30.31 1.91
CA SER B 93 -17.15 -31.68 1.91
C SER B 93 -17.86 -32.47 3.00
N TYR B 94 -17.72 -32.03 4.24
CA TYR B 94 -18.36 -32.73 5.35
C TYR B 94 -19.84 -32.94 5.13
N ASN B 95 -20.49 -32.05 4.39
CA ASN B 95 -21.91 -32.24 4.14
C ASN B 95 -22.00 -33.41 3.24
N ALA B 96 -21.12 -33.46 2.27
CA ALA B 96 -21.15 -34.56 1.33
C ALA B 96 -20.82 -35.89 2.03
N GLU B 97 -19.65 -35.95 2.68
CA GLU B 97 -19.17 -37.17 3.37
C GLU B 97 -20.08 -37.67 4.50
N LEU B 98 -21.34 -37.31 4.41
CA LEU B 98 -22.27 -37.67 5.45
C LEU B 98 -23.59 -37.85 4.80
N LEU B 99 -23.86 -37.03 3.78
CA LEU B 99 -25.08 -37.20 3.05
C LEU B 99 -24.93 -38.68 2.74
N VAL B 100 -23.75 -39.10 2.31
CA VAL B 100 -23.53 -40.52 2.05
C VAL B 100 -23.71 -41.39 3.32
N ALA B 101 -22.83 -41.23 4.30
CA ALA B 101 -22.95 -41.98 5.55
C ALA B 101 -24.41 -42.30 5.84
N LEU B 102 -25.24 -41.25 5.97
CA LEU B 102 -26.67 -41.38 6.25
C LEU B 102 -27.43 -42.08 5.16
N GLU B 103 -27.86 -41.34 4.13
CA GLU B 103 -28.58 -41.96 3.02
C GLU B 103 -28.10 -43.40 2.82
N ASN B 104 -26.79 -43.64 2.92
CA ASN B 104 -26.22 -44.98 2.75
C ASN B 104 -26.61 -46.03 3.79
N GLN B 105 -26.40 -45.74 5.07
CA GLN B 105 -26.79 -46.69 6.13
C GLN B 105 -28.30 -46.97 6.10
N HIS B 106 -29.11 -45.91 5.94
CA HIS B 106 -30.56 -46.04 5.86
C HIS B 106 -30.94 -46.63 4.50
N THR B 107 -30.07 -46.57 3.50
CA THR B 107 -30.47 -47.22 2.26
C THR B 107 -30.68 -48.67 2.67
N ILE B 108 -29.80 -49.15 3.57
CA ILE B 108 -29.79 -50.52 4.10
C ILE B 108 -31.01 -50.94 4.93
N ASP B 109 -31.19 -50.32 6.08
CA ASP B 109 -32.35 -50.68 6.88
C ASP B 109 -33.64 -50.42 6.07
N LEU B 110 -33.51 -50.25 4.76
CA LEU B 110 -34.68 -50.05 3.95
C LEU B 110 -34.85 -51.27 3.12
N THR B 111 -33.78 -51.99 2.87
CA THR B 111 -33.94 -53.21 2.08
C THR B 111 -34.29 -54.35 3.07
N ASP B 112 -33.56 -54.31 4.20
CA ASP B 112 -33.68 -55.24 5.31
C ASP B 112 -34.98 -54.92 6.01
N SER B 113 -35.90 -54.36 5.24
CA SER B 113 -37.20 -54.00 5.74
C SER B 113 -38.22 -54.81 4.98
N GLU B 114 -38.17 -54.67 3.65
CA GLU B 114 -39.07 -55.37 2.76
C GLU B 114 -39.05 -56.87 3.02
N MET B 115 -37.91 -57.34 3.51
CA MET B 115 -37.73 -58.74 3.87
C MET B 115 -38.59 -58.97 5.07
N ASN B 116 -38.07 -58.52 6.20
CA ASN B 116 -38.72 -58.61 7.49
C ASN B 116 -40.12 -57.96 7.52
N LYS B 117 -40.80 -57.98 6.37
CA LYS B 117 -42.14 -57.44 6.25
C LYS B 117 -42.92 -58.22 5.18
N LEU B 118 -42.36 -59.37 4.79
CA LEU B 118 -42.97 -60.29 3.81
C LEU B 118 -43.11 -61.64 4.50
N PHE B 119 -42.02 -62.10 5.10
CA PHE B 119 -42.06 -63.34 5.84
C PHE B 119 -43.07 -62.97 6.92
N GLU B 120 -43.00 -61.74 7.39
CA GLU B 120 -43.91 -61.24 8.43
C GLU B 120 -45.35 -61.04 7.93
N LYS B 121 -45.57 -61.35 6.65
CA LYS B 121 -46.89 -61.21 6.02
C LYS B 121 -47.44 -62.60 5.74
N THR B 122 -46.60 -63.45 5.20
CA THR B 122 -47.01 -64.82 4.94
C THR B 122 -47.49 -65.32 6.32
N ARG B 123 -46.64 -65.09 7.32
CA ARG B 123 -46.84 -65.46 8.72
C ARG B 123 -47.93 -64.55 9.27
N ARG B 124 -49.05 -64.58 8.58
CA ARG B 124 -50.19 -63.75 8.94
C ARG B 124 -51.41 -64.31 8.20
N GLN B 125 -51.31 -64.39 6.86
CA GLN B 125 -52.39 -64.89 5.99
C GLN B 125 -52.64 -66.40 6.14
N LEU B 126 -51.79 -67.06 6.92
CA LEU B 126 -51.92 -68.49 7.19
C LEU B 126 -51.62 -68.73 8.68
N ARG B 127 -52.59 -69.31 9.37
CA ARG B 127 -52.49 -69.61 10.82
C ARG B 127 -51.57 -70.77 11.16
N GLU B 128 -52.13 -71.81 11.77
CA GLU B 128 -51.31 -72.95 12.12
C GLU B 128 -50.96 -73.78 10.87
N ASN B 129 -51.39 -73.29 9.70
CA ASN B 129 -51.18 -73.93 8.40
C ASN B 129 -49.72 -74.27 8.05
N ALA B 130 -48.77 -73.72 8.82
CA ALA B 130 -47.32 -73.95 8.59
C ALA B 130 -46.45 -72.96 9.44
N GLU B 131 -45.14 -73.23 9.55
CA GLU B 131 -44.22 -72.33 10.27
C GLU B 131 -42.84 -72.35 9.61
N GLU B 132 -42.16 -71.20 9.60
CA GLU B 132 -40.81 -71.06 9.01
C GLU B 132 -39.89 -72.09 9.65
N MET B 133 -39.71 -73.22 8.97
CA MET B 133 -38.88 -74.33 9.43
C MET B 133 -37.66 -73.77 10.14
N GLY B 134 -37.68 -73.84 11.48
CA GLY B 134 -36.61 -73.28 12.28
C GLY B 134 -36.62 -71.80 11.93
N ASN B 135 -35.72 -71.39 11.03
CA ASN B 135 -35.60 -70.01 10.54
C ASN B 135 -35.31 -70.04 9.01
N GLY B 136 -35.26 -68.86 8.39
CA GLY B 136 -34.99 -68.77 6.96
C GLY B 136 -36.13 -69.28 6.10
N CYS B 137 -36.24 -70.62 5.99
CA CYS B 137 -37.28 -71.32 5.20
C CYS B 137 -38.50 -71.70 6.03
N PHE B 138 -39.58 -72.03 5.32
CA PHE B 138 -40.83 -72.42 5.95
C PHE B 138 -41.06 -73.93 6.04
N LYS B 139 -42.18 -74.28 6.67
CA LYS B 139 -42.60 -75.68 6.90
C LYS B 139 -44.09 -75.73 6.63
N ILE B 140 -44.51 -76.64 5.75
CA ILE B 140 -45.92 -76.81 5.39
C ILE B 140 -46.48 -78.20 5.78
N TYR B 141 -47.80 -78.26 6.00
CA TYR B 141 -48.50 -79.50 6.38
C TYR B 141 -49.40 -79.99 5.25
N HIS B 142 -49.72 -79.11 4.32
CA HIS B 142 -50.56 -79.47 3.19
C HIS B 142 -49.65 -79.87 2.04
N LYS B 143 -50.20 -80.61 1.08
CA LYS B 143 -49.44 -81.05 -0.10
C LYS B 143 -49.63 -79.98 -1.19
N CYS B 144 -49.01 -78.82 -0.94
CA CYS B 144 -49.09 -77.67 -1.83
C CYS B 144 -48.19 -77.93 -3.03
N ASP B 145 -48.63 -77.48 -4.20
CA ASP B 145 -47.85 -77.69 -5.40
C ASP B 145 -47.77 -76.41 -6.22
N ASN B 146 -47.22 -76.54 -7.43
CA ASN B 146 -47.06 -75.41 -8.36
C ASN B 146 -48.37 -74.61 -8.47
N ALA B 147 -49.49 -75.30 -8.60
CA ALA B 147 -50.77 -74.61 -8.70
C ALA B 147 -51.09 -74.04 -7.33
N CYS B 148 -51.09 -74.90 -6.32
CA CYS B 148 -51.37 -74.52 -4.94
C CYS B 148 -50.50 -73.34 -4.46
N ILE B 149 -49.30 -73.22 -5.06
CA ILE B 149 -48.34 -72.16 -4.71
C ILE B 149 -48.89 -70.73 -4.94
N GLU B 150 -49.57 -70.53 -6.06
CA GLU B 150 -50.14 -69.24 -6.38
C GLU B 150 -51.17 -68.87 -5.29
N SER B 151 -50.89 -69.25 -4.05
CA SER B 151 -51.76 -68.94 -2.93
C SER B 151 -51.11 -67.75 -2.26
N ILE B 152 -50.10 -68.03 -1.44
CA ILE B 152 -49.32 -67.02 -0.75
C ILE B 152 -48.66 -66.16 -1.81
N ARG B 153 -48.17 -66.81 -2.88
CA ARG B 153 -47.49 -66.15 -4.00
C ARG B 153 -48.50 -65.40 -4.84
N ASN B 154 -49.50 -64.87 -4.15
CA ASN B 154 -50.58 -64.12 -4.75
C ASN B 154 -51.53 -63.68 -3.64
N GLY B 155 -51.16 -63.99 -2.39
CA GLY B 155 -51.98 -63.63 -1.24
C GLY B 155 -53.36 -64.26 -1.28
N THR B 156 -53.50 -65.25 -2.16
CA THR B 156 -54.75 -66.00 -2.38
C THR B 156 -54.67 -67.29 -1.59
N TYR B 157 -54.69 -67.17 -0.27
CA TYR B 157 -54.60 -68.33 0.59
C TYR B 157 -55.58 -68.28 1.79
N ASP B 158 -56.32 -69.37 1.95
CA ASP B 158 -57.33 -69.54 3.01
C ASP B 158 -56.78 -70.41 4.13
N HIS B 159 -56.48 -69.80 5.27
CA HIS B 159 -55.97 -70.56 6.41
C HIS B 159 -57.20 -71.13 7.13
N ASP B 160 -58.35 -70.82 6.54
CA ASP B 160 -59.65 -71.26 7.04
C ASP B 160 -60.08 -72.51 6.24
N VAL B 161 -60.36 -72.30 4.95
CA VAL B 161 -60.77 -73.35 4.04
C VAL B 161 -59.66 -74.40 3.96
N TYR B 162 -58.55 -74.03 3.33
CA TYR B 162 -57.40 -74.90 3.18
C TYR B 162 -56.69 -74.98 4.55
N ARG B 163 -57.33 -75.63 5.51
CA ARG B 163 -56.79 -75.76 6.86
C ARG B 163 -56.57 -77.20 7.32
N ASP B 164 -57.35 -78.15 6.77
CA ASP B 164 -57.30 -79.58 7.14
C ASP B 164 -56.09 -80.00 8.00
N GLU B 165 -54.89 -79.98 7.41
CA GLU B 165 -53.68 -80.35 8.13
C GLU B 165 -53.30 -79.23 9.12
N ALA B 166 -53.90 -79.28 10.32
CA ALA B 166 -53.64 -78.32 11.39
C ALA B 166 -52.85 -78.99 12.55
N LEU B 167 -53.50 -79.14 13.70
CA LEU B 167 -52.89 -79.76 14.89
C LEU B 167 -51.93 -80.90 14.53
N ASN B 168 -52.43 -81.79 13.69
CA ASN B 168 -51.75 -83.00 13.22
C ASN B 168 -50.25 -83.12 13.37
N ASN B 169 -49.55 -83.31 12.24
CA ASN B 169 -48.10 -83.48 12.18
C ASN B 169 -47.37 -82.56 13.15
N ARG B 170 -48.13 -81.62 13.70
CA ARG B 170 -47.61 -80.66 14.67
C ARG B 170 -47.23 -81.32 16.02
N PHE B 171 -48.02 -80.98 17.04
CA PHE B 171 -47.86 -81.48 18.41
C PHE B 171 -48.82 -82.68 18.61
N GLN B 172 -49.56 -83.03 17.57
CA GLN B 172 -50.50 -84.16 17.63
C GLN B 172 -49.81 -85.55 17.52
N ILE B 173 -48.95 -85.74 16.52
CA ILE B 173 -48.25 -87.03 16.35
C ILE B 173 -47.44 -87.44 17.58
N LYS B 174 -47.42 -88.75 17.82
CA LYS B 174 -46.73 -89.39 18.97
C LYS B 174 -45.54 -88.67 19.62
N GLY B 175 -45.50 -88.74 20.95
CA GLY B 175 -44.45 -88.09 21.73
C GLY B 175 -44.71 -88.00 23.23
N SER C 9 -42.11 -76.70 39.34
CA SER C 9 -42.51 -77.60 38.20
C SER C 9 -41.42 -77.65 37.11
N THR C 10 -41.46 -76.66 36.24
CA THR C 10 -40.54 -76.52 35.13
C THR C 10 -39.53 -75.36 35.29
N ALA C 11 -39.30 -74.61 34.20
CA ALA C 11 -38.39 -73.46 34.19
C ALA C 11 -39.05 -72.20 33.57
N THR C 12 -38.53 -71.02 33.92
CA THR C 12 -39.00 -69.71 33.42
C THR C 12 -37.78 -68.92 32.90
N LEU C 13 -37.90 -68.29 31.72
CA LEU C 13 -36.74 -67.56 31.21
C LEU C 13 -36.91 -66.06 30.91
N CYS C 14 -36.16 -65.27 31.66
CA CYS C 14 -36.13 -63.81 31.56
C CYS C 14 -34.93 -63.40 30.74
N LEU C 15 -35.07 -62.33 29.97
CA LEU C 15 -33.97 -61.87 29.13
C LEU C 15 -33.94 -60.34 29.06
N GLY C 16 -32.79 -59.79 28.68
CA GLY C 16 -32.69 -58.34 28.59
C GLY C 16 -31.35 -57.67 28.31
N HIS C 17 -31.23 -56.44 28.81
CA HIS C 17 -30.04 -55.61 28.66
C HIS C 17 -29.17 -55.74 29.91
N HIS C 18 -29.04 -54.60 30.60
CA HIS C 18 -28.31 -54.47 31.86
C HIS C 18 -28.45 -52.99 32.25
N ALA C 19 -27.47 -52.42 32.92
CA ALA C 19 -27.65 -51.04 33.32
C ALA C 19 -26.55 -50.44 34.20
N VAL C 20 -26.94 -49.45 35.01
CA VAL C 20 -26.07 -48.76 35.94
C VAL C 20 -26.86 -47.66 36.65
N PRO C 21 -26.31 -47.12 37.77
CA PRO C 21 -26.99 -46.07 38.53
C PRO C 21 -26.47 -44.65 38.29
N ASN C 22 -25.18 -44.56 37.97
CA ASN C 22 -24.53 -43.28 37.72
C ASN C 22 -24.64 -42.83 36.23
N GLY C 23 -25.82 -43.03 35.66
CA GLY C 23 -26.06 -42.67 34.27
C GLY C 23 -25.98 -41.18 33.98
N THR C 24 -25.61 -40.88 32.74
CA THR C 24 -25.46 -39.52 32.23
C THR C 24 -26.55 -39.10 31.24
N LEU C 25 -26.97 -37.83 31.33
CA LEU C 25 -27.99 -37.28 30.45
C LEU C 25 -27.46 -36.83 29.07
N VAL C 26 -28.29 -36.95 28.03
CA VAL C 26 -27.91 -36.54 26.68
C VAL C 26 -29.10 -35.94 25.89
N LYS C 27 -28.84 -35.53 24.65
CA LYS C 27 -29.88 -34.97 23.80
C LYS C 27 -29.96 -35.68 22.44
N THR C 28 -31.18 -35.96 21.95
CA THR C 28 -31.32 -36.60 20.62
C THR C 28 -32.44 -35.94 19.88
N ILE C 29 -32.58 -36.30 18.61
CA ILE C 29 -33.61 -35.78 17.71
C ILE C 29 -34.98 -35.45 18.34
N THR C 30 -35.38 -36.21 19.40
CA THR C 30 -36.68 -36.07 20.13
C THR C 30 -36.58 -35.63 21.57
N ASP C 31 -35.67 -36.24 22.30
CA ASP C 31 -35.48 -35.90 23.70
C ASP C 31 -34.24 -35.04 23.87
N ASP C 32 -34.36 -33.98 24.66
CA ASP C 32 -33.21 -33.12 24.92
C ASP C 32 -32.61 -33.63 26.24
N GLN C 33 -33.30 -34.60 26.86
CA GLN C 33 -32.88 -35.20 28.14
C GLN C 33 -33.15 -36.71 28.26
N ILE C 34 -32.07 -37.47 28.38
CA ILE C 34 -32.15 -38.93 28.53
C ILE C 34 -30.89 -39.53 29.22
N GLU C 35 -31.10 -40.58 30.00
CA GLU C 35 -30.02 -41.21 30.76
C GLU C 35 -29.43 -42.51 30.21
N VAL C 36 -28.53 -42.40 29.24
CA VAL C 36 -27.90 -43.58 28.64
C VAL C 36 -26.86 -44.21 29.57
N THR C 37 -26.39 -45.41 29.19
CA THR C 37 -25.37 -46.15 29.95
C THR C 37 -24.05 -45.34 29.99
N ASN C 38 -23.45 -45.17 28.81
CA ASN C 38 -22.19 -44.45 28.74
C ASN C 38 -22.12 -43.53 27.57
N ALA C 39 -21.64 -42.32 27.86
CA ALA C 39 -21.48 -41.26 26.88
C ALA C 39 -20.10 -40.63 27.02
N THR C 40 -19.50 -40.27 25.88
CA THR C 40 -18.19 -39.64 25.89
C THR C 40 -18.29 -38.20 25.33
N GLU C 41 -17.30 -37.36 25.66
CA GLU C 41 -17.27 -35.95 25.20
C GLU C 41 -16.68 -35.80 23.81
N LEU C 42 -17.11 -34.77 23.10
CA LEU C 42 -16.66 -34.54 21.73
C LEU C 42 -16.31 -33.10 21.56
N VAL C 43 -16.32 -32.36 22.68
CA VAL C 43 -16.04 -30.92 22.72
C VAL C 43 -14.97 -30.53 23.73
N GLN C 44 -13.72 -30.45 23.25
CA GLN C 44 -12.56 -30.08 24.10
C GLN C 44 -12.75 -28.94 25.13
N SER C 45 -13.49 -29.23 26.19
CA SER C 45 -13.77 -28.25 27.23
C SER C 45 -12.72 -27.16 27.54
N SER C 46 -11.53 -27.56 27.99
CA SER C 46 -10.48 -26.61 28.37
C SER C 46 -9.04 -27.14 28.19
N SER C 47 -8.07 -26.28 28.48
CA SER C 47 -6.64 -26.59 28.34
C SER C 47 -5.84 -26.23 29.57
N THR C 48 -4.60 -26.69 29.53
CA THR C 48 -3.60 -26.51 30.57
C THR C 48 -3.08 -25.07 30.70
N GLY C 49 -2.65 -24.51 29.55
CA GLY C 49 -2.16 -23.13 29.51
C GLY C 49 -0.69 -22.87 29.19
N LYS C 50 -0.07 -23.78 28.46
CA LYS C 50 1.33 -23.64 28.12
C LYS C 50 1.47 -24.21 26.74
N ILE C 51 2.30 -23.59 25.92
CA ILE C 51 2.50 -24.03 24.54
C ILE C 51 3.61 -25.08 24.41
N CYS C 52 3.30 -26.23 23.79
CA CYS C 52 4.31 -27.30 23.67
C CYS C 52 5.34 -26.97 22.64
N ASN C 53 6.60 -26.95 23.07
CA ASN C 53 7.73 -26.62 22.21
C ASN C 53 7.89 -27.59 21.03
N ASN C 54 7.07 -28.63 21.02
CA ASN C 54 7.07 -29.60 19.95
C ASN C 54 5.61 -29.92 19.67
N PRO C 55 5.32 -30.54 18.51
CA PRO C 55 6.27 -30.93 17.46
C PRO C 55 6.50 -29.81 16.43
N HIS C 56 6.22 -28.57 16.82
CA HIS C 56 6.35 -27.39 15.96
C HIS C 56 7.56 -26.57 16.28
N ARG C 57 7.91 -25.67 15.37
CA ARG C 57 9.07 -24.83 15.62
C ARG C 57 8.57 -23.56 16.30
N ILE C 58 8.64 -23.48 17.63
CA ILE C 58 8.18 -22.27 18.31
C ILE C 58 9.28 -21.25 18.56
N LEU C 59 8.97 -19.98 18.39
CA LEU C 59 9.96 -18.91 18.56
C LEU C 59 9.38 -17.77 19.34
N ASP C 60 9.84 -17.62 20.58
CA ASP C 60 9.32 -16.57 21.42
C ASP C 60 9.76 -15.24 20.80
N GLY C 61 8.86 -14.27 20.71
CA GLY C 61 9.26 -13.00 20.16
C GLY C 61 9.86 -12.22 21.30
N ILE C 62 9.37 -12.57 22.47
CA ILE C 62 9.84 -11.90 23.65
C ILE C 62 9.34 -10.47 23.44
N ASP C 63 10.17 -9.49 23.74
CA ASP C 63 9.77 -8.10 23.56
C ASP C 63 9.56 -7.71 22.09
N CYS C 64 10.32 -8.40 21.23
CA CYS C 64 10.29 -8.11 19.81
C CYS C 64 9.04 -8.58 19.07
N THR C 65 8.50 -7.72 18.23
CA THR C 65 7.31 -8.02 17.44
C THR C 65 7.86 -8.40 16.07
N LEU C 66 7.32 -9.42 15.41
CA LEU C 66 7.90 -9.82 14.13
C LEU C 66 8.32 -8.68 13.22
N ILE C 67 7.49 -7.65 13.06
CA ILE C 67 7.90 -6.58 12.17
C ILE C 67 9.18 -5.97 12.70
N ASP C 68 9.25 -5.77 14.01
CA ASP C 68 10.44 -5.15 14.58
C ASP C 68 11.66 -6.06 14.32
N ALA C 69 11.45 -7.35 14.54
CA ALA C 69 12.52 -8.32 14.34
C ALA C 69 12.95 -8.10 12.91
N LEU C 70 11.97 -8.00 12.03
CA LEU C 70 12.26 -7.80 10.64
C LEU C 70 13.20 -6.64 10.48
N LEU C 71 12.61 -5.43 10.38
CA LEU C 71 13.36 -4.18 10.18
C LEU C 71 14.65 -4.26 10.94
N GLY C 72 14.56 -4.67 12.20
CA GLY C 72 15.75 -4.78 13.00
C GLY C 72 15.93 -3.73 14.06
N ASP C 73 14.90 -3.58 14.88
CA ASP C 73 14.93 -2.64 15.97
C ASP C 73 16.31 -2.80 16.66
N PRO C 74 16.81 -1.76 17.34
CA PRO C 74 18.11 -1.84 18.00
C PRO C 74 18.21 -3.09 18.83
N HIS C 75 17.13 -3.34 19.55
CA HIS C 75 17.14 -4.46 20.46
C HIS C 75 16.64 -5.77 19.93
N CYS C 76 16.43 -5.92 18.64
CA CYS C 76 15.95 -7.23 18.17
C CYS C 76 17.06 -7.98 17.48
N ASP C 77 18.23 -7.38 17.45
CA ASP C 77 19.37 -8.04 16.83
C ASP C 77 19.33 -9.54 17.20
N VAL C 78 19.01 -9.83 18.46
CA VAL C 78 18.94 -11.21 18.92
C VAL C 78 18.18 -12.08 17.90
N PHE C 79 17.07 -11.60 17.39
CA PHE C 79 16.36 -12.44 16.44
C PHE C 79 16.93 -12.42 15.04
N GLN C 80 18.21 -12.15 14.89
CA GLN C 80 18.74 -12.09 13.54
C GLN C 80 18.53 -13.37 12.72
N ASN C 81 18.60 -13.24 11.42
CA ASN C 81 18.48 -14.41 10.58
C ASN C 81 17.60 -15.56 11.11
N GLU C 82 16.68 -15.29 12.02
CA GLU C 82 15.81 -16.33 12.57
C GLU C 82 14.89 -17.11 11.61
N THR C 83 14.32 -18.21 12.09
CA THR C 83 13.35 -19.04 11.33
C THR C 83 12.21 -19.48 12.25
N TRP C 84 11.28 -20.30 11.74
CA TRP C 84 10.15 -20.79 12.54
C TRP C 84 9.03 -21.52 11.77
N ASP C 85 8.02 -21.88 12.56
CA ASP C 85 6.84 -22.59 12.11
C ASP C 85 5.77 -21.75 12.74
N LEU C 86 5.99 -21.34 13.98
CA LEU C 86 5.03 -20.49 14.58
C LEU C 86 5.61 -19.30 15.35
N PHE C 87 5.55 -18.10 14.76
CA PHE C 87 6.05 -16.92 15.47
C PHE C 87 4.95 -16.48 16.43
N VAL C 88 5.37 -16.23 17.66
CA VAL C 88 4.51 -15.81 18.74
C VAL C 88 4.81 -14.37 19.15
N GLU C 89 3.81 -13.49 19.05
CA GLU C 89 4.03 -12.08 19.45
C GLU C 89 3.51 -11.88 20.86
N ARG C 90 4.33 -11.25 21.69
CA ARG C 90 3.94 -11.06 23.08
C ARG C 90 3.27 -9.76 23.41
N SER C 91 2.61 -9.72 24.55
CA SER C 91 1.91 -8.52 24.93
C SER C 91 2.85 -7.42 25.37
N LYS C 92 3.72 -7.79 26.31
CA LYS C 92 4.72 -6.92 26.93
C LYS C 92 5.64 -6.37 25.89
N ALA C 93 5.51 -6.87 24.67
CA ALA C 93 6.38 -6.45 23.58
C ALA C 93 6.40 -4.95 23.31
N PHE C 94 7.46 -4.51 22.64
CA PHE C 94 7.57 -3.10 22.30
C PHE C 94 8.59 -2.88 21.24
N SER C 95 8.68 -1.61 20.85
CA SER C 95 9.61 -1.18 19.83
C SER C 95 10.32 0.05 20.39
N ASN C 96 11.60 0.13 20.13
CA ASN C 96 12.43 1.23 20.62
C ASN C 96 13.37 1.51 19.48
N CYS C 97 12.97 2.44 18.61
CA CYS C 97 13.79 2.78 17.46
C CYS C 97 13.01 3.76 16.62
N TYR C 98 13.69 4.59 15.87
CA TYR C 98 12.99 5.56 15.02
C TYR C 98 11.55 5.21 14.79
N PRO C 99 10.60 6.08 15.21
CA PRO C 99 9.16 5.81 15.00
C PRO C 99 8.78 5.56 13.53
N TYR C 100 7.83 4.66 13.31
CA TYR C 100 7.46 4.39 11.95
C TYR C 100 6.04 3.89 11.81
N ASP C 101 5.60 3.85 10.56
CA ASP C 101 4.28 3.44 10.20
C ASP C 101 4.52 2.63 8.93
N VAL C 102 3.96 1.41 8.96
CA VAL C 102 4.04 0.51 7.80
C VAL C 102 2.62 0.56 7.21
N PRO C 103 2.50 1.15 6.04
CA PRO C 103 1.19 1.21 5.45
C PRO C 103 0.81 -0.23 5.18
N ASP C 104 -0.45 -0.59 5.41
CA ASP C 104 -0.85 -1.97 5.20
C ASP C 104 0.21 -2.81 5.90
N TYR C 105 0.30 -2.61 7.22
CA TYR C 105 1.21 -3.31 8.12
C TYR C 105 0.71 -4.75 8.14
N ALA C 106 -0.61 -4.86 8.26
CA ALA C 106 -1.30 -6.14 8.30
C ALA C 106 -0.70 -7.18 7.35
N SER C 107 -0.43 -6.78 6.11
CA SER C 107 0.10 -7.70 5.13
C SER C 107 1.59 -7.91 5.25
N LEU C 108 2.34 -6.85 5.43
CA LEU C 108 3.77 -7.04 5.52
C LEU C 108 4.00 -7.98 6.64
N ARG C 109 3.09 -7.99 7.61
CA ARG C 109 3.21 -8.92 8.75
C ARG C 109 2.84 -10.30 8.27
N SER C 110 1.61 -10.44 7.78
CA SER C 110 1.08 -11.72 7.29
C SER C 110 1.90 -12.43 6.19
N LEU C 111 2.84 -11.76 5.58
CA LEU C 111 3.59 -12.47 4.58
C LEU C 111 4.88 -12.81 5.22
N VAL C 112 5.42 -11.94 6.04
CA VAL C 112 6.68 -12.28 6.66
C VAL C 112 6.44 -13.46 7.62
N ALA C 113 5.24 -13.50 8.20
CA ALA C 113 4.85 -14.59 9.11
C ALA C 113 4.68 -15.83 8.29
N SER C 114 3.91 -15.75 7.23
CA SER C 114 3.73 -16.93 6.43
C SER C 114 5.02 -17.41 5.81
N SER C 115 6.00 -16.52 5.63
CA SER C 115 7.25 -16.94 5.02
C SER C 115 8.02 -17.70 6.09
N GLY C 116 7.89 -17.25 7.36
CA GLY C 116 8.57 -17.91 8.48
C GLY C 116 10.10 -18.01 8.43
N THR C 117 10.78 -16.88 8.20
CA THR C 117 12.23 -16.86 8.06
C THR C 117 12.71 -15.44 7.82
N LEU C 118 13.63 -14.95 8.67
CA LEU C 118 14.17 -13.58 8.53
C LEU C 118 15.59 -13.62 8.01
N GLU C 119 15.95 -14.77 7.43
CA GLU C 119 17.24 -15.03 6.82
C GLU C 119 17.45 -13.93 5.79
N PHE C 120 18.51 -13.18 5.98
CA PHE C 120 18.79 -12.02 5.14
C PHE C 120 20.04 -12.09 4.26
N ILE C 121 19.90 -11.90 2.95
CA ILE C 121 21.09 -11.86 2.11
C ILE C 121 21.50 -10.40 2.22
N THR C 122 22.80 -10.09 2.27
CA THR C 122 23.20 -8.69 2.43
C THR C 122 23.89 -8.01 1.23
N GLU C 123 23.29 -8.12 0.05
CA GLU C 123 23.85 -7.51 -1.16
C GLU C 123 24.20 -6.03 -0.98
N GLY C 124 25.26 -5.61 -1.67
CA GLY C 124 25.71 -4.23 -1.52
C GLY C 124 25.45 -3.26 -2.63
N PHE C 125 24.85 -2.14 -2.27
CA PHE C 125 24.51 -1.12 -3.26
C PHE C 125 25.60 -0.09 -3.38
N THR C 126 25.57 0.68 -4.45
CA THR C 126 26.56 1.70 -4.59
C THR C 126 25.82 2.99 -4.32
N TRP C 127 25.91 3.54 -3.10
CA TRP C 127 25.21 4.80 -2.72
C TRP C 127 26.15 5.99 -2.77
N THR C 128 26.74 6.14 -3.95
CA THR C 128 27.70 7.17 -4.33
C THR C 128 27.17 8.62 -4.30
N GLY C 129 27.74 9.44 -3.44
CA GLY C 129 27.28 10.80 -3.45
C GLY C 129 26.24 11.20 -2.44
N VAL C 130 26.17 10.49 -1.32
CA VAL C 130 25.23 10.75 -0.20
C VAL C 130 25.85 10.11 1.02
N THR C 131 25.44 10.54 2.21
CA THR C 131 26.03 9.95 3.42
C THR C 131 25.36 8.69 4.00
N GLN C 132 26.01 7.54 3.80
CA GLN C 132 25.47 6.26 4.27
C GLN C 132 25.28 6.17 5.77
N ASN C 133 24.99 4.95 6.20
CA ASN C 133 24.74 4.60 7.58
C ASN C 133 24.28 5.73 8.51
N GLY C 134 22.96 5.94 8.54
CA GLY C 134 22.40 7.01 9.34
C GLY C 134 22.41 6.71 10.82
N GLY C 135 21.75 7.55 11.63
CA GLY C 135 21.73 7.32 13.07
C GLY C 135 20.87 8.31 13.81
N SER C 136 20.01 7.77 14.66
CA SER C 136 19.10 8.58 15.46
C SER C 136 19.23 8.26 16.91
N ASN C 137 19.07 9.30 17.71
CA ASN C 137 19.17 9.15 19.13
C ASN C 137 17.96 8.49 19.70
N ALA C 138 17.07 8.07 18.83
CA ALA C 138 15.88 7.43 19.31
C ALA C 138 15.97 5.97 18.96
N CYS C 139 16.98 5.64 18.16
CA CYS C 139 17.17 4.26 17.75
C CYS C 139 18.62 3.95 17.97
N LYS C 140 19.06 4.19 19.19
CA LYS C 140 20.44 4.00 19.64
C LYS C 140 20.94 2.56 19.71
N ARG C 141 22.23 2.39 19.44
CA ARG C 141 22.86 1.08 19.46
C ARG C 141 23.94 0.95 20.54
N GLY C 142 23.47 0.74 21.78
CA GLY C 142 24.34 0.62 22.94
C GLY C 142 24.63 1.96 23.59
N PRO C 143 25.84 2.50 23.37
CA PRO C 143 26.34 3.78 23.89
C PRO C 143 25.76 5.02 23.20
N GLY C 144 25.83 5.05 21.87
CA GLY C 144 25.31 6.20 21.13
C GLY C 144 24.27 5.90 20.06
N SER C 145 24.03 6.89 19.17
CA SER C 145 23.07 6.79 18.07
C SER C 145 23.20 5.48 17.26
N GLY C 146 22.12 5.12 16.59
CA GLY C 146 22.12 3.90 15.81
C GLY C 146 20.86 3.88 14.99
N PHE C 147 20.59 2.77 14.30
CA PHE C 147 19.40 2.71 13.47
C PHE C 147 18.77 1.31 13.40
N PHE C 148 18.19 0.98 12.25
CA PHE C 148 17.59 -0.31 12.03
C PHE C 148 18.65 -1.22 11.42
N SER C 149 18.86 -2.42 11.95
CA SER C 149 19.88 -3.29 11.36
C SER C 149 19.79 -3.52 9.85
N ARG C 150 18.61 -3.81 9.35
CA ARG C 150 18.45 -4.06 7.94
C ARG C 150 18.20 -2.86 7.08
N LEU C 151 18.45 -1.65 7.57
CA LEU C 151 18.17 -0.44 6.79
C LEU C 151 19.24 0.65 6.68
N ASN C 152 19.31 1.29 5.52
CA ASN C 152 20.34 2.32 5.33
C ASN C 152 19.76 3.70 5.16
N TRP C 153 20.21 4.62 6.02
CA TRP C 153 19.69 5.97 6.00
C TRP C 153 20.56 6.93 5.25
N LEU C 154 20.12 7.38 4.08
CA LEU C 154 20.92 8.35 3.33
C LEU C 154 20.58 9.86 3.49
N THR C 155 21.61 10.70 3.66
CA THR C 155 21.47 12.17 3.79
C THR C 155 22.53 12.82 2.90
N LYS C 156 22.38 14.11 2.63
CA LYS C 156 23.30 14.85 1.77
C LYS C 156 24.78 14.42 1.74
N SER C 157 25.47 14.76 0.64
CA SER C 157 26.88 14.39 0.42
C SER C 157 27.82 15.23 1.23
N GLY C 158 27.53 16.52 1.17
CA GLY C 158 28.28 17.53 1.87
C GLY C 158 27.48 18.80 1.75
N SER C 159 27.11 19.11 0.51
CA SER C 159 26.32 20.30 0.20
C SER C 159 25.19 19.95 -0.78
N THR C 160 24.99 18.64 -0.97
CA THR C 160 23.98 18.19 -1.90
C THR C 160 23.51 16.74 -1.81
N TYR C 161 22.45 16.45 -2.59
CA TYR C 161 21.81 15.14 -2.71
C TYR C 161 21.50 14.97 -4.19
N PRO C 162 22.31 14.15 -4.85
CA PRO C 162 22.15 13.90 -6.28
C PRO C 162 20.99 12.95 -6.41
N VAL C 163 20.53 12.72 -7.64
CA VAL C 163 19.44 11.79 -7.88
C VAL C 163 20.00 10.43 -7.92
N LEU C 164 19.43 9.54 -7.13
CA LEU C 164 19.92 8.18 -7.02
C LEU C 164 19.26 7.26 -8.02
N ASN C 165 20.06 6.41 -8.64
CA ASN C 165 19.56 5.49 -9.63
C ASN C 165 20.39 4.22 -9.51
N VAL C 166 19.94 3.29 -8.70
CA VAL C 166 20.68 2.06 -8.49
C VAL C 166 19.89 0.83 -8.99
N THR C 167 20.56 -0.04 -9.72
CA THR C 167 19.89 -1.22 -10.23
C THR C 167 20.52 -2.43 -9.52
N MET C 168 19.67 -3.36 -9.10
CA MET C 168 20.11 -4.56 -8.37
C MET C 168 19.30 -5.76 -8.84
N PRO C 169 19.77 -6.42 -9.92
CA PRO C 169 19.11 -7.58 -10.50
C PRO C 169 19.07 -8.72 -9.56
N ASN C 170 18.25 -9.69 -9.93
CA ASN C 170 18.06 -10.91 -9.18
C ASN C 170 18.31 -12.11 -10.06
N ASN C 171 19.39 -12.80 -9.78
CA ASN C 171 19.72 -13.93 -10.59
C ASN C 171 19.42 -15.26 -9.91
N ASP C 172 19.22 -15.25 -8.60
CA ASP C 172 18.93 -16.50 -7.92
C ASP C 172 17.60 -16.98 -8.41
N ASN C 173 17.30 -18.25 -8.13
CA ASN C 173 16.08 -18.94 -8.59
C ASN C 173 14.91 -18.78 -7.61
N PHE C 174 15.05 -17.88 -6.66
CA PHE C 174 13.98 -17.66 -5.71
C PHE C 174 13.55 -16.22 -5.56
N ASP C 175 12.33 -16.04 -5.10
CA ASP C 175 11.75 -14.73 -4.91
C ASP C 175 12.58 -14.03 -3.85
N LYS C 176 12.84 -12.73 -4.08
CA LYS C 176 13.58 -11.90 -3.14
C LYS C 176 12.59 -10.87 -2.58
N LEU C 177 12.64 -10.61 -1.26
CA LEU C 177 11.79 -9.64 -0.55
C LEU C 177 12.57 -8.39 -0.07
N TYR C 178 12.35 -7.26 -0.70
CA TYR C 178 13.00 -6.05 -0.28
C TYR C 178 12.19 -5.19 0.70
N ILE C 179 12.81 -4.86 1.83
CA ILE C 179 12.19 -4.03 2.84
C ILE C 179 12.96 -2.72 2.88
N TRP C 180 12.31 -1.67 2.37
CA TRP C 180 12.84 -0.30 2.30
C TRP C 180 11.80 0.72 2.90
N GLY C 181 11.96 2.00 2.54
CA GLY C 181 11.06 3.03 3.05
C GLY C 181 11.52 4.43 2.71
N ILE C 182 10.78 5.40 3.21
CA ILE C 182 11.05 6.79 2.92
C ILE C 182 11.10 7.61 4.22
N HIS C 183 11.76 8.77 4.23
CA HIS C 183 11.76 9.52 5.48
C HIS C 183 10.83 10.73 5.44
N HIS C 184 10.09 11.01 6.52
CA HIS C 184 9.18 12.19 6.59
C HIS C 184 9.68 13.28 7.56
N PRO C 185 10.28 14.38 7.08
CA PRO C 185 10.74 15.37 8.07
C PRO C 185 9.61 16.16 8.74
N SER C 186 9.96 16.90 9.79
CA SER C 186 8.99 17.74 10.52
C SER C 186 8.82 19.17 9.96
N THR C 187 9.89 19.85 9.59
CA THR C 187 9.81 21.21 9.05
C THR C 187 10.39 21.27 7.64
N ASN C 188 9.76 22.09 6.80
CA ASN C 188 10.15 22.27 5.39
C ASN C 188 11.63 22.46 5.34
N GLN C 189 12.21 22.89 6.46
CA GLN C 189 13.66 23.09 6.57
C GLN C 189 14.33 21.83 7.05
N GLU C 190 13.65 20.99 7.82
CA GLU C 190 14.30 19.76 8.22
C GLU C 190 14.70 19.02 6.94
N GLN C 191 13.89 19.17 5.90
CA GLN C 191 14.19 18.51 4.62
C GLN C 191 15.50 19.06 4.01
N THR C 192 15.38 20.34 3.72
CA THR C 192 16.44 21.14 3.18
C THR C 192 17.67 20.63 3.92
N SER C 193 17.60 20.70 5.25
CA SER C 193 18.66 20.30 6.12
C SER C 193 19.29 18.99 5.75
N LEU C 194 18.45 17.99 5.50
CA LEU C 194 18.89 16.60 5.20
C LEU C 194 19.10 16.15 3.77
N TYR C 195 18.08 16.47 2.96
CA TYR C 195 17.99 16.03 1.58
C TYR C 195 18.17 17.09 0.49
N VAL C 196 18.56 18.29 0.89
CA VAL C 196 18.79 19.35 -0.08
C VAL C 196 17.52 19.74 -0.79
N GLN C 197 17.14 18.96 -1.79
CA GLN C 197 15.94 19.23 -2.53
C GLN C 197 14.85 19.55 -1.53
N ALA C 198 13.89 20.37 -1.89
CA ALA C 198 12.84 20.72 -0.95
C ALA C 198 11.69 19.75 -1.00
N SER C 199 11.77 18.78 -1.87
CA SER C 199 10.71 17.79 -2.03
C SER C 199 11.25 16.46 -2.55
N GLY C 200 11.34 15.52 -1.63
CA GLY C 200 11.89 14.22 -1.95
C GLY C 200 11.08 13.49 -2.97
N ARG C 201 11.50 12.26 -3.23
CA ARG C 201 10.84 11.43 -4.20
C ARG C 201 11.51 10.08 -4.15
N VAL C 202 10.75 9.02 -3.94
CA VAL C 202 11.32 7.66 -3.98
C VAL C 202 10.64 6.73 -4.97
N THR C 203 11.40 6.00 -5.75
CA THR C 203 10.74 5.10 -6.68
C THR C 203 11.44 3.73 -6.77
N VAL C 204 10.66 2.68 -6.51
CA VAL C 204 11.14 1.30 -6.49
C VAL C 204 10.29 0.50 -7.49
N SER C 205 10.95 -0.12 -8.45
CA SER C 205 10.23 -0.86 -9.45
C SER C 205 10.94 -2.07 -10.01
N THR C 206 10.20 -2.79 -10.84
CA THR C 206 10.70 -3.97 -11.51
C THR C 206 10.05 -3.97 -12.89
N ARG C 207 10.26 -5.04 -13.63
CA ARG C 207 9.69 -5.08 -14.95
C ARG C 207 8.16 -5.12 -14.82
N ARG C 208 7.66 -5.75 -13.77
CA ARG C 208 6.22 -5.84 -13.62
C ARG C 208 5.63 -4.99 -12.52
N SER C 209 6.49 -4.55 -11.61
CA SER C 209 6.04 -3.74 -10.49
C SER C 209 6.22 -2.28 -10.78
N GLN C 210 6.24 -1.52 -9.69
CA GLN C 210 6.39 -0.06 -9.68
C GLN C 210 5.48 0.55 -8.64
N GLN C 211 6.06 1.40 -7.81
CA GLN C 211 5.33 2.12 -6.77
C GLN C 211 6.17 3.33 -6.40
N THR C 212 5.55 4.52 -6.43
CA THR C 212 6.32 5.70 -6.07
C THR C 212 5.73 6.50 -4.96
N ILE C 213 6.61 6.92 -4.04
CA ILE C 213 6.24 7.70 -2.87
C ILE C 213 6.90 9.08 -2.74
N ILE C 214 6.14 10.04 -2.23
CA ILE C 214 6.70 11.37 -1.97
C ILE C 214 6.55 11.54 -0.47
N PRO C 215 7.52 12.17 0.20
CA PRO C 215 7.43 12.36 1.66
C PRO C 215 6.44 13.46 2.01
N ASN C 216 5.89 13.36 3.21
CA ASN C 216 4.95 14.38 3.69
C ASN C 216 5.67 15.13 4.81
N ILE C 217 5.85 16.43 4.63
CA ILE C 217 6.55 17.16 5.65
C ILE C 217 5.55 17.60 6.65
N GLY C 218 5.85 17.48 7.93
CA GLY C 218 4.86 17.95 8.88
C GLY C 218 5.31 17.87 10.30
N SER C 219 4.36 17.91 11.23
CA SER C 219 4.60 17.79 12.67
C SER C 219 3.71 16.72 13.31
N ARG C 220 4.30 15.59 13.66
CA ARG C 220 3.57 14.52 14.32
C ARG C 220 3.74 14.71 15.85
N PRO C 221 3.12 13.83 16.66
CA PRO C 221 3.27 13.99 18.10
C PRO C 221 4.68 13.55 18.45
N TRP C 222 5.12 13.95 19.62
CA TRP C 222 6.45 13.64 20.05
C TRP C 222 6.62 12.22 20.47
N VAL C 223 7.37 11.47 19.67
CA VAL C 223 7.58 10.07 20.01
C VAL C 223 8.98 9.65 20.28
N ARG C 224 9.33 9.43 21.55
CA ARG C 224 10.67 8.98 21.82
C ARG C 224 11.61 10.09 21.33
N GLY C 225 11.33 11.35 21.69
CA GLY C 225 12.15 12.47 21.23
C GLY C 225 11.73 13.06 19.88
N LEU C 226 11.89 12.27 18.82
CA LEU C 226 11.52 12.63 17.44
C LEU C 226 10.04 13.01 17.16
N SER C 227 9.89 13.95 16.21
CA SER C 227 8.60 14.50 15.79
C SER C 227 8.39 14.28 14.31
N SER C 228 9.31 13.55 13.70
CA SER C 228 9.19 13.24 12.29
C SER C 228 9.25 11.72 12.34
N ARG C 229 9.16 11.05 11.19
CA ARG C 229 9.22 9.61 11.18
C ARG C 229 9.41 8.99 9.82
N ILE C 230 9.31 7.67 9.77
CA ILE C 230 9.50 6.94 8.53
C ILE C 230 8.34 5.99 8.16
N SER C 231 8.18 5.76 6.87
CA SER C 231 7.15 4.89 6.34
C SER C 231 7.84 3.68 5.69
N ILE C 232 7.41 2.51 6.12
CA ILE C 232 8.02 1.29 5.64
C ILE C 232 7.26 0.63 4.55
N TYR C 233 7.97 0.28 3.50
CA TYR C 233 7.37 -0.36 2.33
C TYR C 233 8.09 -1.67 1.94
N TRP C 234 7.54 -2.38 0.95
CA TRP C 234 8.15 -3.64 0.46
C TRP C 234 7.92 -3.92 -1.00
N THR C 235 8.90 -4.60 -1.55
CA THR C 235 8.86 -4.92 -2.94
C THR C 235 9.49 -6.28 -3.06
N ILE C 236 8.85 -7.20 -3.80
CA ILE C 236 9.47 -8.51 -4.03
C ILE C 236 9.71 -8.54 -5.51
N VAL C 237 10.83 -9.15 -5.88
CA VAL C 237 11.22 -9.27 -7.26
C VAL C 237 11.38 -10.75 -7.54
N LYS C 238 10.69 -11.23 -8.57
CA LYS C 238 10.75 -12.63 -8.93
C LYS C 238 12.04 -12.90 -9.69
N PRO C 239 12.53 -14.15 -9.63
CA PRO C 239 13.76 -14.49 -10.34
C PRO C 239 13.60 -14.13 -11.79
N GLY C 240 14.64 -13.50 -12.35
CA GLY C 240 14.62 -13.08 -13.74
C GLY C 240 13.95 -11.74 -13.92
N ASP C 241 14.26 -10.83 -13.01
CA ASP C 241 13.71 -9.49 -13.02
C ASP C 241 14.65 -8.64 -12.20
N VAL C 242 14.63 -7.35 -12.41
CA VAL C 242 15.55 -6.52 -11.71
C VAL C 242 14.79 -5.55 -10.80
N LEU C 243 15.46 -5.10 -9.75
CA LEU C 243 14.95 -4.11 -8.79
C LEU C 243 15.59 -2.78 -9.13
N VAL C 244 14.83 -1.70 -9.10
CA VAL C 244 15.43 -0.42 -9.37
C VAL C 244 14.92 0.60 -8.38
N ILE C 245 15.83 1.41 -7.87
CA ILE C 245 15.51 2.40 -6.88
C ILE C 245 15.91 3.72 -7.49
N ASN C 246 15.07 4.75 -7.40
CA ASN C 246 15.45 6.06 -7.92
C ASN C 246 14.86 7.16 -7.06
N SER C 247 15.68 7.74 -6.20
CA SER C 247 15.27 8.80 -5.26
C SER C 247 16.14 10.01 -5.34
N ASN C 248 15.59 11.17 -5.01
CA ASN C 248 16.38 12.37 -5.05
C ASN C 248 16.28 12.98 -3.69
N GLY C 249 15.93 12.16 -2.72
CA GLY C 249 15.83 12.66 -1.36
C GLY C 249 15.03 11.71 -0.52
N ASN C 250 15.23 11.78 0.79
CA ASN C 250 14.49 10.96 1.77
C ASN C 250 14.54 9.44 1.62
N LEU C 251 15.36 8.92 0.70
CA LEU C 251 15.41 7.48 0.55
C LEU C 251 16.03 6.87 1.76
N ILE C 252 15.33 5.87 2.31
CA ILE C 252 15.82 5.09 3.45
C ILE C 252 16.05 3.73 2.77
N ALA C 253 17.06 3.64 1.91
CA ALA C 253 17.36 2.43 1.15
C ALA C 253 17.57 1.15 1.94
N PRO C 254 17.47 -0.03 1.30
CA PRO C 254 17.63 -1.36 1.89
C PRO C 254 19.02 -1.86 1.63
N ARG C 255 19.58 -2.68 2.52
CA ARG C 255 20.94 -3.23 2.34
C ARG C 255 20.95 -4.59 1.63
N GLY C 256 19.79 -5.15 1.34
CA GLY C 256 19.73 -6.44 0.69
C GLY C 256 18.32 -7.07 0.75
N TYR C 257 18.21 -8.31 0.30
CA TYR C 257 16.91 -8.99 0.28
C TYR C 257 16.74 -10.16 1.29
N PHE C 258 15.51 -10.38 1.72
CA PHE C 258 15.16 -11.46 2.63
C PHE C 258 14.72 -12.65 1.83
N LYS C 259 15.17 -13.84 2.22
CA LYS C 259 14.78 -15.03 1.48
C LYS C 259 13.28 -15.26 1.63
N MET C 260 12.71 -15.86 0.61
CA MET C 260 11.27 -16.09 0.59
C MET C 260 10.80 -17.54 0.65
N ARG C 261 10.38 -18.00 1.83
CA ARG C 261 9.91 -19.39 1.91
C ARG C 261 8.41 -19.45 1.68
N THR C 262 7.93 -20.65 1.32
CA THR C 262 6.52 -20.89 1.07
C THR C 262 5.92 -21.58 2.28
N GLY C 263 6.55 -22.69 2.64
CA GLY C 263 6.17 -23.53 3.78
C GLY C 263 4.85 -23.43 4.54
N LYS C 264 4.87 -24.00 5.74
CA LYS C 264 3.68 -24.05 6.58
C LYS C 264 3.79 -23.34 7.91
N SER C 265 4.13 -22.06 7.87
CA SER C 265 4.27 -21.31 9.11
C SER C 265 3.32 -20.13 9.31
N SER C 266 3.14 -19.74 10.58
CA SER C 266 2.29 -18.60 10.89
C SER C 266 2.81 -17.84 12.12
N ILE C 267 1.98 -16.96 12.67
CA ILE C 267 2.37 -16.15 13.79
C ILE C 267 1.11 -16.09 14.63
N MET C 268 1.26 -15.92 15.96
CA MET C 268 0.11 -15.82 16.93
C MET C 268 0.34 -14.91 18.15
N ARG C 269 -0.71 -14.21 18.54
CA ARG C 269 -0.60 -13.32 19.68
C ARG C 269 -1.01 -14.25 20.79
N SER C 270 -0.16 -14.37 21.81
CA SER C 270 -0.44 -15.29 22.93
C SER C 270 0.45 -15.12 24.14
N ASP C 271 -0.13 -15.03 25.32
CA ASP C 271 0.74 -14.88 26.45
C ASP C 271 1.04 -16.22 27.18
N ALA C 272 0.78 -17.32 26.48
CA ALA C 272 1.02 -18.67 27.02
C ALA C 272 2.50 -18.93 27.01
N PRO C 273 3.08 -19.44 28.13
CA PRO C 273 4.53 -19.71 28.15
C PRO C 273 4.84 -20.98 27.42
N ILE C 274 5.95 -21.01 26.71
CA ILE C 274 6.24 -22.19 25.96
C ILE C 274 6.71 -23.18 26.97
N ASP C 275 6.51 -24.47 26.72
CA ASP C 275 6.98 -25.55 27.61
C ASP C 275 7.43 -26.76 26.80
N THR C 276 8.07 -27.70 27.49
CA THR C 276 8.57 -28.86 26.82
C THR C 276 7.44 -29.88 26.84
N CYS C 277 7.09 -30.35 25.63
CA CYS C 277 6.05 -31.36 25.42
C CYS C 277 5.67 -31.48 23.96
N ILE C 278 4.56 -32.17 23.71
CA ILE C 278 4.05 -32.41 22.36
C ILE C 278 2.55 -32.14 22.37
N SER C 279 2.05 -31.57 21.28
CA SER C 279 0.63 -31.25 21.08
C SER C 279 0.51 -30.55 19.76
N GLU C 280 0.09 -31.28 18.75
CA GLU C 280 -0.04 -30.70 17.42
C GLU C 280 -0.96 -29.44 17.39
N CYS C 281 -1.71 -29.23 18.45
CA CYS C 281 -2.61 -28.09 18.43
C CYS C 281 -2.33 -26.94 19.39
N ILE C 282 -2.07 -25.78 18.80
CA ILE C 282 -1.80 -24.58 19.58
C ILE C 282 -2.96 -23.60 19.55
N THR C 283 -3.29 -23.16 20.73
CA THR C 283 -4.36 -22.25 20.90
C THR C 283 -3.70 -21.09 21.58
N PRO C 284 -3.93 -19.87 21.09
CA PRO C 284 -3.32 -18.73 21.76
C PRO C 284 -3.52 -18.97 23.23
N ASN C 285 -4.54 -19.74 23.55
CA ASN C 285 -4.90 -20.06 24.92
C ASN C 285 -4.00 -21.00 25.67
N GLY C 286 -3.32 -21.92 24.99
CA GLY C 286 -2.46 -22.80 25.72
C GLY C 286 -1.90 -24.06 25.06
N SER C 287 -2.65 -24.74 24.19
CA SER C 287 -2.20 -25.98 23.54
C SER C 287 -3.24 -27.03 23.97
N ILE C 288 -3.70 -27.81 23.01
CA ILE C 288 -4.72 -28.76 23.38
C ILE C 288 -4.68 -30.08 22.62
N PRO C 289 -5.20 -31.15 23.25
CA PRO C 289 -5.22 -32.46 22.65
C PRO C 289 -6.21 -32.50 21.48
N ASN C 290 -5.77 -33.08 20.39
CA ASN C 290 -6.57 -33.18 19.19
C ASN C 290 -7.46 -34.43 19.07
N ASP C 291 -7.62 -35.21 20.14
CA ASP C 291 -8.44 -36.42 20.04
C ASP C 291 -9.92 -36.12 19.77
N LYS C 292 -10.48 -35.14 20.48
CA LYS C 292 -11.88 -34.75 20.30
C LYS C 292 -12.06 -34.34 18.83
N PRO C 293 -13.27 -33.93 18.46
CA PRO C 293 -13.46 -33.53 17.07
C PRO C 293 -13.83 -32.06 17.09
N PHE C 294 -14.09 -31.55 18.31
CA PHE C 294 -14.53 -30.17 18.52
C PHE C 294 -13.96 -29.53 19.78
N GLN C 295 -13.58 -28.24 19.69
CA GLN C 295 -13.07 -27.55 20.88
C GLN C 295 -13.67 -26.17 21.00
N ASN C 296 -13.93 -25.79 22.25
CA ASN C 296 -14.52 -24.53 22.58
C ASN C 296 -13.48 -23.64 23.27
N VAL C 297 -12.21 -23.91 22.98
CA VAL C 297 -11.11 -23.18 23.59
C VAL C 297 -10.91 -21.77 23.08
N ASN C 298 -10.63 -21.64 21.78
CA ASN C 298 -10.44 -20.34 21.14
C ASN C 298 -10.48 -20.49 19.62
N LYS C 299 -11.29 -19.67 18.97
CA LYS C 299 -11.45 -19.76 17.52
C LYS C 299 -10.13 -19.77 16.78
N ILE C 300 -9.11 -19.24 17.42
CA ILE C 300 -7.84 -19.23 16.73
C ILE C 300 -7.03 -20.45 17.08
N THR C 301 -6.72 -21.25 16.07
CA THR C 301 -5.94 -22.46 16.29
C THR C 301 -4.78 -22.55 15.32
N TYR C 302 -3.98 -23.60 15.46
CA TYR C 302 -2.86 -23.76 14.56
C TYR C 302 -2.68 -25.24 14.30
N GLY C 303 -2.87 -25.59 13.02
CA GLY C 303 -2.74 -26.96 12.56
C GLY C 303 -3.66 -27.97 13.21
N ALA C 304 -3.38 -29.24 12.98
CA ALA C 304 -4.16 -30.32 13.58
C ALA C 304 -4.94 -29.88 14.80
N CYS C 305 -6.22 -29.53 14.60
CA CYS C 305 -7.06 -29.13 15.72
C CYS C 305 -8.54 -29.43 15.63
N PRO C 306 -9.22 -29.39 16.77
CA PRO C 306 -10.65 -29.64 16.85
C PRO C 306 -11.43 -28.45 16.31
N LYS C 307 -12.11 -28.65 15.20
CA LYS C 307 -12.90 -27.59 14.64
C LYS C 307 -13.67 -26.82 15.76
N TYR C 308 -13.67 -25.48 15.65
CA TYR C 308 -14.33 -24.62 16.64
C TYR C 308 -15.86 -24.66 16.65
N VAL C 309 -16.44 -24.69 17.85
CA VAL C 309 -17.88 -24.67 18.03
C VAL C 309 -18.35 -23.77 19.20
N LYS C 310 -19.61 -23.34 19.10
CA LYS C 310 -20.18 -22.45 20.07
C LYS C 310 -20.52 -23.19 21.36
N GLN C 311 -20.75 -24.49 21.24
CA GLN C 311 -21.15 -25.30 22.40
C GLN C 311 -20.01 -25.75 23.33
N ASN C 312 -20.23 -25.56 24.65
CA ASN C 312 -19.24 -25.91 25.67
C ASN C 312 -19.30 -27.35 26.14
N THR C 313 -19.99 -28.18 25.39
CA THR C 313 -20.07 -29.58 25.72
C THR C 313 -21.06 -30.33 24.89
N LEU C 314 -20.65 -31.48 24.40
CA LEU C 314 -21.53 -32.27 23.59
C LEU C 314 -21.31 -33.73 23.87
N LYS C 315 -22.10 -34.28 24.80
CA LYS C 315 -21.97 -35.67 25.18
C LYS C 315 -22.48 -36.56 24.06
N LEU C 316 -21.83 -37.70 23.89
CA LEU C 316 -22.19 -38.63 22.85
C LEU C 316 -22.41 -40.06 23.35
N ALA C 317 -23.62 -40.57 23.12
CA ALA C 317 -23.95 -41.92 23.52
C ALA C 317 -22.90 -42.94 23.08
N THR C 318 -22.33 -43.67 24.03
CA THR C 318 -21.38 -44.73 23.72
C THR C 318 -22.12 -46.05 23.90
N GLY C 319 -23.10 -46.05 24.81
CA GLY C 319 -23.89 -47.24 25.09
C GLY C 319 -25.40 -47.18 24.94
N MET C 320 -26.08 -48.27 25.29
CA MET C 320 -27.55 -48.37 25.21
C MET C 320 -28.21 -47.48 26.25
N ARG C 321 -29.53 -47.49 26.29
CA ARG C 321 -30.17 -46.64 27.29
C ARG C 321 -29.93 -47.16 28.73
N ASN C 322 -30.69 -46.64 29.68
CA ASN C 322 -30.52 -47.03 31.07
C ASN C 322 -31.77 -46.76 31.93
N VAL C 323 -32.25 -47.80 32.60
CA VAL C 323 -33.43 -47.69 33.47
C VAL C 323 -33.00 -47.86 34.93
N PRO C 324 -33.56 -47.02 35.81
CA PRO C 324 -33.31 -46.99 37.27
C PRO C 324 -33.67 -48.24 38.06
N GLU C 325 -32.78 -48.60 38.99
CA GLU C 325 -32.97 -49.77 39.84
C GLU C 325 -34.14 -49.50 40.78
N LYS C 326 -33.93 -48.55 41.69
CA LYS C 326 -34.93 -48.18 42.70
C LYS C 326 -34.92 -46.69 43.23
N GLN C 327 -35.96 -45.91 42.86
CA GLN C 327 -36.15 -44.51 43.29
C GLN C 327 -35.67 -43.33 42.41
N THR C 328 -35.45 -43.55 41.11
CA THR C 328 -34.99 -42.48 40.19
C THR C 328 -35.93 -42.17 39.00
N GLY D 1 -36.40 -46.83 22.37
CA GLY D 1 -37.51 -47.83 22.21
C GLY D 1 -38.28 -47.51 20.97
N LEU D 2 -37.57 -47.46 19.85
CA LEU D 2 -38.11 -47.20 18.51
C LEU D 2 -38.46 -48.61 18.17
N PHE D 3 -37.46 -49.46 18.29
CA PHE D 3 -37.69 -50.86 18.04
C PHE D 3 -38.66 -51.40 19.11
N GLY D 4 -38.91 -50.57 20.12
CA GLY D 4 -39.84 -50.92 21.20
C GLY D 4 -39.18 -51.44 22.46
N ALA D 5 -38.79 -52.71 22.40
CA ALA D 5 -38.12 -53.44 23.48
C ALA D 5 -37.68 -52.61 24.71
N ILE D 6 -36.38 -52.31 24.75
CA ILE D 6 -35.78 -51.58 25.86
C ILE D 6 -36.59 -50.40 26.32
N ALA D 7 -36.69 -50.21 27.63
CA ALA D 7 -37.44 -49.10 28.18
C ALA D 7 -38.82 -49.08 27.54
N GLY D 8 -39.14 -50.22 26.93
CA GLY D 8 -40.41 -50.37 26.27
C GLY D 8 -41.21 -51.40 27.02
N PHE D 9 -41.15 -52.64 26.58
CA PHE D 9 -41.89 -53.69 27.26
C PHE D 9 -41.05 -54.56 28.24
N ILE D 10 -39.73 -54.38 28.26
CA ILE D 10 -38.85 -55.11 29.20
C ILE D 10 -38.49 -54.06 30.25
N GLU D 11 -39.51 -53.30 30.63
CA GLU D 11 -39.44 -52.19 31.59
C GLU D 11 -38.61 -52.26 32.89
N ASN D 12 -37.82 -53.33 33.02
CA ASN D 12 -36.96 -53.49 34.19
C ASN D 12 -35.46 -53.31 33.87
N GLY D 13 -34.73 -52.74 34.84
CA GLY D 13 -33.30 -52.51 34.69
C GLY D 13 -32.41 -53.59 35.30
N TRP D 14 -31.68 -54.32 34.44
CA TRP D 14 -30.80 -55.41 34.86
C TRP D 14 -29.64 -55.13 35.85
N GLU D 15 -29.99 -54.38 36.88
CA GLU D 15 -29.10 -54.00 37.98
C GLU D 15 -27.57 -54.08 37.82
N GLY D 16 -27.01 -55.28 37.97
CA GLY D 16 -25.58 -55.43 37.89
C GLY D 16 -25.05 -56.51 36.97
N MET D 17 -25.60 -56.62 35.77
CA MET D 17 -25.10 -57.62 34.84
C MET D 17 -23.73 -57.10 34.35
N ILE D 18 -22.63 -57.61 34.90
CA ILE D 18 -21.34 -57.10 34.45
C ILE D 18 -20.62 -58.00 33.45
N ASP D 19 -20.94 -59.28 33.44
CA ASP D 19 -20.26 -60.20 32.52
C ASP D 19 -20.59 -59.88 31.04
N GLY D 20 -21.15 -58.70 30.82
CA GLY D 20 -21.49 -58.30 29.47
C GLY D 20 -22.53 -57.18 29.37
N TRP D 21 -23.16 -57.07 28.20
CA TRP D 21 -24.17 -56.05 27.93
C TRP D 21 -25.57 -56.66 27.84
N TYR D 22 -25.63 -57.99 27.88
CA TYR D 22 -26.88 -58.74 27.77
C TYR D 22 -26.93 -60.07 28.56
N GLY D 23 -28.00 -60.83 28.34
CA GLY D 23 -28.15 -62.11 29.02
C GLY D 23 -29.56 -62.52 29.39
N PHE D 24 -29.68 -63.73 29.92
CA PHE D 24 -30.98 -64.24 30.31
C PHE D 24 -31.01 -64.46 31.83
N ARG D 25 -32.13 -65.02 32.29
CA ARG D 25 -32.40 -65.32 33.71
C ARG D 25 -33.24 -66.62 33.78
N HIS D 26 -32.60 -67.75 34.08
CA HIS D 26 -33.33 -69.03 34.16
C HIS D 26 -33.91 -69.29 35.54
N GLN D 27 -35.15 -69.78 35.56
CA GLN D 27 -35.88 -70.10 36.80
C GLN D 27 -36.15 -71.62 36.87
N ASN D 28 -35.16 -72.41 36.45
CA ASN D 28 -35.30 -73.87 36.45
C ASN D 28 -35.43 -74.43 37.87
N SER D 29 -35.39 -75.75 37.95
CA SER D 29 -35.48 -76.44 39.22
C SER D 29 -34.26 -76.11 40.09
N GLU D 30 -33.12 -75.84 39.44
CA GLU D 30 -31.84 -75.51 40.11
C GLU D 30 -31.76 -74.09 40.68
N GLY D 31 -32.91 -73.42 40.80
CA GLY D 31 -32.96 -72.07 41.34
C GLY D 31 -33.00 -70.99 40.25
N THR D 32 -31.94 -70.17 40.21
CA THR D 32 -31.79 -69.06 39.23
C THR D 32 -30.34 -68.60 38.97
N GLY D 33 -30.24 -67.53 38.16
CA GLY D 33 -28.95 -66.94 37.78
C GLY D 33 -29.03 -66.19 36.45
N GLN D 34 -28.53 -64.96 36.41
CA GLN D 34 -28.56 -64.17 35.17
C GLN D 34 -27.33 -64.35 34.26
N ALA D 35 -27.50 -65.17 33.22
CA ALA D 35 -26.42 -65.49 32.25
C ALA D 35 -26.06 -64.32 31.31
N ALA D 36 -24.80 -64.27 30.85
CA ALA D 36 -24.31 -63.21 29.93
C ALA D 36 -24.20 -63.64 28.45
N ASP D 37 -24.54 -62.72 27.54
CA ASP D 37 -24.53 -63.00 26.10
C ASP D 37 -23.28 -62.57 25.35
N LEU D 38 -23.32 -62.64 24.02
CA LEU D 38 -22.14 -62.26 23.19
C LEU D 38 -22.44 -61.67 21.79
N LYS D 39 -22.80 -62.52 20.83
CA LYS D 39 -23.10 -62.09 19.45
C LYS D 39 -24.11 -60.93 19.43
N SER D 40 -24.52 -60.48 20.61
CA SER D 40 -25.46 -59.38 20.78
C SER D 40 -24.79 -58.28 21.57
N THR D 41 -24.13 -58.66 22.65
CA THR D 41 -23.41 -57.68 23.46
C THR D 41 -22.21 -57.17 22.66
N GLN D 42 -21.50 -58.06 21.98
CA GLN D 42 -20.38 -57.62 21.19
C GLN D 42 -20.99 -56.91 19.99
N ALA D 43 -21.97 -57.57 19.37
CA ALA D 43 -22.66 -57.04 18.19
C ALA D 43 -23.04 -55.56 18.26
N ALA D 44 -23.72 -55.16 19.33
CA ALA D 44 -24.15 -53.77 19.54
C ALA D 44 -22.90 -52.97 19.75
N ILE D 45 -22.22 -53.23 20.84
CA ILE D 45 -20.98 -52.54 21.15
C ILE D 45 -20.03 -52.67 19.95
N ASP D 46 -20.30 -53.58 19.04
CA ASP D 46 -19.43 -53.71 17.87
C ASP D 46 -19.60 -52.44 17.04
N GLN D 47 -20.84 -52.06 16.80
CA GLN D 47 -21.18 -50.89 16.01
C GLN D 47 -20.98 -49.56 16.73
N ILE D 48 -21.27 -49.48 18.03
CA ILE D 48 -21.10 -48.21 18.75
C ILE D 48 -19.67 -47.76 18.55
N ASN D 49 -18.74 -48.67 18.76
CA ASN D 49 -17.31 -48.35 18.59
C ASN D 49 -16.95 -48.27 17.09
N GLY D 50 -17.96 -48.19 16.23
CA GLY D 50 -17.73 -48.11 14.80
C GLY D 50 -18.18 -46.73 14.39
N LYS D 51 -19.43 -46.41 14.67
CA LYS D 51 -19.96 -45.09 14.33
C LYS D 51 -19.06 -44.09 15.06
N LEU D 52 -18.52 -44.51 16.21
CA LEU D 52 -17.64 -43.64 17.00
C LEU D 52 -16.26 -43.43 16.39
N ASN D 53 -15.58 -44.52 16.05
CA ASN D 53 -14.28 -44.35 15.44
C ASN D 53 -14.43 -43.28 14.38
N ARG D 54 -15.58 -43.31 13.68
CA ARG D 54 -15.88 -42.31 12.63
C ARG D 54 -15.80 -40.88 13.17
N VAL D 55 -16.60 -40.60 14.20
CA VAL D 55 -16.60 -39.27 14.81
C VAL D 55 -15.18 -38.96 15.29
N ILE D 56 -14.90 -39.41 16.51
CA ILE D 56 -13.64 -39.21 17.20
C ILE D 56 -12.37 -39.36 16.36
N GLU D 57 -11.29 -38.79 16.89
CA GLU D 57 -9.96 -38.79 16.28
C GLU D 57 -9.90 -38.88 14.77
N LYS D 58 -9.90 -37.73 14.09
CA LYS D 58 -9.80 -37.71 12.64
C LYS D 58 -9.29 -36.39 12.06
N THR D 59 -9.86 -35.99 10.92
CA THR D 59 -9.46 -34.79 10.16
C THR D 59 -9.15 -33.43 10.78
N ASN D 60 -8.77 -32.53 9.86
CA ASN D 60 -8.47 -31.13 10.11
C ASN D 60 -7.13 -30.66 10.70
N GLU D 61 -6.27 -30.19 9.79
CA GLU D 61 -4.99 -29.59 10.13
C GLU D 61 -4.78 -28.39 9.18
N LYS D 62 -4.93 -27.18 9.73
CA LYS D 62 -4.83 -25.91 8.99
C LYS D 62 -3.83 -25.00 9.68
N PHE D 63 -2.91 -24.43 8.89
CA PHE D 63 -1.87 -23.56 9.43
C PHE D 63 -2.10 -22.06 9.42
N HIS D 64 -1.62 -21.38 8.38
CA HIS D 64 -1.80 -19.93 8.37
C HIS D 64 -3.18 -19.53 7.87
N GLN D 65 -3.92 -18.78 8.70
CA GLN D 65 -5.27 -18.34 8.36
C GLN D 65 -5.47 -16.83 8.40
N ILE D 66 -6.70 -16.42 8.71
CA ILE D 66 -7.04 -14.99 8.80
C ILE D 66 -7.02 -14.68 10.27
N GLU D 67 -6.75 -13.45 10.63
CA GLU D 67 -6.77 -13.14 12.07
C GLU D 67 -8.23 -13.16 12.55
N LYS D 68 -8.47 -13.02 13.84
CA LYS D 68 -9.86 -13.07 14.34
C LYS D 68 -10.19 -12.15 15.55
N GLU D 69 -9.17 -11.50 16.08
CA GLU D 69 -9.35 -10.58 17.16
C GLU D 69 -8.79 -9.29 16.57
N PHE D 70 -9.34 -8.13 16.91
CA PHE D 70 -8.79 -6.93 16.33
C PHE D 70 -8.53 -5.77 17.25
N SER D 71 -7.37 -5.15 17.10
CA SER D 71 -6.96 -4.05 17.98
C SER D 71 -7.58 -2.66 17.80
N GLU D 72 -7.77 -2.25 16.55
CA GLU D 72 -8.34 -0.93 16.22
C GLU D 72 -9.45 -0.97 15.19
N VAL D 73 -10.30 0.04 15.18
CA VAL D 73 -11.42 0.15 14.26
C VAL D 73 -11.02 0.33 12.76
N GLU D 74 -11.16 -0.69 11.90
CA GLU D 74 -10.78 -0.53 10.50
C GLU D 74 -11.94 -0.44 9.52
N GLY D 75 -13.14 -0.90 9.92
CA GLY D 75 -14.27 -0.88 9.01
C GLY D 75 -14.09 -1.66 7.71
N ARG D 76 -15.20 -2.12 7.20
CA ARG D 76 -15.26 -2.91 5.99
C ARG D 76 -14.40 -4.11 6.22
N ILE D 77 -13.30 -4.27 5.50
CA ILE D 77 -12.48 -5.47 5.69
C ILE D 77 -12.61 -6.14 7.07
N GLN D 78 -12.55 -5.32 8.10
CA GLN D 78 -12.70 -5.78 9.48
C GLN D 78 -14.05 -6.46 9.52
N ASP D 79 -15.11 -5.67 9.42
CA ASP D 79 -16.47 -6.23 9.42
C ASP D 79 -16.43 -7.63 8.76
N LEU D 80 -15.96 -7.70 7.52
CA LEU D 80 -15.88 -8.93 6.75
C LEU D 80 -15.08 -10.00 7.42
N GLU D 81 -13.80 -9.78 7.59
CA GLU D 81 -12.99 -10.79 8.26
C GLU D 81 -13.78 -11.41 9.46
N LYS D 82 -14.70 -10.68 10.06
CA LYS D 82 -15.47 -11.22 11.18
C LYS D 82 -16.53 -12.06 10.58
N TYR D 83 -17.56 -11.40 10.08
CA TYR D 83 -18.67 -12.07 9.45
C TYR D 83 -18.28 -13.32 8.57
N VAL D 84 -17.03 -13.43 8.14
CA VAL D 84 -16.63 -14.59 7.36
C VAL D 84 -16.46 -15.74 8.31
N GLU D 85 -15.57 -15.53 9.30
CA GLU D 85 -15.26 -16.47 10.39
C GLU D 85 -16.51 -16.72 11.24
N ASP D 86 -17.14 -15.66 11.73
CA ASP D 86 -18.35 -15.84 12.50
C ASP D 86 -19.21 -16.81 11.71
N THR D 87 -19.57 -16.51 10.49
CA THR D 87 -20.40 -17.45 9.77
C THR D 87 -19.91 -18.89 9.91
N LYS D 88 -18.61 -19.13 9.74
CA LYS D 88 -18.00 -20.46 9.88
C LYS D 88 -18.45 -21.08 11.20
N ILE D 89 -17.89 -20.62 12.30
CA ILE D 89 -18.29 -21.12 13.60
C ILE D 89 -19.77 -21.48 13.63
N ASP D 90 -20.60 -20.47 13.38
CA ASP D 90 -22.03 -20.67 13.36
C ASP D 90 -22.36 -21.95 12.63
N LEU D 91 -21.98 -22.12 11.35
CA LEU D 91 -22.25 -23.36 10.63
C LEU D 91 -21.69 -24.60 11.33
N TRP D 92 -20.38 -24.77 11.26
CA TRP D 92 -19.79 -25.90 11.95
C TRP D 92 -20.52 -26.30 13.20
N SER D 93 -21.02 -25.33 13.94
CA SER D 93 -21.73 -25.64 15.16
C SER D 93 -23.03 -26.42 14.93
N TYR D 94 -23.85 -25.93 13.99
CA TYR D 94 -25.10 -26.60 13.66
C TYR D 94 -24.71 -27.97 13.13
N ASN D 95 -23.66 -28.05 12.33
CA ASN D 95 -23.21 -29.35 11.84
C ASN D 95 -22.84 -30.29 12.98
N ALA D 96 -22.29 -29.72 14.03
CA ALA D 96 -21.93 -30.48 15.20
C ALA D 96 -23.20 -30.83 15.98
N GLU D 97 -23.84 -29.81 16.55
CA GLU D 97 -25.06 -29.90 17.38
C GLU D 97 -26.20 -30.75 16.83
N LEU D 98 -25.87 -31.53 15.81
CA LEU D 98 -26.80 -32.42 15.13
C LEU D 98 -26.12 -33.74 14.91
N LEU D 99 -24.87 -33.68 14.45
CA LEU D 99 -24.16 -34.92 14.26
C LEU D 99 -24.56 -35.74 15.50
N VAL D 100 -24.71 -35.05 16.62
CA VAL D 100 -25.12 -35.70 17.87
C VAL D 100 -26.57 -36.17 17.81
N ALA D 101 -27.49 -35.21 17.78
CA ALA D 101 -28.92 -35.50 17.74
C ALA D 101 -29.20 -36.78 16.98
N LEU D 102 -28.68 -36.87 15.76
CA LEU D 102 -28.82 -38.05 14.94
C LEU D 102 -28.00 -39.16 15.57
N GLU D 103 -26.72 -39.29 15.20
CA GLU D 103 -25.86 -40.35 15.77
C GLU D 103 -26.33 -40.80 17.16
N ASN D 104 -26.74 -39.85 18.00
CA ASN D 104 -27.26 -40.16 19.34
C ASN D 104 -28.66 -40.87 19.37
N GLN D 105 -29.64 -40.30 18.71
CA GLN D 105 -30.96 -40.93 18.66
C GLN D 105 -30.81 -42.37 18.09
N HIS D 106 -30.16 -42.51 16.93
CA HIS D 106 -29.93 -43.79 16.28
C HIS D 106 -28.93 -44.67 17.01
N THR D 107 -28.23 -44.14 17.99
CA THR D 107 -27.31 -44.98 18.74
C THR D 107 -28.24 -45.90 19.54
N ILE D 108 -29.35 -45.29 20.01
CA ILE D 108 -30.44 -45.92 20.78
C ILE D 108 -31.23 -47.04 20.06
N ASP D 109 -31.88 -46.69 18.95
CA ASP D 109 -32.66 -47.66 18.20
C ASP D 109 -31.70 -48.70 17.64
N LEU D 110 -30.48 -48.65 18.13
CA LEU D 110 -29.51 -49.62 17.71
C LEU D 110 -29.30 -50.56 18.88
N THR D 111 -29.54 -50.07 20.09
CA THR D 111 -29.39 -50.94 21.24
C THR D 111 -30.74 -51.63 21.42
N ASP D 112 -31.80 -50.84 21.31
CA ASP D 112 -33.16 -51.35 21.42
C ASP D 112 -33.46 -52.19 20.17
N SER D 113 -32.40 -52.70 19.55
CA SER D 113 -32.51 -53.53 18.36
C SER D 113 -32.09 -54.95 18.72
N GLU D 114 -30.86 -55.06 19.23
CA GLU D 114 -30.29 -56.34 19.62
C GLU D 114 -31.25 -57.10 20.52
N MET D 115 -31.93 -56.36 21.38
CA MET D 115 -32.93 -56.92 22.25
C MET D 115 -33.96 -57.60 21.36
N ASN D 116 -34.91 -56.80 20.88
CA ASN D 116 -36.03 -57.18 20.01
C ASN D 116 -35.60 -58.02 18.79
N LYS D 117 -34.43 -58.66 18.89
CA LYS D 117 -33.89 -59.50 17.84
C LYS D 117 -33.19 -60.70 18.48
N LEU D 118 -33.54 -60.96 19.75
CA LEU D 118 -33.01 -62.09 20.53
C LEU D 118 -34.21 -62.85 21.11
N PHE D 119 -35.07 -62.13 21.80
CA PHE D 119 -36.28 -62.75 22.33
C PHE D 119 -36.94 -63.22 21.03
N GLU D 120 -36.96 -62.33 20.04
CA GLU D 120 -37.49 -62.64 18.75
C GLU D 120 -36.66 -63.72 18.07
N LYS D 121 -35.70 -64.32 18.77
CA LYS D 121 -34.86 -65.36 18.18
C LYS D 121 -35.13 -66.69 18.91
N THR D 122 -35.26 -66.57 20.22
CA THR D 122 -35.56 -67.70 21.08
C THR D 122 -36.93 -68.11 20.61
N ARG D 123 -37.73 -67.08 20.34
CA ARG D 123 -39.09 -67.21 19.86
C ARG D 123 -38.93 -67.44 18.36
N ARG D 124 -38.27 -68.56 18.06
CA ARG D 124 -38.03 -69.02 16.68
C ARG D 124 -37.49 -70.48 16.70
N GLN D 125 -36.36 -70.68 17.39
CA GLN D 125 -35.72 -71.99 17.55
C GLN D 125 -36.50 -72.97 18.47
N LEU D 126 -37.62 -72.51 19.02
CA LEU D 126 -38.45 -73.34 19.88
C LEU D 126 -39.94 -73.08 19.62
N ARG D 127 -40.64 -74.11 19.16
CA ARG D 127 -42.06 -74.00 18.87
C ARG D 127 -42.96 -73.83 20.11
N GLU D 128 -43.94 -74.73 20.29
CA GLU D 128 -44.88 -74.61 21.41
C GLU D 128 -44.23 -75.14 22.70
N ASN D 129 -42.90 -75.15 22.68
CA ASN D 129 -42.05 -75.60 23.78
C ASN D 129 -42.01 -74.59 24.96
N ALA D 130 -42.70 -73.46 24.79
CA ALA D 130 -42.78 -72.41 25.81
C ALA D 130 -43.18 -71.02 25.20
N GLU D 131 -43.67 -70.09 26.06
CA GLU D 131 -44.05 -68.70 25.65
C GLU D 131 -43.69 -67.60 26.69
N GLU D 132 -43.13 -66.48 26.22
CA GLU D 132 -42.73 -65.36 27.09
C GLU D 132 -43.85 -65.03 28.05
N MET D 133 -43.75 -65.62 29.24
CA MET D 133 -44.71 -65.43 30.31
C MET D 133 -45.27 -64.02 30.26
N GLY D 134 -46.41 -63.85 29.59
CA GLY D 134 -47.00 -62.54 29.42
C GLY D 134 -45.99 -61.82 28.54
N ASN D 135 -45.17 -60.99 29.18
CA ASN D 135 -44.10 -60.21 28.55
C ASN D 135 -42.86 -60.17 29.46
N GLY D 136 -41.75 -59.65 28.93
CA GLY D 136 -40.51 -59.61 29.69
C GLY D 136 -39.84 -60.98 29.71
N CYS D 137 -40.27 -61.82 30.68
CA CYS D 137 -39.74 -63.18 30.87
C CYS D 137 -40.51 -64.23 30.09
N PHE D 138 -39.96 -65.43 30.06
CA PHE D 138 -40.59 -66.55 29.35
C PHE D 138 -41.37 -67.52 30.25
N LYS D 139 -41.93 -68.56 29.62
CA LYS D 139 -42.72 -69.61 30.27
C LYS D 139 -42.40 -70.99 29.65
N ILE D 140 -41.71 -71.84 30.41
CA ILE D 140 -41.32 -73.16 29.92
C ILE D 140 -42.23 -74.27 30.44
N TYR D 141 -42.34 -75.35 29.66
CA TYR D 141 -43.14 -76.53 29.99
C TYR D 141 -42.23 -77.68 30.38
N HIS D 142 -40.99 -77.64 29.90
CA HIS D 142 -40.02 -78.69 30.18
C HIS D 142 -39.26 -78.39 31.46
N LYS D 143 -38.71 -79.44 32.07
CA LYS D 143 -37.94 -79.33 33.30
C LYS D 143 -36.48 -79.11 32.89
N CYS D 144 -36.22 -77.90 32.38
CA CYS D 144 -34.88 -77.48 31.91
C CYS D 144 -34.09 -77.00 33.12
N ASP D 145 -32.82 -77.33 33.11
CA ASP D 145 -31.94 -77.00 34.22
C ASP D 145 -30.63 -76.43 33.70
N ASN D 146 -29.74 -76.14 34.65
CA ASN D 146 -28.41 -75.59 34.37
C ASN D 146 -27.75 -76.19 33.12
N ALA D 147 -27.94 -77.49 32.90
CA ALA D 147 -27.37 -78.18 31.75
C ALA D 147 -28.28 -77.97 30.54
N CYS D 148 -29.54 -78.29 30.73
CA CYS D 148 -30.54 -78.16 29.69
C CYS D 148 -30.58 -76.73 29.18
N ILE D 149 -30.17 -75.79 30.02
CA ILE D 149 -30.15 -74.37 29.65
C ILE D 149 -29.26 -74.09 28.42
N GLU D 150 -28.07 -74.67 28.40
CA GLU D 150 -27.10 -74.48 27.30
C GLU D 150 -27.72 -74.88 25.99
N SER D 151 -29.03 -74.77 25.95
CA SER D 151 -29.84 -75.08 24.80
C SER D 151 -29.99 -73.80 24.00
N ILE D 152 -30.85 -72.93 24.51
CA ILE D 152 -31.14 -71.64 23.90
C ILE D 152 -29.91 -70.78 24.09
N ARG D 153 -29.31 -70.90 25.26
CA ARG D 153 -28.11 -70.15 25.62
C ARG D 153 -26.92 -70.74 24.86
N ASN D 154 -27.19 -71.20 23.65
CA ASN D 154 -26.19 -71.80 22.78
C ASN D 154 -26.81 -72.11 21.41
N GLY D 155 -28.11 -71.85 21.28
CA GLY D 155 -28.82 -72.10 20.03
C GLY D 155 -28.88 -73.60 19.78
N THR D 156 -28.62 -74.32 20.87
CA THR D 156 -28.62 -75.78 20.88
C THR D 156 -29.93 -76.29 21.49
N TYR D 157 -31.01 -76.10 20.74
CA TYR D 157 -32.32 -76.53 21.21
C TYR D 157 -33.25 -77.13 20.14
N ASP D 158 -33.67 -78.38 20.39
CA ASP D 158 -34.54 -79.09 19.47
C ASP D 158 -35.99 -78.89 19.96
N HIS D 159 -36.79 -78.17 19.17
CA HIS D 159 -38.19 -77.96 19.50
C HIS D 159 -38.93 -79.17 18.92
N ASP D 160 -38.16 -80.08 18.33
CA ASP D 160 -38.66 -81.29 17.72
C ASP D 160 -38.47 -82.50 18.67
N VAL D 161 -37.21 -82.78 18.99
CA VAL D 161 -36.84 -83.87 19.91
C VAL D 161 -37.38 -83.57 21.30
N TYR D 162 -36.76 -82.58 21.94
CA TYR D 162 -37.14 -82.13 23.27
C TYR D 162 -38.51 -81.39 23.15
N ARG D 163 -39.55 -82.13 22.74
CA ARG D 163 -40.90 -81.55 22.54
C ARG D 163 -41.96 -82.02 23.50
N ASP D 164 -41.81 -83.25 23.99
CA ASP D 164 -42.76 -83.89 24.91
C ASP D 164 -43.88 -82.97 25.47
N GLU D 165 -43.54 -82.09 26.41
CA GLU D 165 -44.52 -81.19 26.97
C GLU D 165 -44.94 -80.13 25.94
N ALA D 166 -45.94 -80.49 25.13
CA ALA D 166 -46.46 -79.61 24.09
C ALA D 166 -47.82 -79.03 24.49
N LEU D 167 -48.84 -79.40 23.73
CA LEU D 167 -50.23 -79.02 23.98
C LEU D 167 -50.60 -78.97 25.50
N ASN D 168 -50.14 -80.00 26.21
CA ASN D 168 -50.38 -80.22 27.64
C ASN D 168 -50.77 -79.02 28.52
N ASN D 169 -49.94 -78.75 29.54
CA ASN D 169 -50.14 -77.66 30.52
C ASN D 169 -50.68 -76.39 29.88
N ARG D 170 -50.64 -76.36 28.56
CA ARG D 170 -51.12 -75.25 27.77
C ARG D 170 -52.65 -75.14 27.89
N PHE D 171 -53.28 -75.29 26.73
CA PHE D 171 -54.72 -75.23 26.54
C PHE D 171 -55.34 -76.63 26.83
N GLN D 172 -54.48 -77.63 27.07
CA GLN D 172 -54.94 -78.99 27.33
C GLN D 172 -55.52 -79.25 28.73
N ILE D 173 -54.87 -78.72 29.78
CA ILE D 173 -55.34 -78.92 31.16
C ILE D 173 -56.73 -78.31 31.41
N LYS D 174 -57.55 -79.04 32.16
CA LYS D 174 -58.93 -78.68 32.51
C LYS D 174 -59.36 -77.21 32.42
N GLY D 175 -60.52 -77.01 31.79
CA GLY D 175 -61.10 -75.69 31.60
C GLY D 175 -62.38 -75.72 30.75
N SER E 9 -71.56 -64.70 17.48
CA SER E 9 -70.92 -65.70 18.39
C SER E 9 -70.04 -64.99 19.45
N THR E 10 -68.81 -64.62 19.05
CA THR E 10 -67.80 -63.93 19.91
C THR E 10 -67.58 -62.41 19.62
N ALA E 11 -66.32 -61.98 19.69
CA ALA E 11 -65.91 -60.58 19.42
C ALA E 11 -64.70 -60.47 18.45
N THR E 12 -64.65 -59.38 17.69
CA THR E 12 -63.56 -59.13 16.72
C THR E 12 -62.86 -57.80 17.14
N LEU E 13 -61.52 -57.73 17.06
CA LEU E 13 -60.81 -56.52 17.44
C LEU E 13 -59.89 -55.92 16.38
N CYS E 14 -60.29 -54.74 15.94
CA CYS E 14 -59.56 -53.97 14.95
C CYS E 14 -58.78 -52.88 15.69
N LEU E 15 -57.67 -52.44 15.11
CA LEU E 15 -56.85 -51.43 15.76
C LEU E 15 -56.13 -50.56 14.72
N GLY E 16 -55.60 -49.41 15.16
CA GLY E 16 -54.91 -48.56 14.22
C GLY E 16 -54.61 -47.12 14.64
N HIS E 17 -54.41 -46.28 13.62
CA HIS E 17 -54.10 -44.86 13.75
C HIS E 17 -55.39 -44.05 13.70
N HIS E 18 -55.44 -43.20 12.68
CA HIS E 18 -56.60 -42.39 12.42
C HIS E 18 -56.31 -41.64 11.11
N ALA E 19 -56.87 -40.44 10.93
CA ALA E 19 -56.62 -39.73 9.68
C ALA E 19 -57.37 -38.41 9.51
N VAL E 20 -57.48 -38.02 8.24
CA VAL E 20 -58.17 -36.82 7.78
C VAL E 20 -58.25 -36.80 6.24
N PRO E 21 -59.04 -35.86 5.68
CA PRO E 21 -59.18 -35.76 4.23
C PRO E 21 -58.39 -34.57 3.63
N ASN E 22 -58.18 -33.53 4.45
CA ASN E 22 -57.46 -32.31 4.08
C ASN E 22 -55.95 -32.38 4.35
N GLY E 23 -55.35 -33.51 4.00
CA GLY E 23 -53.93 -33.72 4.20
C GLY E 23 -53.07 -32.83 3.32
N THR E 24 -51.86 -32.55 3.81
CA THR E 24 -50.88 -31.68 3.14
C THR E 24 -49.68 -32.49 2.69
N LEU E 25 -49.16 -32.17 1.51
CA LEU E 25 -48.00 -32.91 0.99
C LEU E 25 -46.65 -32.48 1.59
N VAL E 26 -45.68 -33.41 1.59
CA VAL E 26 -44.34 -33.11 2.12
C VAL E 26 -43.20 -33.85 1.39
N LYS E 27 -41.97 -33.57 1.83
CA LYS E 27 -40.78 -34.17 1.25
C LYS E 27 -39.93 -34.82 2.35
N THR E 28 -39.32 -35.96 2.02
CA THR E 28 -38.44 -36.68 2.93
C THR E 28 -37.38 -37.45 2.13
N ILE E 29 -36.35 -37.87 2.84
CA ILE E 29 -35.25 -38.63 2.28
C ILE E 29 -35.54 -39.45 1.00
N THR E 30 -36.76 -40.03 0.94
CA THR E 30 -37.23 -40.89 -0.18
C THR E 30 -38.31 -40.33 -1.11
N ASP E 31 -39.38 -39.81 -0.51
CA ASP E 31 -40.48 -39.28 -1.30
C ASP E 31 -40.39 -37.78 -1.35
N ASP E 32 -40.51 -37.21 -2.54
CA ASP E 32 -40.48 -35.76 -2.60
C ASP E 32 -41.94 -35.32 -2.50
N GLN E 33 -42.80 -36.30 -2.25
CA GLN E 33 -44.24 -36.09 -2.12
C GLN E 33 -44.97 -37.13 -1.25
N ILE E 34 -45.63 -36.65 -0.20
CA ILE E 34 -46.38 -37.50 0.73
C ILE E 34 -47.42 -36.72 1.53
N GLU E 35 -48.52 -37.38 1.83
CA GLU E 35 -49.65 -36.77 2.53
C GLU E 35 -49.82 -37.05 4.02
N VAL E 36 -49.05 -36.35 4.86
CA VAL E 36 -49.15 -36.51 6.32
C VAL E 36 -50.41 -35.83 6.96
N THR E 37 -50.77 -36.27 8.17
CA THR E 37 -51.91 -35.69 8.89
C THR E 37 -51.74 -34.17 9.02
N ASN E 38 -50.75 -33.73 9.81
CA ASN E 38 -50.45 -32.30 10.03
C ASN E 38 -48.96 -31.94 9.86
N ALA E 39 -48.71 -30.80 9.22
CA ALA E 39 -47.35 -30.32 9.03
C ALA E 39 -47.36 -28.82 9.31
N THR E 40 -46.23 -28.26 9.73
CA THR E 40 -46.18 -26.83 10.00
C THR E 40 -45.08 -26.22 9.12
N GLU E 41 -45.12 -24.89 8.97
CA GLU E 41 -44.12 -24.24 8.14
C GLU E 41 -42.88 -23.79 8.90
N LEU E 42 -41.74 -23.86 8.24
CA LEU E 42 -40.48 -23.53 8.85
C LEU E 42 -39.74 -22.39 8.16
N VAL E 43 -40.38 -21.80 7.16
CA VAL E 43 -39.75 -20.73 6.38
C VAL E 43 -40.60 -19.49 6.21
N GLN E 44 -40.34 -18.50 7.05
CA GLN E 44 -41.08 -17.25 7.05
C GLN E 44 -41.43 -16.71 5.68
N SER E 45 -42.58 -17.12 5.17
CA SER E 45 -43.03 -16.70 3.87
C SER E 45 -42.85 -15.21 3.48
N SER E 46 -43.54 -14.30 4.17
CA SER E 46 -43.48 -12.88 3.85
C SER E 46 -43.80 -12.04 5.07
N SER E 47 -43.74 -10.72 4.89
CA SER E 47 -43.98 -9.75 5.96
C SER E 47 -44.93 -8.61 5.67
N THR E 48 -45.50 -8.11 6.76
CA THR E 48 -46.42 -7.00 6.80
C THR E 48 -45.95 -5.75 6.07
N GLY E 49 -44.76 -5.22 6.38
CA GLY E 49 -44.31 -4.03 5.68
C GLY E 49 -44.10 -2.75 6.49
N LYS E 50 -43.90 -2.87 7.80
CA LYS E 50 -43.68 -1.69 8.64
C LYS E 50 -42.63 -2.07 9.69
N ILE E 51 -41.76 -1.12 10.06
CA ILE E 51 -40.71 -1.40 11.03
C ILE E 51 -41.14 -1.10 12.45
N CYS E 52 -41.11 -2.10 13.32
CA CYS E 52 -41.53 -1.86 14.67
C CYS E 52 -40.58 -0.95 15.46
N ASN E 53 -41.10 0.20 15.92
CA ASN E 53 -40.33 1.17 16.69
C ASN E 53 -39.68 0.52 17.92
N ASN E 54 -40.15 -0.68 18.27
CA ASN E 54 -39.65 -1.47 19.40
C ASN E 54 -39.39 -2.91 18.96
N PRO E 55 -38.56 -3.65 19.71
CA PRO E 55 -37.88 -3.23 20.93
C PRO E 55 -36.54 -2.50 20.72
N HIS E 56 -36.25 -2.19 19.47
CA HIS E 56 -35.01 -1.51 19.18
C HIS E 56 -35.12 0.00 19.19
N ARG E 57 -33.99 0.67 19.00
CA ARG E 57 -33.93 2.13 18.99
C ARG E 57 -33.86 2.50 17.53
N ILE E 58 -34.96 2.89 16.92
CA ILE E 58 -34.90 3.25 15.51
C ILE E 58 -34.87 4.72 15.29
N LEU E 59 -34.04 5.15 14.34
CA LEU E 59 -33.90 6.56 14.02
C LEU E 59 -34.00 6.80 12.53
N ASP E 60 -35.10 7.42 12.12
CA ASP E 60 -35.38 7.71 10.71
C ASP E 60 -34.39 8.75 10.25
N GLY E 61 -33.60 8.37 9.26
CA GLY E 61 -32.64 9.33 8.75
C GLY E 61 -33.42 10.40 8.04
N ILE E 62 -34.62 10.03 7.61
CA ILE E 62 -35.44 10.99 6.91
C ILE E 62 -34.60 11.36 5.70
N ASP E 63 -34.46 12.67 5.43
CA ASP E 63 -33.69 13.13 4.29
C ASP E 63 -32.19 13.06 4.54
N CYS E 64 -31.82 13.02 5.79
CA CYS E 64 -30.43 12.95 6.08
C CYS E 64 -29.85 11.56 5.97
N THR E 65 -28.62 11.48 5.47
CA THR E 65 -27.87 10.23 5.32
C THR E 65 -26.90 10.25 6.49
N LEU E 66 -26.60 9.10 7.08
CA LEU E 66 -25.74 9.12 8.26
C LEU E 66 -24.49 9.98 8.14
N ILE E 67 -23.82 9.86 7.01
CA ILE E 67 -22.62 10.66 6.85
C ILE E 67 -22.93 12.13 7.02
N ASP E 68 -23.93 12.61 6.25
CA ASP E 68 -24.38 14.02 6.26
C ASP E 68 -24.84 14.40 7.65
N ALA E 69 -25.55 13.48 8.33
CA ALA E 69 -25.99 13.73 9.70
C ALA E 69 -24.72 13.91 10.53
N LEU E 70 -23.67 13.22 10.13
CA LEU E 70 -22.39 13.32 10.81
C LEU E 70 -21.76 14.68 10.59
N LEU E 71 -21.28 14.89 9.38
CA LEU E 71 -20.65 16.12 9.03
C LEU E 71 -21.45 17.33 9.51
N GLY E 72 -22.76 17.28 9.32
CA GLY E 72 -23.57 18.42 9.74
C GLY E 72 -24.05 19.28 8.59
N ASP E 73 -24.70 18.64 7.62
CA ASP E 73 -25.26 19.27 6.44
C ASP E 73 -26.05 20.41 7.01
N PRO E 74 -26.29 21.45 6.22
CA PRO E 74 -27.07 22.60 6.69
C PRO E 74 -28.41 22.14 7.20
N HIS E 75 -28.94 21.07 6.61
CA HIS E 75 -30.26 20.60 7.01
C HIS E 75 -30.39 19.39 7.88
N CYS E 76 -29.30 18.90 8.45
CA CYS E 76 -29.45 17.72 9.27
C CYS E 76 -29.27 18.10 10.69
N ASP E 77 -29.18 19.40 10.91
CA ASP E 77 -29.05 19.95 12.23
C ASP E 77 -30.01 19.19 13.13
N VAL E 78 -31.22 18.95 12.65
CA VAL E 78 -32.23 18.21 13.39
C VAL E 78 -31.66 16.96 14.09
N PHE E 79 -30.78 16.23 13.40
CA PHE E 79 -30.16 15.01 13.95
C PHE E 79 -28.93 15.23 14.84
N GLN E 80 -28.77 16.42 15.40
CA GLN E 80 -27.61 16.72 16.25
C GLN E 80 -27.47 15.71 17.37
N ASN E 81 -26.26 15.62 17.91
CA ASN E 81 -25.98 14.73 19.03
C ASN E 81 -26.84 13.46 19.13
N GLU E 82 -27.38 12.97 18.02
CA GLU E 82 -28.26 11.77 18.05
C GLU E 82 -27.61 10.49 18.51
N THR E 83 -28.42 9.44 18.65
CA THR E 83 -27.96 8.13 19.09
C THR E 83 -28.89 7.05 18.51
N TRP E 84 -28.54 5.80 18.75
CA TRP E 84 -29.38 4.75 18.21
C TRP E 84 -28.95 3.32 18.46
N ASP E 85 -29.59 2.44 17.69
CA ASP E 85 -29.38 1.02 17.74
C ASP E 85 -29.39 0.60 16.28
N LEU E 86 -30.25 1.25 15.49
CA LEU E 86 -30.38 0.97 14.06
C LEU E 86 -30.75 2.21 13.27
N PHE E 87 -29.76 2.81 12.61
CA PHE E 87 -29.97 4.02 11.81
C PHE E 87 -30.50 3.52 10.50
N VAL E 88 -31.57 4.14 10.07
CA VAL E 88 -32.23 3.74 8.83
C VAL E 88 -31.90 4.84 7.85
N GLU E 89 -31.39 4.46 6.69
CA GLU E 89 -31.07 5.45 5.67
C GLU E 89 -32.18 5.33 4.67
N ARG E 90 -32.72 6.48 4.24
CA ARG E 90 -33.82 6.53 3.28
C ARG E 90 -33.38 6.77 1.84
N SER E 91 -34.26 6.47 0.88
CA SER E 91 -33.98 6.69 -0.53
C SER E 91 -34.18 8.13 -0.94
N LYS E 92 -35.35 8.67 -0.68
CA LYS E 92 -35.63 10.05 -1.01
C LYS E 92 -34.55 10.95 -0.41
N ALA E 93 -33.57 10.35 0.25
CA ALA E 93 -32.51 11.09 0.94
C ALA E 93 -31.51 11.82 0.09
N PHE E 94 -31.09 12.97 0.61
CA PHE E 94 -30.12 13.82 -0.08
C PHE E 94 -29.23 14.62 0.83
N SER E 95 -28.23 15.24 0.20
CA SER E 95 -27.26 16.10 0.85
C SER E 95 -27.32 17.47 0.18
N ASN E 96 -27.39 18.53 0.98
CA ASN E 96 -27.48 19.90 0.48
C ASN E 96 -26.41 20.69 1.19
N CYS E 97 -25.19 20.66 0.67
CA CYS E 97 -24.07 21.33 1.30
C CYS E 97 -22.79 21.12 0.50
N TYR E 98 -21.88 22.09 0.52
CA TYR E 98 -20.58 22.00 -0.20
C TYR E 98 -20.38 20.60 -0.69
N PRO E 99 -20.39 20.37 -1.98
CA PRO E 99 -20.18 18.99 -2.44
C PRO E 99 -18.93 18.39 -1.82
N TYR E 100 -18.89 17.07 -1.64
CA TYR E 100 -17.72 16.43 -1.05
C TYR E 100 -17.54 14.99 -1.46
N ASP E 101 -16.33 14.50 -1.17
CA ASP E 101 -15.92 13.13 -1.47
C ASP E 101 -15.29 12.46 -0.21
N VAL E 102 -15.82 11.35 0.25
CA VAL E 102 -15.23 10.72 1.42
C VAL E 102 -14.61 9.45 0.89
N PRO E 103 -13.28 9.38 0.92
CA PRO E 103 -12.54 8.22 0.44
C PRO E 103 -12.81 7.14 1.46
N ASP E 104 -13.13 5.94 0.98
CA ASP E 104 -13.45 4.85 1.88
C ASP E 104 -14.62 5.34 2.75
N TYR E 105 -15.65 5.77 2.03
CA TYR E 105 -16.86 6.29 2.63
C TYR E 105 -17.44 5.15 3.42
N ALA E 106 -17.42 3.99 2.77
CA ALA E 106 -17.99 2.76 3.31
C ALA E 106 -17.71 2.59 4.77
N SER E 107 -16.43 2.60 5.09
CA SER E 107 -15.94 2.43 6.43
C SER E 107 -16.30 3.60 7.33
N LEU E 108 -16.04 4.84 6.91
CA LEU E 108 -16.39 5.99 7.75
C LEU E 108 -17.82 5.87 8.16
N ARG E 109 -18.61 5.16 7.34
CA ARG E 109 -20.04 4.90 7.53
C ARG E 109 -20.20 3.79 8.54
N SER E 110 -19.81 2.62 8.07
CA SER E 110 -19.87 1.40 8.85
C SER E 110 -19.33 1.52 10.27
N LEU E 111 -18.56 2.57 10.58
CA LEU E 111 -18.05 2.69 11.93
C LEU E 111 -18.83 3.74 12.67
N VAL E 112 -19.24 4.78 11.97
CA VAL E 112 -20.01 5.78 12.68
C VAL E 112 -21.31 5.09 12.96
N ALA E 113 -21.64 4.12 12.09
CA ALA E 113 -22.85 3.31 12.18
C ALA E 113 -22.75 2.35 13.38
N SER E 114 -21.69 1.56 13.41
CA SER E 114 -21.54 0.66 14.52
C SER E 114 -21.45 1.42 15.88
N SER E 115 -20.87 2.61 15.83
CA SER E 115 -20.70 3.41 17.01
C SER E 115 -22.06 3.74 17.56
N GLY E 116 -23.02 3.92 16.65
CA GLY E 116 -24.39 4.27 17.02
C GLY E 116 -24.59 5.53 17.87
N THR E 117 -23.81 6.59 17.58
CA THR E 117 -23.85 7.87 18.33
C THR E 117 -23.17 9.01 17.61
N LEU E 118 -23.76 10.19 17.60
CA LEU E 118 -23.14 11.35 16.96
C LEU E 118 -22.99 12.39 18.06
N GLU E 119 -22.90 11.89 19.29
CA GLU E 119 -22.72 12.72 20.48
C GLU E 119 -21.42 13.44 20.28
N PHE E 120 -21.44 14.78 20.28
CA PHE E 120 -20.23 15.57 19.98
C PHE E 120 -19.55 16.52 20.96
N ILE E 121 -18.45 16.11 21.56
CA ILE E 121 -17.79 17.04 22.45
C ILE E 121 -17.29 18.16 21.55
N THR E 122 -17.30 19.40 22.02
CA THR E 122 -16.85 20.49 21.17
C THR E 122 -15.61 21.20 21.69
N GLU E 123 -14.51 20.47 21.86
CA GLU E 123 -13.28 21.11 22.33
C GLU E 123 -12.81 22.26 21.38
N GLY E 124 -12.25 23.31 21.94
CA GLY E 124 -11.87 24.44 21.12
C GLY E 124 -10.42 24.63 20.79
N PHE E 125 -10.14 24.82 19.50
CA PHE E 125 -8.78 25.01 19.03
C PHE E 125 -8.43 26.48 18.95
N THR E 126 -7.14 26.73 18.71
CA THR E 126 -6.64 28.09 18.57
C THR E 126 -6.22 28.19 17.11
N TRP E 127 -7.08 28.70 16.24
CA TRP E 127 -6.67 28.80 14.86
C TRP E 127 -6.19 30.23 14.65
N THR E 128 -5.01 30.48 15.22
CA THR E 128 -4.34 31.77 15.20
C THR E 128 -3.72 32.23 13.90
N GLY E 129 -4.26 33.32 13.34
CA GLY E 129 -3.69 33.85 12.13
C GLY E 129 -4.29 33.39 10.85
N VAL E 130 -5.57 33.04 10.87
CA VAL E 130 -6.26 32.61 9.66
C VAL E 130 -7.75 32.91 9.92
N THR E 131 -8.57 32.98 8.88
CA THR E 131 -9.99 33.27 9.09
C THR E 131 -10.84 32.05 9.34
N GLN E 132 -11.37 31.96 10.56
CA GLN E 132 -12.22 30.85 10.97
C GLN E 132 -13.59 30.83 10.28
N ASN E 133 -14.49 30.03 10.85
CA ASN E 133 -15.84 29.88 10.35
C ASN E 133 -16.04 30.35 8.92
N GLY E 134 -15.91 29.42 7.96
CA GLY E 134 -16.09 29.75 6.56
C GLY E 134 -17.56 29.68 6.17
N GLY E 135 -17.87 29.81 4.89
CA GLY E 135 -19.26 29.74 4.46
C GLY E 135 -19.40 29.76 2.94
N SER E 136 -20.20 28.83 2.41
CA SER E 136 -20.43 28.77 0.96
C SER E 136 -21.93 28.78 0.59
N ASN E 137 -22.18 29.47 -0.49
CA ASN E 137 -23.52 29.64 -0.95
C ASN E 137 -24.19 28.35 -1.39
N ALA E 138 -23.50 27.24 -1.21
CA ALA E 138 -24.11 26.00 -1.62
C ALA E 138 -24.43 25.16 -0.41
N CYS E 139 -24.01 25.63 0.76
CA CYS E 139 -24.25 24.90 2.01
C CYS E 139 -24.71 26.03 2.88
N LYS E 140 -25.83 26.62 2.51
CA LYS E 140 -26.36 27.78 3.23
C LYS E 140 -27.16 27.44 4.42
N ARG E 141 -27.06 28.28 5.45
CA ARG E 141 -27.78 28.13 6.72
C ARG E 141 -28.86 29.20 6.84
N GLY E 142 -30.01 28.93 6.22
CA GLY E 142 -31.13 29.84 6.23
C GLY E 142 -31.11 30.92 5.14
N PRO E 143 -31.00 32.17 5.56
CA PRO E 143 -30.99 33.34 4.68
C PRO E 143 -29.75 33.47 3.80
N GLY E 144 -28.59 33.26 4.42
CA GLY E 144 -27.32 33.40 3.71
C GLY E 144 -26.38 32.21 3.75
N SER E 145 -25.11 32.46 3.45
CA SER E 145 -24.10 31.39 3.42
C SER E 145 -23.97 30.59 4.73
N GLY E 146 -23.50 29.35 4.60
CA GLY E 146 -23.33 28.47 5.75
C GLY E 146 -22.32 27.39 5.45
N PHE E 147 -22.17 26.44 6.36
CA PHE E 147 -21.19 25.38 6.15
C PHE E 147 -21.61 24.05 6.81
N PHE E 148 -20.65 23.29 7.32
CA PHE E 148 -20.93 22.01 7.98
C PHE E 148 -20.95 22.20 9.46
N SER E 149 -22.04 21.83 10.13
CA SER E 149 -22.06 22.03 11.57
C SER E 149 -20.78 21.64 12.32
N ARG E 150 -20.28 20.44 12.06
CA ARG E 150 -19.09 19.98 12.77
C ARG E 150 -17.79 20.34 12.10
N LEU E 151 -17.82 21.30 11.20
CA LEU E 151 -16.57 21.65 10.52
C LEU E 151 -16.16 23.12 10.44
N ASN E 152 -14.84 23.32 10.49
CA ASN E 152 -14.26 24.66 10.40
C ASN E 152 -13.41 24.86 9.15
N TRP E 153 -13.64 25.98 8.51
CA TRP E 153 -12.98 26.31 7.27
C TRP E 153 -12.02 27.46 7.55
N LEU E 154 -10.74 27.28 7.24
CA LEU E 154 -9.78 28.36 7.44
C LEU E 154 -9.22 28.87 6.12
N THR E 155 -9.30 30.20 5.98
CA THR E 155 -8.82 30.92 4.80
C THR E 155 -7.94 32.01 5.33
N LYS E 156 -7.05 32.50 4.47
CA LYS E 156 -6.10 33.55 4.82
C LYS E 156 -6.50 34.51 5.94
N SER E 157 -5.48 35.02 6.63
CA SER E 157 -5.56 35.96 7.75
C SER E 157 -5.96 37.37 7.35
N GLY E 158 -5.35 37.80 6.24
CA GLY E 158 -5.58 39.10 5.63
C GLY E 158 -4.80 39.12 4.32
N SER E 159 -3.53 38.77 4.40
CA SER E 159 -2.68 38.73 3.22
C SER E 159 -1.82 37.52 3.32
N THR E 160 -2.19 36.62 4.22
CA THR E 160 -1.40 35.42 4.40
C THR E 160 -2.05 34.24 5.17
N TYR E 161 -1.41 33.08 5.02
CA TYR E 161 -1.80 31.81 5.66
C TYR E 161 -0.49 31.28 6.22
N PRO E 162 -0.34 31.35 7.55
CA PRO E 162 0.84 30.88 8.27
C PRO E 162 0.75 29.40 8.49
N VAL E 163 1.87 28.72 8.67
CA VAL E 163 1.79 27.29 8.92
C VAL E 163 1.05 27.02 10.18
N LEU E 164 0.06 26.13 10.12
CA LEU E 164 -0.70 25.81 11.30
C LEU E 164 -0.11 24.63 12.06
N ASN E 165 0.00 24.82 13.37
CA ASN E 165 0.54 23.81 14.23
C ASN E 165 -0.29 23.78 15.54
N VAL E 166 -1.29 22.89 15.60
CA VAL E 166 -2.12 22.72 16.79
C VAL E 166 -2.03 21.30 17.38
N THR E 167 -2.01 21.22 18.69
CA THR E 167 -1.98 19.92 19.31
C THR E 167 -3.18 19.92 20.22
N MET E 168 -3.90 18.81 20.28
CA MET E 168 -5.10 18.73 21.10
C MET E 168 -5.10 17.31 21.64
N PRO E 169 -4.51 17.08 22.85
CA PRO E 169 -4.37 15.80 23.55
C PRO E 169 -5.65 15.22 24.04
N ASN E 170 -5.60 13.94 24.35
CA ASN E 170 -6.79 13.26 24.83
C ASN E 170 -6.64 12.73 26.25
N ASN E 171 -7.29 13.36 27.21
CA ASN E 171 -7.14 12.89 28.57
C ASN E 171 -8.21 11.92 29.06
N ASP E 172 -9.42 12.04 28.54
CA ASP E 172 -10.50 11.16 28.92
C ASP E 172 -10.11 9.70 28.75
N ASN E 173 -10.95 8.81 29.26
CA ASN E 173 -10.69 7.37 29.20
C ASN E 173 -11.31 6.65 28.01
N PHE E 174 -11.70 7.40 26.97
CA PHE E 174 -12.35 6.78 25.80
C PHE E 174 -11.85 7.23 24.49
N ASP E 175 -11.85 6.33 23.53
CA ASP E 175 -11.41 6.63 22.17
C ASP E 175 -12.12 7.90 21.68
N LYS E 176 -11.40 8.81 21.02
CA LYS E 176 -12.04 10.02 20.48
C LYS E 176 -11.99 9.86 18.97
N LEU E 177 -13.03 10.31 18.26
CA LEU E 177 -13.08 10.18 16.80
C LEU E 177 -13.13 11.53 16.11
N TYR E 178 -12.08 11.87 15.37
CA TYR E 178 -12.04 13.16 14.68
C TYR E 178 -12.34 13.09 13.20
N ILE E 179 -13.25 13.96 12.76
CA ILE E 179 -13.66 14.02 11.36
C ILE E 179 -13.21 15.36 10.82
N TRP E 180 -12.17 15.38 10.00
CA TRP E 180 -11.67 16.62 9.37
C TRP E 180 -11.66 16.60 7.84
N GLY E 181 -11.04 17.58 7.22
CA GLY E 181 -11.02 17.53 5.77
C GLY E 181 -10.00 18.46 5.11
N ILE E 182 -9.93 18.41 3.79
CA ILE E 182 -9.02 19.28 3.06
C ILE E 182 -9.80 19.87 1.90
N HIS E 183 -9.51 21.10 1.52
CA HIS E 183 -10.23 21.70 0.41
C HIS E 183 -9.51 21.70 -0.94
N HIS E 184 -10.19 21.27 -2.01
CA HIS E 184 -9.59 21.25 -3.37
C HIS E 184 -10.16 22.43 -4.17
N PRO E 185 -9.34 23.41 -4.56
CA PRO E 185 -9.85 24.56 -5.35
C PRO E 185 -9.92 24.22 -6.84
N SER E 186 -10.58 25.08 -7.61
CA SER E 186 -10.71 24.87 -9.07
C SER E 186 -9.55 25.36 -9.95
N THR E 187 -9.05 26.56 -9.69
CA THR E 187 -7.92 27.06 -10.48
C THR E 187 -6.71 27.39 -9.63
N ASN E 188 -5.53 27.24 -10.24
CA ASN E 188 -4.24 27.49 -9.57
C ASN E 188 -4.29 28.82 -8.91
N GLN E 189 -5.37 29.53 -9.23
CA GLN E 189 -5.59 30.83 -8.69
C GLN E 189 -6.63 30.84 -7.65
N GLU E 190 -7.40 29.77 -7.51
CA GLU E 190 -8.44 29.72 -6.45
C GLU E 190 -7.70 29.45 -5.14
N GLN E 191 -6.64 28.67 -5.26
CA GLN E 191 -5.82 28.36 -4.11
C GLN E 191 -5.36 29.75 -3.65
N THR E 192 -4.30 30.22 -4.30
CA THR E 192 -3.68 31.53 -4.08
C THR E 192 -4.66 32.45 -3.38
N SER E 193 -5.80 32.62 -4.03
CA SER E 193 -6.87 33.47 -3.54
C SER E 193 -7.16 33.18 -2.11
N LEU E 194 -7.31 31.88 -1.82
CA LEU E 194 -7.70 31.42 -0.51
C LEU E 194 -6.68 31.01 0.52
N TYR E 195 -5.67 30.29 0.11
CA TYR E 195 -4.73 29.82 1.09
C TYR E 195 -3.33 30.41 0.92
N VAL E 196 -3.18 31.37 0.01
CA VAL E 196 -1.90 32.03 -0.25
C VAL E 196 -1.00 31.05 -0.94
N GLN E 197 -0.30 30.25 -0.16
CA GLN E 197 0.60 29.25 -0.74
C GLN E 197 0.01 28.70 -2.05
N ALA E 198 0.88 28.27 -2.94
CA ALA E 198 0.44 27.74 -4.22
C ALA E 198 0.11 26.26 -4.13
N SER E 199 0.47 25.67 -3.00
CA SER E 199 0.26 24.25 -2.79
C SER E 199 0.06 24.00 -1.29
N GLY E 200 -1.15 23.57 -0.94
CA GLY E 200 -1.44 23.29 0.45
C GLY E 200 -0.75 22.04 0.95
N ARG E 201 -1.09 21.65 2.19
CA ARG E 201 -0.54 20.47 2.85
C ARG E 201 -1.20 20.31 4.22
N VAL E 202 -1.82 19.16 4.44
CA VAL E 202 -2.45 18.89 5.72
C VAL E 202 -1.94 17.60 6.33
N THR E 203 -1.73 17.63 7.65
CA THR E 203 -1.22 16.46 8.34
C THR E 203 -1.82 16.32 9.72
N VAL E 204 -2.45 15.18 9.93
CA VAL E 204 -3.10 14.89 11.18
C VAL E 204 -2.45 13.61 11.70
N SER E 205 -1.94 13.63 12.91
CA SER E 205 -1.31 12.43 13.42
C SER E 205 -1.44 12.29 14.93
N THR E 206 -0.97 11.13 15.44
CA THR E 206 -0.94 10.79 16.88
C THR E 206 0.37 10.05 17.09
N ARG E 207 0.62 9.52 18.29
CA ARG E 207 1.89 8.78 18.52
C ARG E 207 1.96 7.51 17.63
N ARG E 208 0.84 6.82 17.45
CA ARG E 208 0.81 5.60 16.64
C ARG E 208 0.27 5.76 15.22
N SER E 209 -0.36 6.92 14.96
CA SER E 209 -0.94 7.23 13.67
C SER E 209 -0.04 8.08 12.77
N GLN E 210 -0.68 8.80 11.86
CA GLN E 210 -0.05 9.68 10.89
C GLN E 210 -0.56 9.48 9.48
N GLN E 211 -1.08 10.56 8.90
CA GLN E 211 -1.60 10.58 7.52
C GLN E 211 -1.51 12.02 7.02
N THR E 212 -1.11 12.19 5.76
CA THR E 212 -1.00 13.54 5.20
C THR E 212 -1.60 13.57 3.81
N ILE E 213 -2.17 14.73 3.49
CA ILE E 213 -2.85 14.93 2.21
C ILE E 213 -2.48 16.26 1.54
N ILE E 214 -2.38 16.24 0.23
CA ILE E 214 -2.05 17.46 -0.48
C ILE E 214 -3.22 17.66 -1.41
N PRO E 215 -3.76 18.89 -1.52
CA PRO E 215 -4.89 19.12 -2.40
C PRO E 215 -4.56 18.95 -3.87
N ASN E 216 -5.55 18.54 -4.64
CA ASN E 216 -5.40 18.36 -6.08
C ASN E 216 -6.23 19.49 -6.63
N ILE E 217 -5.61 20.41 -7.36
CA ILE E 217 -6.33 21.56 -7.90
C ILE E 217 -6.93 21.22 -9.25
N GLY E 218 -8.06 21.84 -9.59
CA GLY E 218 -8.65 21.56 -10.89
C GLY E 218 -10.12 21.92 -11.15
N SER E 219 -10.82 21.10 -11.93
CA SER E 219 -12.21 21.34 -12.24
C SER E 219 -13.10 20.10 -12.21
N ARG E 220 -14.02 20.12 -11.28
CA ARG E 220 -14.97 19.06 -11.12
C ARG E 220 -16.28 19.60 -11.70
N PRO E 221 -17.21 18.71 -12.12
CA PRO E 221 -18.48 19.11 -12.69
C PRO E 221 -19.12 20.06 -11.74
N TRP E 222 -20.05 20.83 -12.30
CA TRP E 222 -20.74 21.82 -11.55
C TRP E 222 -21.77 21.33 -10.59
N VAL E 223 -21.39 21.22 -9.32
CA VAL E 223 -22.36 20.75 -8.32
C VAL E 223 -22.86 21.77 -7.28
N ARG E 224 -24.11 22.15 -7.44
CA ARG E 224 -24.65 23.08 -6.50
C ARG E 224 -23.81 24.34 -6.64
N GLY E 225 -23.67 24.79 -7.89
CA GLY E 225 -22.89 25.98 -8.21
C GLY E 225 -21.37 25.80 -8.27
N LEU E 226 -20.83 25.27 -7.18
CA LEU E 226 -19.39 25.05 -7.05
C LEU E 226 -18.78 24.04 -8.01
N SER E 227 -17.50 24.29 -8.37
CA SER E 227 -16.75 23.40 -9.27
C SER E 227 -15.57 22.78 -8.54
N SER E 228 -15.38 23.20 -7.30
CA SER E 228 -14.31 22.69 -6.46
C SER E 228 -15.04 21.90 -5.35
N ARG E 229 -14.31 21.14 -4.53
CA ARG E 229 -14.95 20.42 -3.46
C ARG E 229 -14.01 20.08 -2.38
N ILE E 230 -14.48 19.24 -1.47
CA ILE E 230 -13.77 18.82 -0.25
C ILE E 230 -13.66 17.30 -0.04
N SER E 231 -12.55 16.88 0.56
CA SER E 231 -12.26 15.50 0.92
C SER E 231 -12.39 15.37 2.43
N ILE E 232 -13.21 14.41 2.86
CA ILE E 232 -13.45 14.14 4.27
C ILE E 232 -12.58 13.00 4.74
N TYR E 233 -11.95 13.18 5.90
CA TYR E 233 -11.06 12.19 6.49
C TYR E 233 -11.33 12.00 7.99
N TRP E 234 -10.90 10.89 8.56
CA TRP E 234 -11.11 10.76 10.00
C TRP E 234 -9.87 10.26 10.71
N THR E 235 -9.76 10.65 11.95
CA THR E 235 -8.65 10.26 12.78
C THR E 235 -9.23 10.02 14.16
N ILE E 236 -8.88 8.87 14.78
CA ILE E 236 -9.31 8.56 16.15
C ILE E 236 -8.08 8.47 17.00
N VAL E 237 -8.21 8.98 18.21
CA VAL E 237 -7.09 9.00 19.13
C VAL E 237 -7.45 8.30 20.42
N LYS E 238 -6.73 7.22 20.73
CA LYS E 238 -6.97 6.44 21.93
C LYS E 238 -6.67 7.25 23.20
N PRO E 239 -7.29 6.88 24.30
CA PRO E 239 -6.93 7.69 25.46
C PRO E 239 -5.44 7.54 25.74
N GLY E 240 -4.81 8.66 26.10
CA GLY E 240 -3.40 8.67 26.44
C GLY E 240 -2.57 8.89 25.21
N ASP E 241 -3.07 9.73 24.30
CA ASP E 241 -2.34 10.01 23.07
C ASP E 241 -2.83 11.40 22.64
N VAL E 242 -2.01 12.13 21.88
CA VAL E 242 -2.38 13.47 21.49
C VAL E 242 -2.64 13.54 20.02
N LEU E 243 -3.44 14.54 19.62
CA LEU E 243 -3.80 14.77 18.21
C LEU E 243 -3.06 16.03 17.74
N VAL E 244 -2.54 15.98 16.51
CA VAL E 244 -1.86 17.14 15.97
C VAL E 244 -2.23 17.34 14.53
N ILE E 245 -2.50 18.60 14.23
CA ILE E 245 -2.90 19.03 12.91
C ILE E 245 -1.91 20.09 12.40
N ASN E 246 -1.21 19.77 11.33
CA ASN E 246 -0.24 20.69 10.76
C ASN E 246 -0.50 20.96 9.27
N SER E 247 -1.11 22.11 9.00
CA SER E 247 -1.48 22.55 7.66
C SER E 247 -1.00 23.97 7.35
N ASN E 248 -0.59 24.18 6.09
CA ASN E 248 -0.14 25.50 5.59
C ASN E 248 -1.13 26.06 4.54
N GLY E 249 -2.28 25.39 4.42
CA GLY E 249 -3.32 25.79 3.49
C GLY E 249 -4.33 24.69 3.20
N ASN E 250 -5.57 25.09 2.94
CA ASN E 250 -6.69 24.20 2.58
C ASN E 250 -7.20 23.36 3.74
N LEU E 251 -6.72 23.65 4.95
CA LEU E 251 -7.16 22.80 6.05
C LEU E 251 -8.59 23.12 6.31
N ILE E 252 -9.37 22.05 6.49
CA ILE E 252 -10.80 22.12 6.80
C ILE E 252 -10.89 21.46 8.16
N ALA E 253 -10.25 22.07 9.15
CA ALA E 253 -10.17 21.59 10.52
C ALA E 253 -11.47 21.21 11.22
N PRO E 254 -11.36 20.41 12.29
CA PRO E 254 -12.47 19.91 13.12
C PRO E 254 -12.74 20.73 14.35
N ARG E 255 -14.01 20.87 14.72
CA ARG E 255 -14.32 21.62 15.93
C ARG E 255 -14.31 20.75 17.22
N GLY E 256 -14.14 19.45 17.08
CA GLY E 256 -14.13 18.62 18.27
C GLY E 256 -14.16 17.15 17.92
N TYR E 257 -14.28 16.29 18.94
CA TYR E 257 -14.34 14.85 18.73
C TYR E 257 -15.72 14.25 19.00
N PHE E 258 -15.98 13.10 18.39
CA PHE E 258 -17.24 12.37 18.56
C PHE E 258 -16.95 11.28 19.54
N LYS E 259 -17.86 11.05 20.46
CA LYS E 259 -17.63 10.00 21.43
C LYS E 259 -17.64 8.73 20.64
N MET E 260 -17.08 7.69 21.21
CA MET E 260 -17.05 6.44 20.49
C MET E 260 -17.60 5.29 21.35
N ARG E 261 -18.80 4.78 21.01
CA ARG E 261 -19.36 3.67 21.78
C ARG E 261 -18.99 2.40 21.04
N THR E 262 -19.23 1.25 21.67
CA THR E 262 -18.94 -0.06 21.08
C THR E 262 -20.23 -0.78 20.76
N GLY E 263 -21.10 -0.86 21.78
CA GLY E 263 -22.41 -1.48 21.63
C GLY E 263 -22.89 -2.29 20.40
N LYS E 264 -24.20 -2.56 20.35
CA LYS E 264 -24.79 -3.40 19.30
C LYS E 264 -25.63 -2.69 18.24
N SER E 265 -25.17 -1.55 17.72
CA SER E 265 -25.96 -0.79 16.73
C SER E 265 -25.51 -0.93 15.28
N SER E 266 -26.38 -0.61 14.35
CA SER E 266 -26.06 -0.72 12.90
C SER E 266 -26.89 0.26 12.09
N ILE E 267 -26.87 0.07 10.78
CA ILE E 267 -27.57 0.91 9.82
C ILE E 267 -28.20 0.09 8.72
N MET E 268 -29.33 0.56 8.20
CA MET E 268 -30.02 -0.18 7.15
C MET E 268 -30.76 0.70 6.14
N ARG E 269 -30.65 0.33 4.86
CA ARG E 269 -31.31 1.04 3.78
C ARG E 269 -32.66 0.32 3.61
N SER E 270 -33.73 1.08 3.69
CA SER E 270 -35.04 0.50 3.62
C SER E 270 -36.05 1.56 3.56
N ASP E 271 -37.04 1.39 2.70
CA ASP E 271 -38.07 2.41 2.63
C ASP E 271 -39.29 2.24 3.54
N ALA E 272 -39.39 1.07 4.17
CA ALA E 272 -40.49 0.77 5.09
C ALA E 272 -40.61 1.84 6.16
N PRO E 273 -41.86 2.12 6.60
CA PRO E 273 -42.16 3.12 7.64
C PRO E 273 -42.06 2.53 9.03
N ILE E 274 -41.66 3.33 10.00
CA ILE E 274 -41.58 2.80 11.34
C ILE E 274 -42.99 2.91 11.88
N ASP E 275 -43.36 1.98 12.76
CA ASP E 275 -44.71 1.96 13.33
C ASP E 275 -44.55 1.56 14.79
N THR E 276 -45.64 1.62 15.53
CA THR E 276 -45.61 1.27 16.95
C THR E 276 -45.94 -0.21 17.17
N CYS E 277 -44.95 -0.94 17.68
CA CYS E 277 -45.07 -2.36 17.97
C CYS E 277 -43.74 -2.97 18.46
N ILE E 278 -43.66 -4.30 18.40
CA ILE E 278 -42.49 -5.05 18.85
C ILE E 278 -42.29 -6.11 17.79
N SER E 279 -41.04 -6.51 17.61
CA SER E 279 -40.62 -7.54 16.66
C SER E 279 -39.11 -7.54 16.65
N GLU E 280 -38.51 -8.43 17.42
CA GLU E 280 -37.07 -8.46 17.51
C GLU E 280 -36.36 -8.50 16.18
N CYS E 281 -37.08 -8.79 15.08
CA CYS E 281 -36.38 -8.86 13.78
C CYS E 281 -36.70 -7.87 12.71
N ILE E 282 -35.67 -7.14 12.26
CA ILE E 282 -35.85 -6.15 11.20
C ILE E 282 -35.27 -6.52 9.85
N THR E 283 -36.11 -6.39 8.84
CA THR E 283 -35.71 -6.69 7.50
C THR E 283 -35.97 -5.43 6.75
N PRO E 284 -35.07 -5.06 5.83
CA PRO E 284 -35.26 -3.84 5.04
C PRO E 284 -36.69 -3.92 4.49
N ASN E 285 -37.16 -5.17 4.38
CA ASN E 285 -38.49 -5.47 3.91
C ASN E 285 -39.61 -5.24 4.90
N GLY E 286 -39.32 -4.97 6.17
CA GLY E 286 -40.44 -4.72 7.05
C GLY E 286 -40.34 -4.93 8.55
N SER E 287 -39.98 -6.14 8.98
CA SER E 287 -39.91 -6.54 10.39
C SER E 287 -40.65 -7.86 10.38
N ILE E 288 -40.05 -8.91 10.88
CA ILE E 288 -40.78 -10.16 10.85
C ILE E 288 -40.81 -10.98 12.12
N PRO E 289 -41.64 -12.02 12.15
CA PRO E 289 -41.69 -12.83 13.36
C PRO E 289 -40.57 -13.88 13.35
N ASN E 290 -39.90 -13.93 14.48
CA ASN E 290 -38.78 -14.81 14.70
C ASN E 290 -39.10 -16.25 15.15
N ASP E 291 -40.38 -16.58 15.35
CA ASP E 291 -40.70 -17.94 15.80
C ASP E 291 -40.21 -19.03 14.84
N LYS E 292 -40.37 -18.87 13.54
CA LYS E 292 -39.90 -19.89 12.58
C LYS E 292 -38.40 -19.97 12.74
N PRO E 293 -37.77 -20.89 11.99
CA PRO E 293 -36.32 -21.04 12.07
C PRO E 293 -35.71 -20.39 10.84
N PHE E 294 -36.49 -20.33 9.78
CA PHE E 294 -36.04 -19.83 8.49
C PHE E 294 -36.90 -18.78 7.82
N GLN E 295 -36.29 -17.72 7.29
CA GLN E 295 -37.08 -16.74 6.57
C GLN E 295 -36.45 -16.50 5.20
N ASN E 296 -37.32 -16.17 4.26
CA ASN E 296 -36.91 -15.92 2.88
C ASN E 296 -37.37 -14.51 2.51
N VAL E 297 -37.44 -13.64 3.50
CA VAL E 297 -37.87 -12.25 3.31
C VAL E 297 -36.78 -11.40 2.64
N ASN E 298 -35.54 -11.43 3.17
CA ASN E 298 -34.42 -10.64 2.64
C ASN E 298 -33.17 -11.01 3.41
N LYS E 299 -32.10 -11.30 2.67
CA LYS E 299 -30.81 -11.68 3.23
C LYS E 299 -30.36 -10.71 4.29
N ILE E 300 -30.84 -9.48 4.21
CA ILE E 300 -30.42 -8.53 5.21
C ILE E 300 -31.37 -8.54 6.41
N THR E 301 -30.82 -8.85 7.58
CA THR E 301 -31.60 -8.87 8.80
C THR E 301 -30.90 -8.04 9.86
N TYR E 302 -31.56 -7.96 11.01
CA TYR E 302 -31.05 -7.25 12.17
C TYR E 302 -31.47 -8.05 13.39
N GLY E 303 -30.45 -8.52 14.12
CA GLY E 303 -30.66 -9.27 15.34
C GLY E 303 -31.64 -10.41 15.23
N ALA E 304 -32.09 -10.90 16.38
CA ALA E 304 -33.03 -12.01 16.47
C ALA E 304 -33.76 -12.19 15.15
N CYS E 305 -33.38 -13.19 14.35
CA CYS E 305 -34.03 -13.40 13.05
C CYS E 305 -33.75 -14.75 12.43
N PRO E 306 -34.72 -15.27 11.69
CA PRO E 306 -34.65 -16.55 11.00
C PRO E 306 -33.52 -16.62 9.98
N LYS E 307 -32.61 -17.54 10.15
CA LYS E 307 -31.54 -17.66 9.20
C LYS E 307 -32.12 -17.70 7.77
N TYR E 308 -31.56 -16.87 6.89
CA TYR E 308 -32.06 -16.77 5.53
C TYR E 308 -31.84 -17.98 4.67
N VAL E 309 -32.91 -18.47 4.03
CA VAL E 309 -32.83 -19.64 3.11
C VAL E 309 -33.33 -19.38 1.69
N LYS E 310 -32.90 -20.19 0.73
CA LYS E 310 -33.30 -19.96 -0.67
C LYS E 310 -34.78 -20.30 -0.94
N GLN E 311 -35.24 -21.33 -0.23
CA GLN E 311 -36.57 -21.89 -0.36
C GLN E 311 -37.68 -21.06 0.20
N ASN E 312 -38.74 -20.89 -0.58
CA ASN E 312 -39.87 -20.08 -0.13
C ASN E 312 -40.86 -20.79 0.75
N THR E 313 -40.56 -22.03 1.13
CA THR E 313 -41.44 -22.86 1.97
C THR E 313 -40.87 -24.21 2.30
N LEU E 314 -40.98 -24.61 3.55
CA LEU E 314 -40.50 -25.92 3.92
C LEU E 314 -41.45 -26.42 4.98
N LYS E 315 -42.31 -27.35 4.57
CA LYS E 315 -43.31 -27.92 5.48
C LYS E 315 -42.71 -29.03 6.33
N LEU E 316 -43.07 -29.05 7.61
CA LEU E 316 -42.57 -30.07 8.51
C LEU E 316 -43.68 -30.88 9.13
N ALA E 317 -43.60 -32.20 8.97
CA ALA E 317 -44.60 -33.10 9.54
C ALA E 317 -44.79 -32.99 11.05
N THR E 318 -45.98 -32.64 11.50
CA THR E 318 -46.24 -32.55 12.94
C THR E 318 -46.96 -33.82 13.36
N GLY E 319 -47.51 -34.54 12.37
CA GLY E 319 -48.24 -35.74 12.68
C GLY E 319 -47.88 -36.96 11.87
N MET E 320 -48.66 -38.03 12.05
CA MET E 320 -48.44 -39.30 11.34
C MET E 320 -48.85 -39.28 9.89
N ARG E 321 -48.54 -40.34 9.15
CA ARG E 321 -48.92 -40.30 7.76
C ARG E 321 -50.42 -40.15 7.66
N ASN E 322 -50.97 -40.51 6.51
CA ASN E 322 -52.38 -40.39 6.27
C ASN E 322 -52.76 -41.18 5.04
N VAL E 323 -53.87 -41.91 5.21
CA VAL E 323 -54.47 -42.73 4.16
C VAL E 323 -55.91 -42.24 3.91
N PRO E 324 -56.25 -42.04 2.61
CA PRO E 324 -57.55 -41.57 2.15
C PRO E 324 -58.78 -42.46 2.46
N GLU E 325 -59.88 -41.80 2.82
CA GLU E 325 -61.12 -42.48 3.11
C GLU E 325 -61.62 -43.10 1.80
N LYS E 326 -62.21 -42.27 0.93
CA LYS E 326 -62.77 -42.71 -0.36
C LYS E 326 -62.54 -41.76 -1.57
N GLN E 327 -61.82 -42.28 -2.58
CA GLN E 327 -61.53 -41.58 -3.86
C GLN E 327 -60.29 -40.65 -4.04
N THR E 328 -59.20 -40.89 -3.28
CA THR E 328 -57.97 -40.07 -3.38
C THR E 328 -56.66 -40.88 -3.53
N GLY F 1 -43.95 -46.12 6.20
CA GLY F 1 -43.97 -47.55 6.58
C GLY F 1 -42.60 -48.19 6.51
N LEU F 2 -41.73 -47.86 7.45
CA LEU F 2 -40.40 -48.48 7.51
C LEU F 2 -40.66 -49.65 8.45
N PHE F 3 -41.26 -49.32 9.60
CA PHE F 3 -41.63 -50.30 10.59
C PHE F 3 -42.69 -51.20 10.01
N GLY F 4 -43.25 -50.79 8.86
CA GLY F 4 -44.27 -51.56 8.18
C GLY F 4 -45.72 -51.11 8.35
N ALA F 5 -46.26 -51.40 9.53
CA ALA F 5 -47.64 -51.08 9.92
C ALA F 5 -48.41 -50.09 9.04
N ILE F 6 -48.58 -48.86 9.53
CA ILE F 6 -49.30 -47.81 8.83
C ILE F 6 -49.01 -47.73 7.35
N ALA F 7 -50.05 -47.51 6.55
CA ALA F 7 -49.91 -47.44 5.10
C ALA F 7 -49.14 -48.67 4.56
N GLY F 8 -48.95 -49.66 5.44
CA GLY F 8 -48.28 -50.91 5.13
C GLY F 8 -49.35 -51.99 5.11
N PHE F 9 -49.55 -52.71 6.22
CA PHE F 9 -50.58 -53.76 6.26
C PHE F 9 -51.94 -53.38 6.91
N ILE F 10 -52.01 -52.23 7.57
CA ILE F 10 -53.25 -51.75 8.18
C ILE F 10 -53.84 -50.76 7.16
N GLU F 11 -53.57 -51.04 5.88
CA GLU F 11 -53.97 -50.22 4.73
C GLU F 11 -55.30 -49.42 4.73
N ASN F 12 -55.94 -49.30 5.90
CA ASN F 12 -57.19 -48.57 6.01
C ASN F 12 -57.05 -47.34 6.90
N GLY F 13 -57.74 -46.27 6.49
CA GLY F 13 -57.71 -45.01 7.22
C GLY F 13 -58.89 -44.79 8.17
N TRP F 14 -58.57 -44.73 9.47
CA TRP F 14 -59.56 -44.55 10.53
C TRP F 14 -60.48 -43.32 10.57
N GLU F 15 -60.91 -42.93 9.37
CA GLU F 15 -61.84 -41.82 9.11
C GLU F 15 -61.82 -40.63 10.08
N GLY F 16 -62.59 -40.71 11.17
CA GLY F 16 -62.65 -39.59 12.09
C GLY F 16 -62.43 -39.92 13.55
N MET F 17 -61.42 -40.71 13.85
CA MET F 17 -61.15 -41.03 15.23
C MET F 17 -60.72 -39.71 15.89
N ILE F 18 -61.61 -38.97 16.53
CA ILE F 18 -61.19 -37.70 17.11
C ILE F 18 -60.81 -37.68 18.59
N ASP F 19 -61.14 -38.74 19.30
CA ASP F 19 -60.81 -38.80 20.71
C ASP F 19 -59.30 -39.09 20.94
N GLY F 20 -58.51 -38.93 19.87
CA GLY F 20 -57.09 -39.17 19.96
C GLY F 20 -56.42 -39.46 18.64
N TRP F 21 -55.29 -40.15 18.71
CA TRP F 21 -54.49 -40.52 17.54
C TRP F 21 -54.52 -42.06 17.30
N TYR F 22 -55.05 -42.79 18.27
CA TYR F 22 -55.10 -44.25 18.14
C TYR F 22 -56.31 -44.93 18.77
N GLY F 23 -56.26 -46.26 18.81
CA GLY F 23 -57.36 -47.01 19.37
C GLY F 23 -57.74 -48.31 18.65
N PHE F 24 -58.80 -48.95 19.16
CA PHE F 24 -59.30 -50.22 18.63
C PHE F 24 -60.74 -50.16 18.12
N ARG F 25 -61.22 -51.30 17.64
CA ARG F 25 -62.58 -51.45 17.10
C ARG F 25 -63.13 -52.82 17.49
N HIS F 26 -63.92 -52.87 18.57
CA HIS F 26 -64.51 -54.13 19.05
C HIS F 26 -65.80 -54.50 18.32
N GLN F 27 -65.91 -55.80 18.03
CA GLN F 27 -67.06 -56.38 17.32
C GLN F 27 -67.71 -57.42 18.23
N ASN F 28 -67.72 -57.14 19.53
CA ASN F 28 -68.32 -58.01 20.54
C ASN F 28 -69.82 -58.21 20.30
N SER F 29 -70.47 -58.89 21.24
CA SER F 29 -71.90 -59.14 21.17
C SER F 29 -72.70 -57.83 21.13
N GLU F 30 -72.21 -56.85 21.88
CA GLU F 30 -72.84 -55.54 21.99
C GLU F 30 -72.71 -54.62 20.77
N GLY F 31 -72.37 -55.20 19.62
CA GLY F 31 -72.21 -54.43 18.39
C GLY F 31 -70.79 -54.00 18.02
N THR F 32 -70.53 -52.70 18.06
CA THR F 32 -69.22 -52.17 17.72
C THR F 32 -68.89 -50.80 18.33
N GLY F 33 -67.72 -50.27 17.96
CA GLY F 33 -67.28 -48.97 18.48
C GLY F 33 -65.76 -48.81 18.52
N GLN F 34 -65.27 -47.71 17.93
CA GLN F 34 -63.83 -47.39 17.88
C GLN F 34 -63.35 -46.57 19.09
N ALA F 35 -62.64 -47.27 19.98
CA ALA F 35 -62.12 -46.71 21.23
C ALA F 35 -60.78 -46.00 21.07
N ALA F 36 -60.58 -44.95 21.85
CA ALA F 36 -59.36 -44.13 21.80
C ALA F 36 -58.27 -44.59 22.77
N ASP F 37 -57.01 -44.52 22.35
CA ASP F 37 -55.87 -44.93 23.19
C ASP F 37 -55.16 -43.75 23.90
N LEU F 38 -53.97 -43.98 24.49
CA LEU F 38 -53.26 -42.92 25.20
C LEU F 38 -51.74 -43.10 25.17
N LYS F 39 -51.23 -44.02 25.97
CA LYS F 39 -49.79 -44.26 26.03
C LYS F 39 -49.16 -44.43 24.64
N SER F 40 -49.98 -44.35 23.59
CA SER F 40 -49.43 -44.43 22.22
C SER F 40 -49.74 -43.09 21.51
N THR F 41 -50.96 -42.61 21.68
CA THR F 41 -51.31 -41.35 21.07
C THR F 41 -50.42 -40.31 21.69
N GLN F 42 -50.40 -40.24 23.02
CA GLN F 42 -49.56 -39.25 23.71
C GLN F 42 -48.07 -39.51 23.41
N ALA F 43 -47.70 -40.80 23.49
CA ALA F 43 -46.34 -41.26 23.23
C ALA F 43 -45.78 -40.69 21.94
N ALA F 44 -46.42 -40.98 20.82
CA ALA F 44 -45.92 -40.45 19.56
C ALA F 44 -45.87 -38.91 19.58
N ILE F 45 -47.05 -38.29 19.65
CA ILE F 45 -47.20 -36.84 19.72
C ILE F 45 -46.32 -36.29 20.85
N ASP F 46 -45.89 -37.15 21.75
CA ASP F 46 -45.01 -36.73 22.84
C ASP F 46 -43.70 -36.35 22.15
N GLN F 47 -43.22 -37.26 21.30
CA GLN F 47 -41.96 -37.11 20.55
C GLN F 47 -41.99 -36.07 19.45
N ILE F 48 -42.98 -36.15 18.58
CA ILE F 48 -43.11 -35.17 17.52
C ILE F 48 -42.98 -33.76 18.12
N ASN F 49 -43.69 -33.47 19.20
CA ASN F 49 -43.61 -32.17 19.85
C ASN F 49 -42.30 -32.02 20.63
N GLY F 50 -41.37 -32.92 20.35
CA GLY F 50 -40.06 -32.87 21.00
C GLY F 50 -39.01 -32.49 19.99
N LYS F 51 -39.01 -33.22 18.88
CA LYS F 51 -38.06 -32.96 17.81
C LYS F 51 -38.29 -31.55 17.32
N LEU F 52 -39.54 -31.14 17.41
CA LEU F 52 -39.99 -29.85 16.95
C LEU F 52 -39.56 -28.76 17.92
N ASN F 53 -39.81 -28.92 19.20
CA ASN F 53 -39.35 -27.85 20.06
C ASN F 53 -37.93 -27.56 19.66
N ARG F 54 -37.15 -28.61 19.43
CA ARG F 54 -35.76 -28.45 18.99
C ARG F 54 -35.79 -27.43 17.86
N VAL F 55 -36.22 -27.87 16.68
CA VAL F 55 -36.32 -27.02 15.48
C VAL F 55 -36.91 -25.64 15.73
N ILE F 56 -38.22 -25.55 15.69
CA ILE F 56 -38.86 -24.28 15.92
C ILE F 56 -38.25 -23.47 17.12
N GLU F 57 -38.64 -22.19 17.16
CA GLU F 57 -38.26 -21.19 18.15
C GLU F 57 -36.94 -21.36 18.92
N LYS F 58 -35.85 -20.83 18.37
CA LYS F 58 -34.58 -20.95 19.06
C LYS F 58 -33.57 -19.85 18.73
N THR F 59 -32.32 -20.26 18.51
CA THR F 59 -31.17 -19.36 18.24
C THR F 59 -31.16 -18.26 17.17
N ASN F 60 -30.00 -17.65 17.09
CA ASN F 60 -29.62 -16.63 16.14
C ASN F 60 -30.15 -15.21 16.24
N GLU F 61 -29.23 -14.32 16.64
CA GLU F 61 -29.46 -12.89 16.81
C GLU F 61 -28.13 -12.19 16.48
N LYS F 62 -28.02 -11.73 15.23
CA LYS F 62 -26.80 -11.04 14.75
C LYS F 62 -27.03 -9.54 14.45
N PHE F 63 -26.17 -8.69 14.96
CA PHE F 63 -26.44 -7.31 14.71
C PHE F 63 -25.74 -6.64 13.54
N HIS F 64 -24.63 -5.95 13.78
CA HIS F 64 -24.05 -5.24 12.66
C HIS F 64 -23.31 -6.17 11.72
N GLN F 65 -23.74 -6.23 10.48
CA GLN F 65 -23.05 -7.12 9.55
C GLN F 65 -22.35 -6.46 8.35
N ILE F 66 -22.11 -7.27 7.33
CA ILE F 66 -21.45 -6.83 6.11
C ILE F 66 -22.59 -6.40 5.28
N GLU F 67 -22.34 -5.51 4.30
CA GLU F 67 -23.40 -5.06 3.39
C GLU F 67 -23.75 -6.21 2.37
N LYS F 68 -24.89 -6.12 1.68
CA LYS F 68 -25.21 -7.20 0.75
C LYS F 68 -25.85 -6.81 -0.60
N GLU F 69 -26.25 -5.55 -0.76
CA GLU F 69 -26.80 -5.06 -2.01
C GLU F 69 -25.87 -3.91 -2.40
N PHE F 70 -25.60 -3.75 -3.68
CA PHE F 70 -24.64 -2.74 -4.06
C PHE F 70 -24.96 -1.74 -5.16
N SER F 71 -24.78 -0.45 -4.82
CA SER F 71 -25.03 0.70 -5.67
C SER F 71 -24.14 0.89 -6.87
N GLU F 72 -22.79 0.86 -6.72
CA GLU F 72 -21.85 1.03 -7.87
C GLU F 72 -20.82 -0.10 -8.09
N VAL F 73 -20.24 -0.19 -9.28
CA VAL F 73 -19.26 -1.25 -9.56
C VAL F 73 -17.94 -1.00 -8.83
N GLU F 74 -17.62 -1.82 -7.83
CA GLU F 74 -16.38 -1.66 -7.07
C GLU F 74 -15.25 -2.64 -7.43
N GLY F 75 -15.60 -3.89 -7.73
CA GLY F 75 -14.65 -4.94 -8.07
C GLY F 75 -13.90 -5.58 -6.90
N ARG F 76 -13.60 -6.86 -6.99
CA ARG F 76 -12.84 -7.56 -5.93
C ARG F 76 -13.53 -7.56 -4.57
N ILE F 77 -13.21 -6.60 -3.69
CA ILE F 77 -13.87 -6.59 -2.40
C ILE F 77 -15.34 -6.84 -2.60
N GLN F 78 -15.91 -6.09 -3.52
CA GLN F 78 -17.32 -6.27 -3.86
C GLN F 78 -17.48 -7.76 -4.16
N ASP F 79 -16.90 -8.19 -5.27
CA ASP F 79 -16.98 -9.58 -5.68
C ASP F 79 -16.98 -10.51 -4.47
N LEU F 80 -16.01 -10.30 -3.58
CA LEU F 80 -15.86 -11.10 -2.38
C LEU F 80 -17.04 -11.01 -1.34
N GLU F 81 -17.39 -9.78 -0.95
CA GLU F 81 -18.47 -9.49 -0.01
C GLU F 81 -19.72 -10.25 -0.42
N LYS F 82 -19.81 -10.54 -1.72
CA LYS F 82 -20.92 -11.26 -2.30
C LYS F 82 -20.72 -12.73 -1.99
N TYR F 83 -19.81 -13.31 -2.76
CA TYR F 83 -19.42 -14.71 -2.70
C TYR F 83 -19.28 -15.29 -1.28
N VAL F 84 -19.16 -14.41 -0.30
CA VAL F 84 -19.05 -14.85 1.09
C VAL F 84 -20.50 -15.10 1.54
N GLU F 85 -21.30 -14.04 1.46
CA GLU F 85 -22.69 -14.12 1.84
C GLU F 85 -23.41 -15.12 1.00
N ASP F 86 -23.18 -15.11 -0.30
CA ASP F 86 -23.87 -16.08 -1.17
C ASP F 86 -23.60 -17.46 -0.61
N THR F 87 -22.33 -17.85 -0.60
CA THR F 87 -21.92 -19.12 -0.05
C THR F 87 -22.67 -19.43 1.26
N LYS F 88 -22.71 -18.50 2.21
CA LYS F 88 -23.47 -18.74 3.44
C LYS F 88 -24.86 -19.22 3.01
N ILE F 89 -25.73 -18.31 2.57
CA ILE F 89 -27.09 -18.68 2.11
C ILE F 89 -27.11 -20.10 1.56
N ASP F 90 -26.42 -20.28 0.45
CA ASP F 90 -26.31 -21.58 -0.19
C ASP F 90 -26.21 -22.66 0.88
N LEU F 91 -25.20 -22.56 1.74
CA LEU F 91 -25.03 -23.57 2.77
C LEU F 91 -26.26 -23.70 3.63
N TRP F 92 -26.54 -22.66 4.39
CA TRP F 92 -27.70 -22.66 5.27
C TRP F 92 -28.88 -23.24 4.61
N SER F 93 -28.98 -23.08 3.31
CA SER F 93 -30.12 -23.67 2.62
C SER F 93 -30.03 -25.20 2.60
N TYR F 94 -28.96 -25.75 2.03
CA TYR F 94 -28.81 -27.19 2.05
C TYR F 94 -29.01 -27.72 3.51
N ASN F 95 -28.44 -27.06 4.51
CA ASN F 95 -28.64 -27.53 5.87
C ASN F 95 -30.08 -27.62 6.22
N ALA F 96 -30.87 -26.71 5.71
CA ALA F 96 -32.28 -26.70 6.01
C ALA F 96 -32.97 -27.75 5.13
N GLU F 97 -32.79 -27.62 3.84
CA GLU F 97 -33.39 -28.54 2.87
C GLU F 97 -33.03 -30.00 3.11
N LEU F 98 -32.79 -30.31 4.38
CA LEU F 98 -32.45 -31.68 4.75
C LEU F 98 -32.87 -31.90 6.17
N LEU F 99 -32.62 -30.92 7.01
CA LEU F 99 -33.03 -31.03 8.38
C LEU F 99 -34.43 -31.53 8.19
N VAL F 100 -35.09 -31.08 7.13
CA VAL F 100 -36.44 -31.54 6.85
C VAL F 100 -36.40 -32.98 6.35
N ALA F 101 -35.85 -33.23 5.16
CA ALA F 101 -35.77 -34.57 4.60
C ALA F 101 -35.57 -35.65 5.68
N LEU F 102 -34.70 -35.38 6.66
CA LEU F 102 -34.45 -36.33 7.77
C LEU F 102 -35.56 -36.19 8.78
N GLU F 103 -35.46 -35.24 9.70
CA GLU F 103 -36.51 -35.05 10.69
C GLU F 103 -37.85 -35.55 10.16
N ASN F 104 -38.18 -35.20 8.92
CA ASN F 104 -39.45 -35.59 8.28
C ASN F 104 -39.59 -37.12 8.08
N GLN F 105 -38.75 -37.69 7.21
CA GLN F 105 -38.78 -39.12 6.95
C GLN F 105 -38.85 -39.92 8.26
N HIS F 106 -38.05 -39.56 9.23
CA HIS F 106 -38.03 -40.24 10.49
C HIS F 106 -39.18 -39.79 11.32
N THR F 107 -39.88 -38.74 10.92
CA THR F 107 -41.03 -38.36 11.74
C THR F 107 -41.99 -39.52 11.52
N ILE F 108 -41.98 -40.04 10.30
CA ILE F 108 -42.80 -41.15 9.85
C ILE F 108 -42.56 -42.50 10.53
N ASP F 109 -41.40 -43.10 10.31
CA ASP F 109 -41.14 -44.38 10.93
C ASP F 109 -41.28 -44.19 12.41
N LEU F 110 -41.69 -42.99 12.84
CA LEU F 110 -41.84 -42.77 14.26
C LEU F 110 -43.29 -42.96 14.65
N THR F 111 -44.18 -42.83 13.68
CA THR F 111 -45.59 -43.03 13.97
C THR F 111 -45.91 -44.48 13.61
N ASP F 112 -45.36 -44.91 12.48
CA ASP F 112 -45.51 -46.27 11.97
C ASP F 112 -44.76 -47.18 12.95
N SER F 113 -44.53 -46.65 14.13
CA SER F 113 -43.82 -47.34 15.18
C SER F 113 -44.81 -47.72 16.23
N GLU F 114 -45.39 -46.71 16.86
CA GLU F 114 -46.37 -46.89 17.94
C GLU F 114 -47.43 -47.92 17.58
N MET F 115 -47.64 -48.08 16.27
CA MET F 115 -48.59 -49.03 15.72
C MET F 115 -48.03 -50.44 15.95
N ASN F 116 -47.14 -50.81 15.04
CA ASN F 116 -46.45 -52.11 15.05
C ASN F 116 -45.87 -52.43 16.43
N LYS F 117 -46.32 -51.69 17.47
CA LYS F 117 -45.84 -51.87 18.85
C LYS F 117 -47.00 -51.80 19.84
N LEU F 118 -48.20 -52.00 19.32
CA LEU F 118 -49.39 -52.03 20.14
C LEU F 118 -50.06 -53.36 19.82
N PHE F 119 -50.24 -53.61 18.52
CA PHE F 119 -50.81 -54.87 18.05
C PHE F 119 -49.79 -55.90 18.52
N GLU F 120 -48.53 -55.48 18.49
CA GLU F 120 -47.40 -56.28 18.93
C GLU F 120 -47.34 -56.25 20.45
N LYS F 121 -48.39 -55.73 21.06
CA LYS F 121 -48.46 -55.70 22.51
C LYS F 121 -49.60 -56.64 22.94
N THR F 122 -50.77 -56.40 22.36
CA THR F 122 -51.95 -57.22 22.64
C THR F 122 -51.50 -58.66 22.36
N ARG F 123 -50.92 -58.83 21.16
CA ARG F 123 -50.40 -60.10 20.68
C ARG F 123 -49.23 -60.44 21.60
N ARG F 124 -49.52 -60.44 22.89
CA ARG F 124 -48.52 -60.73 23.88
C ARG F 124 -49.27 -61.01 25.17
N GLN F 125 -50.09 -60.06 25.61
CA GLN F 125 -50.84 -60.21 26.85
C GLN F 125 -51.91 -61.30 26.76
N LEU F 126 -52.06 -61.86 25.57
CA LEU F 126 -53.03 -62.92 25.30
C LEU F 126 -52.46 -63.97 24.33
N ARG F 127 -52.35 -65.21 24.83
CA ARG F 127 -51.79 -66.36 24.09
C ARG F 127 -52.64 -66.86 22.92
N GLU F 128 -53.17 -68.09 23.05
CA GLU F 128 -54.02 -68.69 22.00
C GLU F 128 -55.48 -68.22 22.15
N ASN F 129 -55.67 -67.25 23.04
CA ASN F 129 -56.95 -66.63 23.35
C ASN F 129 -57.57 -65.89 22.11
N ALA F 130 -56.78 -65.70 21.04
CA ALA F 130 -57.21 -65.05 19.78
C ALA F 130 -56.03 -64.68 18.84
N GLU F 131 -56.33 -64.40 17.56
CA GLU F 131 -55.31 -63.98 16.55
C GLU F 131 -55.83 -62.90 15.55
N GLU F 132 -54.99 -61.90 15.24
CA GLU F 132 -55.33 -60.83 14.29
C GLU F 132 -55.92 -61.41 13.05
N MET F 133 -57.26 -61.49 13.01
CA MET F 133 -57.97 -62.04 11.86
C MET F 133 -57.25 -61.70 10.56
N GLY F 134 -56.53 -62.69 10.04
CA GLY F 134 -55.75 -62.50 8.83
C GLY F 134 -54.76 -61.44 9.24
N ASN F 135 -55.09 -60.19 8.89
CA ASN F 135 -54.31 -58.99 9.21
C ASN F 135 -55.29 -57.83 9.53
N GLY F 136 -54.73 -56.67 9.90
CA GLY F 136 -55.55 -55.52 10.25
C GLY F 136 -56.29 -55.67 11.59
N CYS F 137 -57.43 -56.40 11.56
CA CYS F 137 -58.25 -56.64 12.76
C CYS F 137 -57.90 -57.98 13.37
N PHE F 138 -58.44 -58.20 14.56
CA PHE F 138 -58.24 -59.43 15.33
C PHE F 138 -59.41 -60.46 15.19
N LYS F 139 -59.29 -61.56 15.92
CA LYS F 139 -60.28 -62.65 15.93
C LYS F 139 -60.33 -63.23 17.34
N ILE F 140 -61.47 -63.10 17.99
CA ILE F 140 -61.61 -63.60 19.36
C ILE F 140 -62.45 -64.90 19.49
N TYR F 141 -62.16 -65.68 20.52
CA TYR F 141 -62.85 -66.93 20.78
C TYR F 141 -63.83 -66.78 21.93
N HIS F 142 -63.60 -65.81 22.79
CA HIS F 142 -64.48 -65.57 23.93
C HIS F 142 -65.57 -64.58 23.57
N LYS F 143 -66.62 -64.60 24.38
CA LYS F 143 -67.75 -63.71 24.18
C LYS F 143 -67.48 -62.45 25.00
N CYS F 144 -66.46 -61.70 24.56
CA CYS F 144 -66.05 -60.47 25.21
C CYS F 144 -67.04 -59.37 24.85
N ASP F 145 -67.27 -58.48 25.80
CA ASP F 145 -68.20 -57.37 25.60
C ASP F 145 -67.67 -56.02 26.08
N ASN F 146 -68.49 -54.97 25.94
CA ASN F 146 -68.13 -53.63 26.37
C ASN F 146 -67.34 -53.68 27.68
N ALA F 147 -67.88 -54.39 28.66
CA ALA F 147 -67.22 -54.51 29.96
C ALA F 147 -65.95 -55.33 29.79
N CYS F 148 -66.10 -56.54 29.27
CA CYS F 148 -64.99 -57.46 29.03
C CYS F 148 -63.89 -56.75 28.25
N ILE F 149 -64.28 -55.80 27.40
CA ILE F 149 -63.34 -55.05 26.59
C ILE F 149 -62.24 -54.36 27.41
N GLU F 150 -62.62 -53.67 28.49
CA GLU F 150 -61.65 -52.98 29.38
C GLU F 150 -60.52 -53.89 29.89
N SER F 151 -60.29 -54.93 29.10
CA SER F 151 -59.25 -55.91 29.35
C SER F 151 -57.99 -55.39 28.65
N ILE F 152 -57.90 -55.69 27.35
CA ILE F 152 -56.78 -55.29 26.51
C ILE F 152 -56.73 -53.79 26.53
N ARG F 153 -57.91 -53.21 26.39
CA ARG F 153 -58.06 -51.77 26.39
C ARG F 153 -57.77 -51.27 27.82
N ASN F 154 -56.82 -51.92 28.48
CA ASN F 154 -56.45 -51.55 29.84
C ASN F 154 -55.33 -52.48 30.31
N GLY F 155 -54.93 -53.41 29.43
CA GLY F 155 -53.88 -54.35 29.78
C GLY F 155 -54.25 -55.18 30.99
N THR F 156 -55.57 -55.28 31.20
CA THR F 156 -56.17 -56.06 32.29
C THR F 156 -56.80 -57.33 31.71
N TYR F 157 -55.94 -58.19 31.16
CA TYR F 157 -56.41 -59.43 30.53
C TYR F 157 -55.57 -60.68 30.86
N ASP F 158 -56.27 -61.69 31.40
CA ASP F 158 -55.68 -62.96 31.80
C ASP F 158 -55.85 -64.00 30.66
N HIS F 159 -54.75 -64.31 29.98
CA HIS F 159 -54.81 -65.30 28.91
C HIS F 159 -54.76 -66.66 29.61
N ASP F 160 -54.67 -66.58 30.95
CA ASP F 160 -54.58 -67.71 31.87
C ASP F 160 -55.97 -68.07 32.41
N VAL F 161 -56.50 -67.17 33.24
CA VAL F 161 -57.83 -67.31 33.83
C VAL F 161 -58.84 -67.32 32.68
N TYR F 162 -59.01 -66.18 32.03
CA TYR F 162 -59.94 -66.06 30.91
C TYR F 162 -59.31 -66.80 29.71
N ARG F 163 -59.33 -68.15 29.75
CA ARG F 163 -58.74 -68.98 28.70
C ARG F 163 -59.63 -70.07 28.09
N ASP F 164 -60.64 -70.49 28.84
CA ASP F 164 -61.55 -71.55 28.39
C ASP F 164 -61.50 -71.84 26.89
N GLU F 165 -62.03 -70.93 26.08
CA GLU F 165 -62.02 -71.11 24.65
C GLU F 165 -60.59 -71.00 24.13
N ALA F 166 -59.90 -72.13 24.05
CA ALA F 166 -58.54 -72.17 23.55
C ALA F 166 -58.52 -72.97 22.22
N LEU F 167 -57.94 -74.17 22.30
CA LEU F 167 -57.83 -75.09 21.16
C LEU F 167 -59.08 -75.05 20.27
N ASN F 168 -60.22 -75.23 20.93
CA ASN F 168 -61.55 -75.27 20.32
C ASN F 168 -61.76 -74.81 18.89
N ASN F 169 -62.56 -73.74 18.74
CA ASN F 169 -62.91 -73.15 17.44
C ASN F 169 -61.70 -73.04 16.50
N ARG F 170 -60.51 -73.21 17.09
CA ARG F 170 -59.26 -73.15 16.34
C ARG F 170 -59.12 -74.30 15.36
N PHE F 171 -58.13 -75.13 15.64
CA PHE F 171 -57.78 -76.31 14.85
C PHE F 171 -58.59 -77.53 15.33
N GLN F 172 -59.24 -77.38 16.49
CA GLN F 172 -60.03 -78.47 17.09
C GLN F 172 -61.32 -78.83 16.34
N ILE F 173 -62.06 -77.83 15.88
CA ILE F 173 -63.31 -78.07 15.15
C ILE F 173 -63.10 -78.82 13.83
N LYS F 174 -63.99 -79.79 13.60
CA LYS F 174 -64.02 -80.69 12.44
C LYS F 174 -63.26 -80.26 11.19
N GLY F 175 -62.55 -81.25 10.62
CA GLY F 175 -61.76 -81.01 9.43
C GLY F 175 -60.83 -82.16 9.09
N GLN G 1 32.11 4.92 -40.44
CA GLN G 1 31.32 3.88 -41.17
C GLN G 1 29.97 4.33 -41.77
N ILE G 2 29.29 5.24 -41.10
CA ILE G 2 28.00 5.72 -41.60
C ILE G 2 28.00 7.25 -41.77
N VAL G 3 28.30 7.68 -42.99
CA VAL G 3 28.44 9.08 -43.33
C VAL G 3 27.13 9.81 -43.57
N LEU G 4 26.99 10.99 -42.95
CA LEU G 4 25.83 11.86 -43.11
C LEU G 4 26.27 13.07 -43.90
N THR G 5 25.42 13.58 -44.80
CA THR G 5 25.73 14.80 -45.57
C THR G 5 24.53 15.77 -45.53
N GLN G 6 24.71 16.91 -44.88
CA GLN G 6 23.64 17.91 -44.79
C GLN G 6 23.86 18.73 -46.04
N SER G 7 22.79 19.12 -46.72
CA SER G 7 22.93 19.77 -48.02
C SER G 7 23.52 21.16 -48.38
N PRO G 8 22.86 22.26 -47.98
CA PRO G 8 23.40 23.58 -48.31
C PRO G 8 24.78 23.89 -47.75
N ALA G 9 25.17 23.20 -46.68
CA ALA G 9 26.47 23.37 -46.04
C ALA G 9 26.67 24.82 -45.60
N ILE G 10 26.23 25.76 -46.41
CA ILE G 10 26.33 27.17 -46.10
C ILE G 10 25.19 27.73 -46.90
N MET G 11 24.34 28.56 -46.28
CA MET G 11 23.21 29.15 -47.01
C MET G 11 22.54 30.32 -46.31
N SER G 12 21.62 30.96 -47.01
CA SER G 12 20.91 32.09 -46.41
C SER G 12 19.45 32.14 -46.85
N ALA G 13 18.71 33.01 -46.18
CA ALA G 13 17.30 33.19 -46.41
C ALA G 13 16.90 34.50 -45.69
N SER G 14 15.61 34.76 -45.62
CA SER G 14 15.16 35.98 -45.01
C SER G 14 14.18 35.78 -43.89
N PRO G 15 14.04 36.80 -43.03
CA PRO G 15 13.12 36.73 -41.89
C PRO G 15 11.67 36.52 -42.37
N GLY G 16 11.26 35.26 -42.50
CA GLY G 16 9.92 34.98 -42.93
C GLY G 16 9.88 33.86 -43.93
N GLU G 17 11.04 33.43 -44.41
CA GLU G 17 11.05 32.36 -45.40
C GLU G 17 10.90 30.97 -44.78
N LYS G 18 10.61 29.99 -45.60
CA LYS G 18 10.44 28.63 -45.14
C LYS G 18 11.77 27.90 -45.38
N VAL G 19 12.70 28.00 -44.42
CA VAL G 19 14.04 27.34 -44.52
C VAL G 19 14.05 25.80 -44.32
N THR G 20 14.82 25.09 -45.14
CA THR G 20 14.82 23.64 -45.04
C THR G 20 16.13 22.85 -45.25
N LEU G 21 16.62 22.32 -44.13
CA LEU G 21 17.86 21.58 -44.09
C LEU G 21 17.60 20.09 -44.33
N THR G 22 18.58 19.38 -44.91
CA THR G 22 18.46 17.94 -45.16
C THR G 22 19.65 17.21 -44.53
N CYS G 23 19.65 15.89 -44.61
CA CYS G 23 20.75 15.16 -44.05
C CYS G 23 20.65 13.72 -44.54
N SER G 24 21.46 13.34 -45.54
CA SER G 24 21.46 11.99 -46.10
C SER G 24 22.25 11.06 -45.20
N ALA G 25 22.34 9.78 -45.54
CA ALA G 25 23.08 8.88 -44.65
C ALA G 25 23.50 7.51 -45.20
N SER G 26 24.80 7.32 -45.41
CA SER G 26 25.31 6.06 -45.94
C SER G 26 24.25 4.98 -46.04
N SER G 27 23.84 4.47 -44.87
CA SER G 27 22.82 3.42 -44.77
C SER G 27 21.55 3.97 -44.15
N THR G 28 20.73 3.09 -43.60
CA THR G 28 19.47 3.52 -43.01
C THR G 28 19.56 3.61 -41.49
N ILE G 29 18.80 4.56 -40.92
CA ILE G 29 18.78 4.68 -39.47
C ILE G 29 17.33 4.68 -39.07
N THR G 30 17.05 4.05 -37.93
CA THR G 30 15.71 3.94 -37.40
C THR G 30 15.23 5.26 -36.80
N SER G 31 14.13 5.77 -37.34
CA SER G 31 13.53 7.03 -36.93
C SER G 31 13.47 7.36 -35.44
N SER G 32 14.60 7.35 -34.76
CA SER G 32 14.61 7.67 -33.34
C SER G 32 16.01 7.60 -32.80
N PHE G 33 16.95 7.69 -33.71
CA PHE G 33 18.34 7.68 -33.34
C PHE G 33 18.99 8.70 -34.21
N LEU G 34 18.16 9.64 -34.64
CA LEU G 34 18.67 10.73 -35.44
C LEU G 34 18.28 12.04 -34.72
N TYR G 35 19.23 12.93 -34.49
CA TYR G 35 18.85 14.14 -33.83
C TYR G 35 19.45 15.27 -34.57
N TRP G 36 19.19 16.47 -34.08
CA TRP G 36 19.74 17.68 -34.66
C TRP G 36 20.27 18.55 -33.54
N TYR G 37 21.36 19.27 -33.84
CA TYR G 37 21.97 20.18 -32.89
C TYR G 37 22.02 21.57 -33.48
N GLN G 38 21.72 22.61 -32.69
CA GLN G 38 21.77 24.01 -33.13
C GLN G 38 22.95 24.74 -32.51
N GLN G 39 24.07 24.84 -33.19
CA GLN G 39 25.19 25.51 -32.60
C GLN G 39 25.42 26.94 -33.07
N LYS G 40 25.68 27.85 -32.13
CA LYS G 40 25.96 29.25 -32.46
C LYS G 40 27.42 29.42 -32.10
N PRO G 41 28.13 30.39 -32.70
CA PRO G 41 29.54 30.56 -32.37
C PRO G 41 29.77 30.80 -30.84
N GLY G 42 30.92 30.32 -30.35
CA GLY G 42 31.30 30.47 -28.95
C GLY G 42 30.54 29.63 -27.93
N SER G 43 29.58 28.85 -28.42
CA SER G 43 28.78 28.04 -27.53
C SER G 43 29.27 26.62 -27.47
N SER G 44 28.38 25.73 -27.88
CA SER G 44 28.61 24.29 -27.92
C SER G 44 27.29 23.79 -28.48
N PRO G 45 27.33 22.76 -29.31
CA PRO G 45 26.07 22.30 -29.86
C PRO G 45 25.02 22.24 -28.77
N LYS G 46 23.82 22.74 -29.06
CA LYS G 46 22.70 22.72 -28.13
C LYS G 46 21.74 21.74 -28.77
N LEU G 47 21.18 20.81 -28.01
CA LEU G 47 20.25 19.86 -28.62
C LEU G 47 19.01 20.55 -29.19
N TRP G 48 18.48 20.03 -30.28
CA TRP G 48 17.29 20.62 -30.91
C TRP G 48 16.15 19.64 -31.27
N ILE G 49 16.49 18.40 -31.61
CA ILE G 49 15.45 17.44 -31.97
C ILE G 49 15.81 15.98 -31.73
N TYR G 50 15.02 15.30 -30.92
CA TYR G 50 15.31 13.91 -30.67
C TYR G 50 14.29 13.03 -31.33
N SER G 51 14.59 11.75 -31.37
CA SER G 51 13.71 10.79 -32.00
C SER G 51 13.27 11.32 -33.35
N THR G 52 14.20 11.80 -34.17
CA THR G 52 13.83 12.25 -35.51
C THR G 52 12.84 13.38 -35.71
N SER G 53 12.02 13.67 -34.70
CA SER G 53 10.99 14.69 -34.86
C SER G 53 10.42 15.49 -33.70
N ASN G 54 10.97 15.32 -32.49
CA ASN G 54 10.50 16.03 -31.28
C ASN G 54 11.45 17.12 -30.76
N LEU G 55 10.96 18.32 -30.60
CA LEU G 55 11.80 19.42 -30.15
C LEU G 55 12.25 19.22 -28.71
N ALA G 56 13.50 19.54 -28.40
CA ALA G 56 14.04 19.38 -27.04
C ALA G 56 13.62 20.56 -26.17
N SER G 57 13.66 20.33 -24.84
CA SER G 57 13.22 21.33 -23.83
C SER G 57 13.30 22.85 -24.04
N GLY G 58 12.84 23.36 -25.17
CA GLY G 58 12.92 24.80 -25.30
C GLY G 58 12.74 25.31 -26.71
N VAL G 59 13.30 24.58 -27.65
CA VAL G 59 13.21 24.94 -29.04
C VAL G 59 11.82 25.56 -29.26
N PRO G 60 11.72 26.59 -30.11
CA PRO G 60 10.43 27.21 -30.36
C PRO G 60 9.66 26.54 -31.50
N ALA G 61 8.34 26.72 -31.48
CA ALA G 61 7.45 26.18 -32.48
C ALA G 61 7.92 26.19 -33.96
N ARG G 62 8.27 27.35 -34.49
CA ARG G 62 8.69 27.44 -35.89
C ARG G 62 9.54 26.30 -36.51
N PHE G 63 10.12 25.46 -35.66
CA PHE G 63 10.91 24.35 -36.10
C PHE G 63 10.08 23.04 -36.18
N SER G 64 9.80 22.57 -37.39
CA SER G 64 9.11 21.30 -37.47
C SER G 64 10.29 20.33 -37.52
N GLY G 65 10.03 19.04 -37.70
CA GLY G 65 11.13 18.07 -37.77
C GLY G 65 10.69 16.84 -38.51
N SER G 66 11.61 16.14 -39.16
CA SER G 66 11.20 14.94 -39.88
C SER G 66 12.35 14.07 -40.37
N GLY G 67 12.02 13.00 -41.11
CA GLY G 67 13.03 12.12 -41.67
C GLY G 67 12.66 10.65 -41.68
N SER G 68 12.95 9.96 -42.78
CA SER G 68 12.57 8.56 -42.89
C SER G 68 13.66 7.52 -43.03
N GLY G 69 14.01 7.21 -44.26
CA GLY G 69 15.02 6.21 -44.50
C GLY G 69 16.44 6.66 -44.25
N THR G 70 17.11 6.97 -45.33
CA THR G 70 18.48 7.42 -45.27
C THR G 70 18.44 8.91 -45.53
N SER G 71 17.26 9.50 -45.36
CA SER G 71 17.13 10.93 -45.61
C SER G 71 16.14 11.58 -44.67
N TYR G 72 16.59 12.70 -44.07
CA TYR G 72 15.83 13.47 -43.09
C TYR G 72 15.63 14.89 -43.47
N SER G 73 15.30 15.72 -42.49
CA SER G 73 15.08 17.15 -42.74
C SER G 73 15.10 18.02 -41.48
N LEU G 74 14.71 19.29 -41.64
CA LEU G 74 14.61 20.24 -40.52
C LEU G 74 13.32 21.03 -40.75
N THR G 75 13.45 22.28 -41.19
CA THR G 75 12.31 23.15 -41.53
C THR G 75 11.90 24.17 -40.49
N ILE G 76 11.59 25.36 -40.98
CA ILE G 76 11.17 26.45 -40.12
C ILE G 76 9.98 27.17 -40.74
N SER G 77 8.97 27.38 -39.89
CA SER G 77 7.73 28.07 -40.25
C SER G 77 8.08 29.37 -40.96
N SER G 78 8.77 30.23 -40.22
CA SER G 78 9.24 31.47 -40.82
C SER G 78 10.73 31.33 -40.68
N LEU G 79 11.36 32.35 -40.12
CA LEU G 79 12.80 32.36 -39.92
C LEU G 79 13.02 33.65 -39.19
N GLU G 80 13.75 33.61 -38.10
CA GLU G 80 13.97 34.85 -37.37
C GLU G 80 15.47 35.08 -37.29
N ALA G 81 15.86 36.33 -37.11
CA ALA G 81 17.28 36.69 -37.01
C ALA G 81 17.99 35.68 -36.14
N GLU G 82 17.37 35.48 -34.97
CA GLU G 82 17.81 34.54 -33.96
C GLU G 82 18.14 33.12 -34.49
N ASP G 83 17.18 32.46 -35.11
CA ASP G 83 17.40 31.12 -35.65
C ASP G 83 18.62 30.99 -36.52
N GLY G 84 19.30 32.10 -36.77
CA GLY G 84 20.47 32.10 -37.64
C GLY G 84 21.75 31.47 -37.12
N ALA G 85 22.05 30.27 -37.57
CA ALA G 85 23.25 29.63 -37.12
C ALA G 85 23.57 28.41 -37.98
N SER G 86 24.16 27.39 -37.35
CA SER G 86 24.58 26.18 -38.05
C SER G 86 23.93 24.97 -37.43
N TYR G 87 23.76 23.93 -38.22
CA TYR G 87 23.11 22.74 -37.73
C TYR G 87 23.80 21.42 -38.06
N PHE G 88 23.65 20.44 -37.16
CA PHE G 88 24.24 19.14 -37.40
C PHE G 88 23.26 18.07 -36.99
N CYS G 89 23.04 17.14 -37.92
CA CYS G 89 22.19 16.01 -37.65
C CYS G 89 23.11 14.95 -37.04
N HIS G 90 22.67 14.39 -35.94
CA HIS G 90 23.47 13.39 -35.27
C HIS G 90 22.77 12.07 -35.56
N GLN G 91 23.51 10.97 -35.44
CA GLN G 91 22.96 9.62 -35.66
C GLN G 91 23.43 8.70 -34.57
N TRP G 92 22.58 7.82 -34.00
CA TRP G 92 23.00 6.87 -32.92
C TRP G 92 22.73 5.41 -33.19
N GLU G 93 22.40 5.12 -34.44
CA GLU G 93 22.17 3.76 -34.89
C GLU G 93 23.41 2.92 -34.48
N THR G 94 24.30 2.70 -35.45
CA THR G 94 25.53 1.93 -35.28
C THR G 94 26.59 2.63 -34.45
N PHE G 95 27.42 1.85 -33.74
CA PHE G 95 28.42 2.36 -32.82
C PHE G 95 29.39 3.49 -33.09
N PRO G 96 29.86 3.68 -34.35
CA PRO G 96 30.78 4.82 -34.45
C PRO G 96 29.88 6.02 -34.64
N ARG G 97 29.54 6.70 -33.54
CA ARG G 97 28.65 7.84 -33.58
C ARG G 97 29.13 8.85 -34.61
N THR G 98 28.20 9.34 -35.42
CA THR G 98 28.57 10.28 -36.47
C THR G 98 27.92 11.69 -36.39
N PHE G 99 28.21 12.55 -37.35
CA PHE G 99 27.67 13.92 -37.27
C PHE G 99 27.62 14.60 -38.66
N GLY G 100 28.60 14.23 -39.49
CA GLY G 100 28.73 14.81 -40.81
C GLY G 100 29.13 16.27 -40.68
N GLY G 101 29.02 17.02 -41.77
CA GLY G 101 29.35 18.42 -41.70
C GLY G 101 28.20 19.10 -41.02
N GLY G 102 27.83 20.27 -41.50
CA GLY G 102 26.69 20.96 -40.93
C GLY G 102 26.26 21.91 -42.02
N THR G 103 25.13 22.59 -41.81
CA THR G 103 24.65 23.57 -42.80
C THR G 103 24.57 24.93 -42.11
N LYS G 104 25.50 25.81 -42.45
CA LYS G 104 25.57 27.12 -41.85
C LYS G 104 24.32 27.82 -42.25
N LEU G 105 24.01 28.96 -41.63
CA LEU G 105 22.82 29.70 -42.05
C LEU G 105 23.02 31.17 -41.74
N GLU G 106 23.37 31.94 -42.76
CA GLU G 106 23.55 33.38 -42.62
C GLU G 106 22.16 33.94 -42.85
N ILE G 107 21.97 35.21 -42.51
CA ILE G 107 20.67 35.80 -42.69
C ILE G 107 20.69 36.98 -43.66
N LYS G 108 19.51 37.53 -43.94
CA LYS G 108 19.35 38.69 -44.82
C LYS G 108 18.92 39.93 -44.05
N ARG G 109 19.45 41.07 -44.46
CA ARG G 109 19.14 42.26 -43.71
C ARG G 109 19.85 43.42 -44.30
N ALA G 110 19.08 44.51 -44.31
CA ALA G 110 19.49 45.78 -44.84
C ALA G 110 20.25 45.50 -46.14
N ASP G 111 21.22 46.39 -46.25
CA ASP G 111 22.20 46.59 -47.24
C ASP G 111 22.45 47.88 -46.54
N ALA G 112 23.60 48.05 -45.92
CA ALA G 112 23.87 49.31 -45.24
C ALA G 112 25.39 49.42 -45.12
N ALA G 113 25.92 50.60 -44.81
CA ALA G 113 27.35 50.79 -44.77
C ALA G 113 28.06 50.64 -43.45
N PRO G 114 29.40 50.64 -43.54
CA PRO G 114 30.28 50.52 -42.39
C PRO G 114 30.33 51.81 -41.65
N THR G 115 30.93 51.75 -40.49
CA THR G 115 31.12 52.91 -39.68
C THR G 115 32.58 52.67 -39.36
N VAL G 116 33.46 53.49 -39.94
CA VAL G 116 34.90 53.29 -39.78
C VAL G 116 35.61 54.22 -38.82
N SER G 117 36.79 53.79 -38.39
CA SER G 117 37.60 54.60 -37.49
C SER G 117 39.07 54.23 -37.60
N ILE G 118 39.96 55.24 -37.47
CA ILE G 118 41.40 54.99 -37.55
C ILE G 118 42.09 55.25 -36.19
N PHE G 119 43.08 54.42 -35.85
CA PHE G 119 43.81 54.53 -34.57
C PHE G 119 45.36 54.57 -34.60
N PRO G 120 45.94 55.49 -33.82
CA PRO G 120 47.38 55.71 -33.69
C PRO G 120 48.03 54.63 -32.86
N PRO G 121 49.31 54.37 -33.09
CA PRO G 121 49.95 53.33 -32.28
C PRO G 121 50.15 53.87 -30.86
N SER G 122 50.01 53.01 -29.84
CA SER G 122 50.12 53.42 -28.42
C SER G 122 51.48 53.97 -28.06
N LYS G 123 51.46 54.87 -27.07
CA LYS G 123 52.69 55.51 -26.58
C LYS G 123 53.51 54.35 -26.08
N ILE G 124 52.78 53.37 -25.58
CA ILE G 124 53.37 52.15 -25.10
C ILE G 124 53.87 51.37 -26.38
N GLN G 125 52.89 50.86 -27.14
CA GLN G 125 53.12 50.12 -28.36
C GLN G 125 54.34 50.69 -29.05
N LEU G 126 54.48 52.01 -28.95
CA LEU G 126 55.59 52.67 -29.59
C LEU G 126 56.83 52.37 -28.83
N THR G 127 56.84 52.72 -27.56
CA THR G 127 58.00 52.50 -26.72
C THR G 127 58.59 51.07 -26.84
N SER G 128 58.05 50.26 -27.76
CA SER G 128 58.50 48.87 -27.96
C SER G 128 59.09 48.64 -29.34
N GLY G 129 59.13 49.70 -30.14
CA GLY G 129 59.67 49.58 -31.47
C GLY G 129 58.56 49.34 -32.47
N GLY G 130 57.41 48.93 -31.96
CA GLY G 130 56.26 48.64 -32.81
C GLY G 130 55.32 49.81 -33.00
N ALA G 131 54.61 49.82 -34.13
CA ALA G 131 53.66 50.88 -34.49
C ALA G 131 52.41 50.25 -35.10
N SER G 132 51.45 49.94 -34.25
CA SER G 132 50.29 49.30 -34.76
C SER G 132 49.20 50.32 -35.01
N VAL G 133 48.86 50.51 -36.30
CA VAL G 133 47.80 51.42 -36.75
C VAL G 133 46.56 50.60 -37.13
N VAL G 134 45.60 50.57 -36.22
CA VAL G 134 44.41 49.78 -36.43
C VAL G 134 43.19 50.54 -36.93
N CYS G 135 42.50 49.97 -37.92
CA CYS G 135 41.34 50.56 -38.54
C CYS G 135 40.15 49.58 -38.52
N PHE G 136 39.08 49.99 -37.84
CA PHE G 136 37.87 49.17 -37.71
C PHE G 136 36.84 49.58 -38.71
N LEU G 137 36.07 48.61 -39.17
CA LEU G 137 35.03 48.81 -40.15
C LEU G 137 33.84 48.01 -39.67
N ASN G 138 33.02 48.66 -38.85
CA ASN G 138 31.88 47.98 -38.24
C ASN G 138 30.49 47.92 -38.90
N ASN G 139 29.71 46.97 -38.37
CA ASN G 139 28.34 46.63 -38.74
C ASN G 139 27.83 46.99 -40.14
N PHE G 140 28.58 46.61 -41.16
CA PHE G 140 28.15 46.90 -42.53
C PHE G 140 27.44 45.71 -43.08
N TYR G 141 26.89 45.83 -44.30
CA TYR G 141 26.25 44.67 -44.80
C TYR G 141 27.13 43.66 -45.51
N PRO G 142 26.73 43.15 -46.69
CA PRO G 142 27.62 42.11 -47.27
C PRO G 142 29.02 41.89 -46.65
N LYS G 143 29.25 40.65 -46.23
CA LYS G 143 30.50 40.26 -45.59
C LYS G 143 31.70 40.73 -46.42
N ASP G 144 31.47 41.04 -47.69
CA ASP G 144 32.56 41.49 -48.56
C ASP G 144 32.76 43.02 -48.59
N ILE G 145 34.00 43.40 -48.32
CA ILE G 145 34.43 44.78 -48.26
C ILE G 145 35.91 44.76 -48.58
N ASN G 146 36.47 45.91 -48.97
CA ASN G 146 37.89 45.94 -49.26
C ASN G 146 38.61 47.21 -48.87
N VAL G 147 39.48 47.10 -47.88
CA VAL G 147 40.22 48.25 -47.42
C VAL G 147 41.49 48.40 -48.17
N LYS G 148 42.10 49.56 -48.00
CA LYS G 148 43.34 49.88 -48.65
C LYS G 148 44.04 50.80 -47.67
N TRP G 149 45.27 50.47 -47.30
CA TRP G 149 46.00 51.34 -46.38
C TRP G 149 46.80 52.34 -47.22
N LYS G 150 46.69 53.61 -46.90
CA LYS G 150 47.41 54.56 -47.68
C LYS G 150 48.64 55.20 -47.11
N ILE G 151 48.61 55.87 -45.96
CA ILE G 151 49.84 56.56 -45.49
C ILE G 151 50.01 57.88 -46.29
N ASP G 152 50.88 57.86 -47.29
CA ASP G 152 51.09 59.01 -48.16
C ASP G 152 50.53 58.58 -49.57
N GLY G 153 50.78 57.31 -49.93
CA GLY G 153 50.32 56.72 -51.18
C GLY G 153 50.43 55.19 -51.05
N SER G 154 49.44 54.46 -51.57
CA SER G 154 49.46 52.98 -51.52
C SER G 154 48.16 52.22 -51.98
N GLU G 155 48.26 51.29 -52.95
CA GLU G 155 47.10 50.45 -53.43
C GLU G 155 47.26 48.96 -53.09
N ARG G 156 48.45 48.39 -53.32
CA ARG G 156 48.71 46.97 -53.05
C ARG G 156 49.08 46.59 -51.61
N GLN G 157 49.24 45.28 -51.38
CA GLN G 157 49.60 44.73 -50.08
C GLN G 157 50.76 45.50 -49.43
N ASN G 158 50.86 45.43 -48.11
CA ASN G 158 51.93 46.14 -47.42
C ASN G 158 52.45 45.26 -46.24
N GLY G 159 51.72 45.36 -45.13
CA GLY G 159 52.01 44.64 -43.89
C GLY G 159 50.77 44.70 -43.00
N VAL G 160 49.61 44.60 -43.66
CA VAL G 160 48.30 44.62 -43.00
C VAL G 160 47.76 43.20 -42.75
N LEU G 161 46.93 43.03 -41.73
CA LEU G 161 46.32 41.73 -41.42
C LEU G 161 44.87 42.00 -41.07
N ASN G 162 43.97 41.14 -41.52
CA ASN G 162 42.55 41.40 -41.23
C ASN G 162 41.88 40.22 -40.54
N SER G 163 40.63 40.40 -40.11
CA SER G 163 39.87 39.32 -39.50
C SER G 163 38.45 39.76 -39.27
N TRP G 164 37.56 39.43 -40.21
CA TRP G 164 36.15 39.81 -40.12
C TRP G 164 35.55 38.99 -38.97
N THR G 165 34.27 39.22 -38.67
CA THR G 165 33.61 38.50 -37.60
C THR G 165 32.42 37.80 -38.20
N ASP G 166 31.57 37.15 -37.41
CA ASP G 166 30.41 36.44 -37.97
C ASP G 166 29.18 37.34 -37.89
N GLN G 167 28.14 36.98 -38.64
CA GLN G 167 26.89 37.75 -38.62
C GLN G 167 26.43 38.07 -37.16
N ASP G 168 26.32 39.34 -36.83
CA ASP G 168 25.93 39.77 -35.48
C ASP G 168 24.64 39.15 -34.96
N SER G 169 24.38 39.42 -33.68
CA SER G 169 23.20 38.96 -32.98
C SER G 169 21.91 39.46 -33.66
N LYS G 170 21.57 40.70 -33.33
CA LYS G 170 20.39 41.43 -33.81
C LYS G 170 20.61 42.30 -35.06
N ASP G 171 21.87 42.57 -35.37
CA ASP G 171 22.27 43.36 -36.52
C ASP G 171 22.35 42.51 -37.74
N SER G 172 22.86 41.30 -37.57
CA SER G 172 23.08 40.38 -38.67
C SER G 172 23.98 41.11 -39.67
N THR G 173 24.85 41.96 -39.09
CA THR G 173 25.82 42.77 -39.81
C THR G 173 27.16 42.12 -39.65
N TYR G 174 28.22 42.83 -40.04
CA TYR G 174 29.59 42.35 -39.89
C TYR G 174 30.45 43.52 -39.55
N SER G 175 31.72 43.21 -39.28
CA SER G 175 32.76 44.19 -38.91
C SER G 175 34.06 43.55 -39.29
N MET G 176 35.02 44.34 -39.70
CA MET G 176 36.27 43.74 -40.09
C MET G 176 37.36 44.38 -39.28
N SER G 177 38.62 44.19 -39.65
CA SER G 177 39.71 44.84 -38.92
C SER G 177 41.10 44.66 -39.50
N SER G 178 41.55 45.70 -40.18
CA SER G 178 42.88 45.69 -40.75
C SER G 178 43.75 46.28 -39.68
N THR G 179 45.03 45.99 -39.70
CA THR G 179 45.90 46.54 -38.70
C THR G 179 47.28 46.68 -39.26
N LEU G 180 47.75 47.93 -39.27
CA LEU G 180 49.05 48.22 -39.80
C LEU G 180 50.19 48.21 -38.76
N THR G 181 51.22 47.42 -38.99
CA THR G 181 52.32 47.37 -38.04
C THR G 181 53.64 47.78 -38.68
N LEU G 182 54.34 48.72 -38.05
CA LEU G 182 55.60 49.20 -38.58
C LEU G 182 56.64 49.44 -37.54
N THR G 183 57.85 49.76 -38.00
CA THR G 183 58.94 50.05 -37.08
C THR G 183 58.67 51.43 -36.52
N LYS G 184 58.94 51.61 -35.24
CA LYS G 184 58.71 52.90 -34.63
C LYS G 184 59.18 53.95 -35.62
N ASP G 185 60.42 53.79 -36.08
CA ASP G 185 61.04 54.72 -37.01
C ASP G 185 60.23 54.90 -38.27
N GLU G 186 60.13 53.82 -39.03
CA GLU G 186 59.40 53.90 -40.28
C GLU G 186 58.00 54.51 -40.08
N TYR G 187 57.57 54.59 -38.83
CA TYR G 187 56.27 55.16 -38.58
C TYR G 187 56.55 56.60 -38.39
N GLU G 188 57.59 56.92 -37.67
CA GLU G 188 57.91 58.31 -37.48
C GLU G 188 58.60 58.72 -38.79
N ARG G 189 58.14 58.16 -39.90
CA ARG G 189 58.71 58.52 -41.18
C ARG G 189 57.86 59.61 -41.83
N HIS G 190 56.53 59.48 -41.74
CA HIS G 190 55.59 60.49 -42.29
C HIS G 190 54.49 60.65 -41.30
N ASN G 191 53.52 61.53 -41.57
CA ASN G 191 52.41 61.74 -40.62
C ASN G 191 51.04 61.67 -41.30
N SER G 192 51.03 60.84 -42.34
CA SER G 192 49.87 60.62 -43.19
C SER G 192 49.45 59.15 -43.04
N TYR G 193 48.19 58.90 -42.71
CA TYR G 193 47.73 57.51 -42.53
C TYR G 193 46.25 57.22 -42.76
N THR G 194 45.88 57.11 -44.04
CA THR G 194 44.50 56.86 -44.41
C THR G 194 44.15 55.43 -44.59
N CYS G 195 42.92 55.15 -44.20
CA CYS G 195 42.37 53.82 -44.27
C CYS G 195 41.23 54.02 -45.25
N GLU G 196 41.09 53.08 -46.19
CA GLU G 196 40.08 53.19 -47.22
C GLU G 196 39.02 52.09 -47.23
N ALA G 197 37.83 52.41 -46.73
CA ALA G 197 36.74 51.42 -46.72
C ALA G 197 35.93 51.53 -48.04
N THR G 198 35.91 50.48 -48.86
CA THR G 198 35.20 50.52 -50.16
C THR G 198 34.03 49.57 -50.17
N HIS G 199 32.83 50.06 -50.43
CA HIS G 199 31.70 49.13 -50.37
C HIS G 199 30.64 49.13 -51.50
N LYS G 200 29.77 48.11 -51.44
CA LYS G 200 28.66 47.92 -52.38
C LYS G 200 27.68 49.03 -52.01
N THR G 201 27.88 49.54 -50.81
CA THR G 201 27.10 50.63 -50.28
C THR G 201 27.27 51.85 -51.19
N SER G 202 28.34 52.64 -51.09
CA SER G 202 28.46 53.75 -52.04
C SER G 202 29.67 53.49 -52.93
N THR G 203 29.80 54.26 -53.99
CA THR G 203 30.93 54.05 -54.89
C THR G 203 32.15 54.70 -54.29
N SER G 204 32.00 55.88 -53.70
CA SER G 204 33.16 56.59 -53.12
C SER G 204 33.63 56.08 -51.75
N PRO G 205 34.65 55.22 -51.76
CA PRO G 205 35.29 54.58 -50.60
C PRO G 205 35.51 55.37 -49.32
N ILE G 206 34.48 55.41 -48.48
CA ILE G 206 34.49 56.06 -47.16
C ILE G 206 35.89 56.07 -46.60
N VAL G 207 36.60 57.18 -46.73
CA VAL G 207 37.97 57.27 -46.23
C VAL G 207 37.97 57.83 -44.83
N LYS G 208 38.97 57.47 -44.01
CA LYS G 208 39.11 57.99 -42.63
C LYS G 208 40.56 58.03 -42.27
N SER G 209 40.97 58.99 -41.43
CA SER G 209 42.39 59.11 -41.02
C SER G 209 42.60 60.32 -40.12
N PHE G 210 42.64 61.47 -40.79
CA PHE G 210 42.83 62.78 -40.20
C PHE G 210 42.28 63.81 -41.25
N ASN G 211 40.99 63.66 -41.58
CA ASN G 211 40.29 64.51 -42.57
C ASN G 211 39.96 65.91 -41.97
N ARG G 212 40.72 66.26 -40.92
CA ARG G 212 40.65 67.54 -40.21
C ARG G 212 42.10 67.68 -39.73
N ASN G 213 42.32 68.56 -38.75
CA ASN G 213 43.68 68.81 -38.21
C ASN G 213 44.53 67.56 -38.13
N ASP H 1 29.60 26.18 -10.80
CA ASP H 1 30.10 24.74 -10.81
C ASP H 1 28.88 23.83 -10.37
N VAL H 2 28.49 22.86 -11.22
CA VAL H 2 27.38 21.81 -11.06
C VAL H 2 26.88 21.12 -12.41
N HIS H 3 27.85 20.91 -13.30
CA HIS H 3 27.65 20.33 -14.62
C HIS H 3 28.97 19.64 -15.00
N LEU H 4 29.52 20.06 -16.14
CA LEU H 4 30.75 19.51 -16.68
C LEU H 4 31.82 20.54 -16.99
N GLN H 5 33.03 20.34 -16.47
CA GLN H 5 34.13 21.26 -16.72
C GLN H 5 35.32 20.53 -17.33
N GLU H 6 35.70 20.93 -18.55
CA GLU H 6 36.84 20.33 -19.27
C GLU H 6 38.03 20.85 -18.56
N SER H 7 39.21 20.37 -18.94
CA SER H 7 40.45 20.85 -18.34
C SER H 7 41.73 20.27 -18.99
N GLY H 8 42.86 20.88 -18.67
CA GLY H 8 44.12 20.42 -19.23
C GLY H 8 44.86 21.55 -19.89
N PRO H 9 46.03 21.25 -20.45
CA PRO H 9 46.91 22.19 -21.14
C PRO H 9 46.30 22.87 -22.37
N GLY H 10 46.87 24.02 -22.70
CA GLY H 10 46.41 24.76 -23.85
C GLY H 10 47.19 24.22 -25.04
N LEU H 11 48.22 23.46 -24.75
CA LEU H 11 49.01 22.93 -25.85
C LEU H 11 50.00 21.84 -25.46
N VAL H 12 50.63 21.29 -26.52
CA VAL H 12 51.69 20.27 -26.49
C VAL H 12 52.33 20.05 -27.84
N LYS H 13 53.56 19.50 -27.79
CA LYS H 13 54.31 19.25 -28.99
C LYS H 13 53.93 17.98 -29.66
N PRO H 14 53.81 18.05 -30.97
CA PRO H 14 53.43 16.87 -31.71
C PRO H 14 54.20 15.66 -31.18
N SER H 15 53.43 14.64 -30.76
CA SER H 15 53.92 13.35 -30.25
C SER H 15 53.72 13.04 -28.78
N GLN H 16 53.89 14.03 -27.89
CA GLN H 16 53.73 13.77 -26.47
C GLN H 16 52.35 13.17 -26.22
N SER H 17 51.87 13.30 -24.99
CA SER H 17 50.56 12.77 -24.66
C SER H 17 49.60 13.83 -24.12
N LEU H 18 48.37 13.81 -24.66
CA LEU H 18 47.36 14.76 -24.25
C LEU H 18 46.56 14.12 -23.16
N SER H 19 46.16 14.86 -22.14
CA SER H 19 45.40 14.28 -21.04
C SER H 19 44.26 15.09 -20.42
N LEU H 20 43.13 15.16 -21.15
CA LEU H 20 41.96 15.92 -20.70
C LEU H 20 41.31 15.45 -19.42
N THR H 21 40.30 16.19 -18.99
CA THR H 21 39.61 15.86 -17.77
C THR H 21 38.33 16.60 -17.72
N CYS H 22 37.31 15.91 -17.21
CA CYS H 22 35.96 16.44 -17.08
C CYS H 22 35.47 16.30 -15.64
N TYR H 23 35.03 17.40 -15.06
CA TYR H 23 34.52 17.34 -13.71
C TYR H 23 33.00 17.44 -13.71
N VAL H 24 32.32 16.33 -13.44
CA VAL H 24 30.88 16.31 -13.42
C VAL H 24 30.42 16.64 -12.01
N THR H 25 29.27 17.28 -11.92
CA THR H 25 28.72 17.64 -10.63
C THR H 25 27.21 17.56 -10.58
N GLY H 26 26.69 16.53 -9.93
CA GLY H 26 25.26 16.34 -9.82
C GLY H 26 24.79 14.97 -10.21
N TYR H 27 25.69 14.02 -10.35
CA TYR H 27 25.24 12.72 -10.75
C TYR H 27 26.41 11.77 -10.69
N SER H 28 26.23 10.61 -10.09
CA SER H 28 27.34 9.70 -10.07
C SER H 28 27.48 9.11 -11.46
N ILE H 29 28.52 9.52 -12.17
CA ILE H 29 28.73 8.97 -13.50
C ILE H 29 28.70 7.43 -13.49
N THR H 30 28.16 6.84 -12.42
CA THR H 30 28.07 5.39 -12.24
C THR H 30 26.61 5.05 -12.15
N SER H 31 25.79 6.11 -12.26
CA SER H 31 24.30 6.06 -12.23
C SER H 31 23.64 6.28 -13.63
N GLY H 32 24.15 5.69 -14.69
CA GLY H 32 23.54 5.94 -15.98
C GLY H 32 24.14 7.12 -16.73
N TYR H 33 23.84 7.21 -18.02
CA TYR H 33 24.37 8.26 -18.89
C TYR H 33 25.70 7.79 -19.45
N TYR H 34 26.01 8.18 -20.70
CA TYR H 34 27.28 7.78 -21.33
C TYR H 34 28.19 8.97 -21.41
N TRP H 35 29.24 8.97 -20.59
CA TRP H 35 30.14 10.09 -20.53
C TRP H 35 31.16 10.09 -21.60
N THR H 36 30.93 10.95 -22.59
CA THR H 36 31.75 11.04 -23.77
C THR H 36 32.57 12.33 -24.08
N TRP H 37 33.51 12.22 -25.03
CA TRP H 37 34.34 13.33 -25.43
C TRP H 37 34.05 13.56 -26.88
N ILE H 38 33.83 14.82 -27.21
CA ILE H 38 33.54 15.19 -28.58
C ILE H 38 34.35 16.43 -28.86
N ARG H 39 34.96 16.47 -30.03
CA ARG H 39 35.76 17.61 -30.44
C ARG H 39 35.46 18.01 -31.88
N GLN H 40 35.67 19.29 -32.20
CA GLN H 40 35.43 19.76 -33.56
C GLN H 40 36.65 20.54 -33.95
N PHE H 41 37.06 20.33 -35.19
CA PHE H 41 38.25 20.97 -35.72
C PHE H 41 38.18 22.40 -36.15
N PRO H 42 39.31 22.97 -36.51
CA PRO H 42 39.22 24.36 -36.93
C PRO H 42 38.10 24.55 -37.95
N GLY H 43 38.03 23.64 -38.92
CA GLY H 43 37.03 23.77 -39.96
C GLY H 43 35.59 23.70 -39.53
N ASN H 44 35.36 23.49 -38.22
CA ASN H 44 34.04 23.33 -37.61
C ASN H 44 33.31 22.06 -38.15
N LYS H 45 33.77 20.93 -37.62
CA LYS H 45 33.30 19.59 -37.93
C LYS H 45 33.34 18.78 -36.63
N LEU H 46 32.17 18.46 -36.08
CA LEU H 46 32.12 17.72 -34.83
C LEU H 46 32.50 16.29 -35.01
N GLU H 47 33.44 15.80 -34.19
CA GLU H 47 33.81 14.39 -34.29
C GLU H 47 33.63 13.60 -32.98
N TRP H 48 32.94 12.46 -33.09
CA TRP H 48 32.63 11.60 -31.95
C TRP H 48 33.83 10.77 -31.55
N MET H 49 34.45 11.15 -30.43
CA MET H 49 35.62 10.45 -29.95
C MET H 49 35.35 9.20 -29.16
N GLY H 50 34.18 9.07 -28.54
CA GLY H 50 33.93 7.85 -27.79
C GLY H 50 33.41 8.04 -26.38
N TYR H 51 33.12 6.93 -25.69
CA TYR H 51 32.60 7.05 -24.35
C TYR H 51 33.18 6.21 -23.22
N ILE H 52 32.27 5.77 -22.34
CA ILE H 52 32.51 4.99 -21.14
C ILE H 52 31.26 5.26 -20.33
N SER H 53 30.28 4.34 -20.36
CA SER H 53 29.07 4.58 -19.59
C SER H 53 29.15 4.18 -18.12
N TYR H 54 28.01 4.17 -17.46
CA TYR H 54 27.99 3.75 -16.07
C TYR H 54 28.55 2.33 -16.13
N ASP H 55 28.28 1.68 -17.26
CA ASP H 55 28.70 0.32 -17.53
C ASP H 55 30.12 0.03 -17.18
N GLY H 56 30.78 0.99 -16.56
CA GLY H 56 32.16 0.79 -16.14
C GLY H 56 33.25 0.90 -17.19
N SER H 57 34.42 0.33 -16.91
CA SER H 57 35.57 0.37 -17.81
C SER H 57 35.20 0.08 -19.30
N ASN H 58 33.90 0.21 -19.64
CA ASN H 58 33.48 -0.10 -21.02
C ASN H 58 34.12 0.83 -22.08
N ASN H 59 34.12 2.13 -21.81
CA ASN H 59 34.78 3.00 -22.76
C ASN H 59 33.99 3.02 -24.06
N TYR H 60 34.00 1.84 -24.66
CA TYR H 60 33.43 1.61 -25.96
C TYR H 60 33.72 2.77 -26.96
N ASN H 61 35.05 2.98 -27.09
CA ASN H 61 35.73 3.98 -27.91
C ASN H 61 35.26 3.88 -29.38
N PRO H 62 35.79 4.72 -30.30
CA PRO H 62 35.42 4.74 -31.73
C PRO H 62 36.21 3.84 -32.64
N SER H 63 36.71 4.43 -33.72
CA SER H 63 37.46 3.71 -34.73
C SER H 63 38.87 4.33 -34.83
N LEU H 64 39.34 4.85 -33.70
CA LEU H 64 40.65 5.50 -33.57
C LEU H 64 41.16 5.22 -32.14
N LYS H 65 40.90 3.96 -31.76
CA LYS H 65 41.21 3.27 -30.49
C LYS H 65 42.68 3.30 -30.21
N ASN H 66 43.41 3.07 -31.28
CA ASN H 66 44.85 3.09 -31.31
C ASN H 66 45.36 3.90 -30.12
N ARG H 67 44.66 5.00 -29.80
CA ARG H 67 45.05 5.87 -28.68
C ARG H 67 43.91 6.45 -27.84
N ILE H 68 42.78 6.77 -28.47
CA ILE H 68 41.70 7.33 -27.66
C ILE H 68 41.47 6.33 -26.54
N SER H 69 41.82 6.70 -25.32
CA SER H 69 41.63 5.80 -24.21
C SER H 69 41.08 6.53 -22.96
N ILE H 70 39.92 6.08 -22.47
CA ILE H 70 39.21 6.74 -21.36
C ILE H 70 39.13 6.18 -19.93
N THR H 71 39.09 7.04 -18.92
CA THR H 71 39.01 6.58 -17.52
C THR H 71 37.95 7.30 -16.68
N ARG H 72 37.62 6.73 -15.53
CA ARG H 72 36.64 7.33 -14.67
C ARG H 72 37.21 7.25 -13.26
N ASP H 73 36.83 8.17 -12.35
CA ASP H 73 37.31 8.05 -10.95
C ASP H 73 36.20 8.13 -9.88
N THR H 74 35.15 7.34 -10.11
CA THR H 74 34.00 7.20 -9.24
C THR H 74 34.07 8.00 -7.94
N SER H 75 35.20 7.90 -7.25
CA SER H 75 35.41 8.61 -5.99
C SER H 75 35.24 10.09 -6.18
N LYS H 76 36.00 10.61 -7.13
CA LYS H 76 35.98 12.02 -7.47
C LYS H 76 34.90 12.23 -8.49
N ASN H 77 34.34 11.13 -8.94
CA ASN H 77 33.30 11.24 -9.92
C ASN H 77 33.82 12.20 -10.99
N GLN H 78 34.75 11.69 -11.81
CA GLN H 78 35.31 12.44 -12.91
C GLN H 78 35.91 11.44 -13.87
N PHE H 79 35.86 11.77 -15.17
CA PHE H 79 36.38 10.88 -16.22
C PHE H 79 37.37 11.56 -17.16
N PHE H 80 38.29 10.78 -17.72
CA PHE H 80 39.35 11.34 -18.52
C PHE H 80 39.57 10.91 -19.99
N LEU H 81 40.53 11.57 -20.65
CA LEU H 81 40.90 11.30 -22.05
C LEU H 81 42.40 11.30 -22.26
N LYS H 82 42.90 10.40 -23.12
CA LYS H 82 44.34 10.27 -23.39
C LYS H 82 44.85 10.61 -24.82
N LEU H 83 44.31 9.95 -25.83
CA LEU H 83 44.74 10.21 -27.19
C LEU H 83 46.24 9.96 -27.44
N ASN H 84 46.97 9.52 -26.43
CA ASN H 84 48.37 9.17 -26.60
C ASN H 84 49.17 10.11 -27.49
N SER H 85 49.91 9.52 -28.45
CA SER H 85 50.75 10.22 -29.43
C SER H 85 49.85 11.08 -30.28
N VAL H 86 50.16 12.37 -30.29
CA VAL H 86 49.39 13.36 -31.02
C VAL H 86 50.20 14.10 -32.07
N THR H 87 49.50 14.63 -33.07
CA THR H 87 50.10 15.37 -34.15
C THR H 87 49.51 16.77 -34.11
N ALA H 88 49.71 17.53 -35.18
CA ALA H 88 49.20 18.88 -35.24
C ALA H 88 47.84 18.72 -35.80
N GLU H 89 47.67 17.61 -36.49
CA GLU H 89 46.38 17.33 -37.06
C GLU H 89 45.39 17.35 -35.88
N ASP H 90 45.80 16.77 -34.78
CA ASP H 90 44.96 16.71 -33.60
C ASP H 90 44.69 18.00 -32.85
N THR H 91 45.14 19.14 -33.34
CA THR H 91 44.86 20.33 -32.55
C THR H 91 43.43 20.83 -32.82
N ALA H 92 42.65 21.06 -31.76
CA ALA H 92 41.26 21.52 -31.92
C ALA H 92 40.61 21.86 -30.59
N SER H 93 39.27 21.78 -30.56
CA SER H 93 38.48 22.04 -29.33
C SER H 93 37.96 20.71 -28.76
N TYR H 94 38.28 20.45 -27.51
CA TYR H 94 37.86 19.20 -26.92
C TYR H 94 36.75 19.40 -25.90
N TYR H 95 35.62 18.75 -26.18
CA TYR H 95 34.44 18.81 -25.33
C TYR H 95 34.09 17.52 -24.65
N CYS H 96 33.68 17.59 -23.39
CA CYS H 96 33.22 16.38 -22.74
C CYS H 96 31.67 16.51 -22.50
N ALA H 97 30.94 15.39 -22.48
CA ALA H 97 29.49 15.47 -22.30
C ALA H 97 28.86 14.13 -21.95
N ALA H 98 27.57 14.17 -21.58
CA ALA H 98 26.83 12.98 -21.19
C ALA H 98 25.53 12.88 -21.94
N PHE H 99 25.18 11.68 -22.41
CA PHE H 99 23.93 11.45 -23.16
C PHE H 99 22.91 10.55 -22.47
N TYR H 100 21.61 10.79 -22.69
CA TYR H 100 20.56 9.98 -22.05
C TYR H 100 19.96 8.79 -22.79
N TYR H 101 19.38 8.92 -23.98
CA TYR H 101 19.00 7.60 -24.62
C TYR H 101 17.80 6.76 -24.12
N ASP H 102 16.87 6.43 -25.02
CA ASP H 102 15.68 5.77 -24.55
C ASP H 102 14.73 5.19 -25.58
N TYR H 103 15.03 5.30 -26.87
CA TYR H 103 14.15 4.83 -27.97
C TYR H 103 12.95 5.76 -28.26
N ASP H 104 12.58 6.56 -27.26
CA ASP H 104 11.51 7.50 -27.37
C ASP H 104 12.02 8.85 -26.83
N PHE H 105 13.23 8.83 -26.27
CA PHE H 105 13.79 10.03 -25.68
C PHE H 105 15.32 10.16 -25.77
N PHE H 106 15.84 11.35 -25.52
CA PHE H 106 17.27 11.61 -25.64
C PHE H 106 17.46 12.95 -24.99
N PHE H 107 18.59 13.11 -24.34
CA PHE H 107 18.87 14.36 -23.67
C PHE H 107 20.28 14.39 -23.17
N ASP H 108 20.99 15.49 -23.48
CA ASP H 108 22.41 15.67 -23.18
C ASP H 108 22.85 16.89 -22.40
N TYR H 109 24.11 16.85 -21.99
CA TYR H 109 24.80 17.91 -21.25
C TYR H 109 26.17 18.07 -21.92
N TRP H 110 26.67 19.30 -22.08
CA TRP H 110 28.02 19.46 -22.66
C TRP H 110 29.05 20.22 -21.83
N GLY H 111 29.71 21.22 -22.40
CA GLY H 111 30.71 21.90 -21.63
C GLY H 111 31.35 23.15 -22.20
N GLN H 112 31.91 23.98 -21.34
CA GLN H 112 32.52 25.18 -21.81
C GLN H 112 33.55 24.74 -22.88
N GLY H 113 34.13 23.56 -22.70
CA GLY H 113 35.11 23.06 -23.66
C GLY H 113 36.50 23.64 -23.52
N THR H 114 37.51 22.83 -23.80
CA THR H 114 38.90 23.32 -23.69
C THR H 114 39.56 23.28 -25.05
N THR H 115 40.37 24.31 -25.30
CA THR H 115 41.10 24.42 -26.54
C THR H 115 42.47 23.95 -26.28
N LEU H 116 42.91 23.01 -27.07
CA LEU H 116 44.25 22.53 -26.92
C LEU H 116 44.85 22.91 -28.27
N THR H 117 46.16 23.12 -28.30
CA THR H 117 46.85 23.51 -29.54
C THR H 117 48.08 22.60 -29.67
N VAL H 118 48.23 21.90 -30.78
CA VAL H 118 49.39 21.04 -30.90
C VAL H 118 50.35 21.72 -31.85
N SER H 119 51.46 22.16 -31.28
CA SER H 119 52.50 22.89 -31.99
C SER H 119 53.70 22.89 -31.09
N SER H 120 54.84 23.31 -31.60
CA SER H 120 56.03 23.28 -30.78
C SER H 120 56.48 24.64 -30.34
N ALA H 121 55.64 25.62 -30.59
CA ALA H 121 55.94 26.99 -30.22
C ALA H 121 55.99 27.11 -28.70
N LYS H 122 56.42 28.29 -28.25
CA LYS H 122 56.50 28.58 -26.83
C LYS H 122 55.34 29.45 -26.36
N THR H 123 54.67 29.02 -25.29
CA THR H 123 53.58 29.79 -24.66
C THR H 123 54.21 31.17 -24.42
N THR H 124 53.57 32.25 -24.80
CA THR H 124 54.19 33.55 -24.58
C THR H 124 53.18 34.69 -24.33
N PRO H 125 53.23 35.28 -23.11
CA PRO H 125 52.42 36.38 -22.57
C PRO H 125 52.20 37.38 -23.65
N PRO H 126 51.03 38.06 -23.64
CA PRO H 126 50.64 39.07 -24.62
C PRO H 126 50.84 40.49 -24.10
N SER H 127 50.89 41.46 -24.99
CA SER H 127 51.03 42.83 -24.53
C SER H 127 49.75 43.55 -24.90
N VAL H 128 49.30 44.44 -24.03
CA VAL H 128 48.06 45.15 -24.30
C VAL H 128 48.25 46.64 -24.50
N TYR H 129 47.95 47.13 -25.71
CA TYR H 129 48.03 48.54 -26.04
C TYR H 129 46.60 49.05 -26.24
N PRO H 130 46.30 50.26 -25.76
CA PRO H 130 44.97 50.88 -25.88
C PRO H 130 44.67 51.75 -27.13
N LEU H 131 43.48 51.60 -27.71
CA LEU H 131 43.12 52.36 -28.88
C LEU H 131 42.17 53.51 -28.67
N ALA H 132 42.75 54.70 -28.55
CA ALA H 132 41.97 55.90 -28.38
C ALA H 132 42.12 56.72 -29.65
N PRO H 133 41.12 57.55 -29.95
CA PRO H 133 41.13 58.41 -31.15
C PRO H 133 41.96 59.70 -30.99
N GLY H 134 42.36 59.97 -29.74
CA GLY H 134 43.16 61.14 -29.41
C GLY H 134 43.21 62.34 -30.36
N SER H 135 44.37 62.49 -31.01
CA SER H 135 44.65 63.57 -31.95
C SER H 135 43.42 64.36 -32.46
N ALA H 136 42.95 63.99 -33.65
CA ALA H 136 41.80 64.63 -34.27
C ALA H 136 40.53 63.88 -33.82
N ALA H 137 39.42 64.59 -33.73
CA ALA H 137 38.18 63.99 -33.27
C ALA H 137 37.21 63.47 -34.33
N GLN H 138 36.43 64.37 -34.92
CA GLN H 138 35.44 63.98 -35.93
C GLN H 138 34.35 63.12 -35.24
N THR H 139 33.48 63.78 -34.46
CA THR H 139 32.41 63.09 -33.72
C THR H 139 30.95 63.61 -33.84
N ASN H 140 30.50 64.34 -32.83
CA ASN H 140 29.13 64.88 -32.78
C ASN H 140 28.10 63.75 -32.76
N SER H 141 28.59 62.54 -32.55
CA SER H 141 27.76 61.35 -32.50
C SER H 141 28.52 60.29 -31.65
N MET H 142 28.10 59.03 -31.72
CA MET H 142 28.74 57.98 -30.95
C MET H 142 30.25 57.95 -31.17
N VAL H 143 30.97 57.51 -30.14
CA VAL H 143 32.43 57.41 -30.23
C VAL H 143 32.79 55.93 -30.18
N THR H 144 33.97 55.58 -30.69
CA THR H 144 34.40 54.20 -30.70
C THR H 144 35.77 54.10 -30.08
N LEU H 145 36.01 53.01 -29.36
CA LEU H 145 37.31 52.81 -28.76
C LEU H 145 37.79 51.45 -29.10
N GLY H 146 39.11 51.30 -28.95
CA GLY H 146 39.76 50.05 -29.24
C GLY H 146 40.39 49.44 -28.02
N CYS H 147 41.53 48.80 -28.23
CA CYS H 147 42.28 48.09 -27.22
C CYS H 147 42.67 46.81 -27.96
N LEU H 148 43.96 46.65 -28.23
CA LEU H 148 44.41 45.47 -28.96
C LEU H 148 45.42 44.57 -28.21
N VAL H 149 45.26 43.26 -28.47
CA VAL H 149 46.08 42.18 -27.92
C VAL H 149 47.00 41.67 -29.03
N LYS H 150 48.31 41.86 -28.80
CA LYS H 150 49.36 41.48 -29.74
C LYS H 150 50.51 40.65 -29.12
N GLY H 151 51.08 39.81 -29.98
CA GLY H 151 52.19 38.96 -29.60
C GLY H 151 51.92 37.95 -28.51
N TYR H 152 50.92 37.08 -28.67
CA TYR H 152 50.60 36.07 -27.66
C TYR H 152 50.40 34.70 -28.29
N PHE H 153 50.53 33.65 -27.47
CA PHE H 153 50.38 32.26 -27.93
C PHE H 153 50.51 31.44 -26.65
N PRO H 154 49.88 30.25 -26.55
CA PRO H 154 49.02 29.53 -27.50
C PRO H 154 47.69 30.12 -27.30
N GLU H 155 46.73 29.86 -28.20
CA GLU H 155 45.38 30.41 -27.97
C GLU H 155 44.90 29.81 -26.66
N PRO H 156 43.86 30.39 -26.06
CA PRO H 156 43.06 31.55 -26.45
C PRO H 156 43.14 32.67 -25.38
N VAL H 157 42.58 33.85 -25.71
CA VAL H 157 42.55 34.96 -24.75
C VAL H 157 41.13 35.45 -24.80
N THR H 158 40.74 36.14 -23.73
CA THR H 158 39.40 36.66 -23.57
C THR H 158 39.42 38.16 -23.33
N VAL H 159 38.56 38.91 -24.03
CA VAL H 159 38.51 40.36 -23.83
C VAL H 159 37.13 40.81 -23.32
N THR H 160 37.10 41.92 -22.59
CA THR H 160 35.86 42.47 -22.07
C THR H 160 35.85 43.97 -21.94
N TRP H 161 34.85 44.47 -21.22
CA TRP H 161 34.71 45.89 -21.02
C TRP H 161 34.14 46.31 -19.66
N ASN H 162 34.99 47.02 -18.91
CA ASN H 162 34.65 47.52 -17.57
C ASN H 162 34.16 46.38 -16.68
N SER H 163 34.73 45.21 -16.89
CA SER H 163 34.42 43.99 -16.16
C SER H 163 33.20 43.28 -16.68
N GLY H 164 32.90 43.49 -17.96
CA GLY H 164 31.76 42.83 -18.55
C GLY H 164 30.51 43.70 -18.61
N SER H 165 30.52 44.83 -17.89
CA SER H 165 29.38 45.76 -17.86
C SER H 165 29.00 46.27 -19.26
N LEU H 166 30.00 46.61 -20.08
CA LEU H 166 29.72 47.07 -21.43
C LEU H 166 29.69 45.85 -22.32
N SER H 167 28.49 45.34 -22.58
CA SER H 167 28.32 44.14 -23.40
C SER H 167 28.01 44.46 -24.88
N SER H 168 26.99 45.29 -25.07
CA SER H 168 26.52 45.71 -26.38
C SER H 168 27.38 46.75 -27.13
N GLY H 169 27.44 46.55 -28.45
CA GLY H 169 28.18 47.43 -29.33
C GLY H 169 29.66 47.14 -29.35
N VAL H 170 30.06 45.95 -28.91
CA VAL H 170 31.49 45.62 -28.91
C VAL H 170 31.72 44.41 -29.82
N HIS H 171 32.80 44.47 -30.59
CA HIS H 171 33.16 43.38 -31.50
C HIS H 171 34.53 42.85 -31.19
N THR H 172 34.65 41.58 -30.90
CA THR H 172 35.97 41.12 -30.66
C THR H 172 36.28 40.22 -31.82
N PHE H 173 37.24 40.67 -32.63
CA PHE H 173 37.64 39.98 -33.84
C PHE H 173 38.47 38.74 -33.61
N PRO H 174 38.50 37.84 -34.59
CA PRO H 174 39.26 36.61 -34.51
C PRO H 174 40.73 36.98 -34.58
N ALA H 175 41.49 36.57 -33.57
CA ALA H 175 42.93 36.84 -33.51
C ALA H 175 43.56 36.28 -34.78
N VAL H 176 44.48 37.05 -35.35
CA VAL H 176 45.18 36.65 -36.56
C VAL H 176 46.52 36.11 -36.22
N LEU H 177 46.87 34.98 -36.81
CA LEU H 177 48.14 34.36 -36.49
C LEU H 177 49.26 34.61 -37.42
N GLN H 178 50.41 34.94 -36.83
CA GLN H 178 51.62 35.20 -37.59
C GLN H 178 52.86 34.84 -36.81
N SER H 179 53.75 34.12 -37.50
CA SER H 179 55.02 33.67 -36.96
C SER H 179 55.05 33.30 -35.46
N ASP H 180 54.21 32.36 -35.06
CA ASP H 180 54.16 31.92 -33.66
C ASP H 180 53.49 32.85 -32.61
N LEU H 181 52.76 33.86 -33.10
CA LEU H 181 52.05 34.82 -32.28
C LEU H 181 50.68 35.27 -32.86
N TYR H 182 49.76 35.49 -31.94
CA TYR H 182 48.43 35.91 -32.28
C TYR H 182 48.38 37.41 -31.94
N THR H 183 47.49 38.14 -32.61
CA THR H 183 47.28 39.57 -32.39
C THR H 183 45.83 39.81 -32.80
N LEU H 184 45.03 40.20 -31.82
CA LEU H 184 43.60 40.44 -32.03
C LEU H 184 43.26 41.86 -31.56
N SER H 185 41.99 42.23 -31.71
CA SER H 185 41.51 43.52 -31.26
C SER H 185 40.05 43.38 -30.96
N SER H 186 39.60 44.21 -30.02
CA SER H 186 38.21 44.30 -29.54
C SER H 186 37.73 45.70 -29.89
N SER H 187 36.42 45.87 -30.06
CA SER H 187 35.91 47.18 -30.48
C SER H 187 34.68 47.69 -29.78
N VAL H 188 34.86 48.34 -28.62
CA VAL H 188 33.73 48.90 -27.86
C VAL H 188 33.17 50.13 -28.57
N THR H 189 32.02 50.59 -28.09
CA THR H 189 31.33 51.73 -28.68
C THR H 189 30.35 52.41 -27.67
N VAL H 190 30.86 53.31 -26.83
CA VAL H 190 30.00 54.00 -25.87
C VAL H 190 29.21 55.18 -26.52
N PRO H 191 28.25 55.77 -25.78
CA PRO H 191 27.43 56.89 -26.27
C PRO H 191 28.20 58.08 -26.84
N SER H 192 27.57 58.74 -27.83
CA SER H 192 28.09 59.91 -28.54
C SER H 192 29.06 60.76 -27.74
N SER H 193 28.62 61.10 -26.54
CA SER H 193 29.40 61.91 -25.61
C SER H 193 29.97 61.02 -24.51
N THR H 194 29.05 60.48 -23.71
CA THR H 194 29.31 59.58 -22.60
C THR H 194 30.51 58.68 -22.71
N TRP H 195 31.64 59.19 -22.26
CA TRP H 195 32.89 58.45 -22.24
C TRP H 195 33.97 59.27 -21.60
N PRO H 196 34.59 60.19 -22.37
CA PRO H 196 35.67 61.06 -21.86
C PRO H 196 35.60 61.17 -20.31
N SER H 197 34.35 61.45 -19.90
CA SER H 197 33.90 61.58 -18.51
C SER H 197 34.14 60.23 -17.82
N GLU H 198 33.19 59.30 -18.06
CA GLU H 198 33.17 57.93 -17.53
C GLU H 198 34.42 57.10 -17.83
N THR H 199 34.80 56.25 -16.89
CA THR H 199 35.97 55.44 -17.12
C THR H 199 35.56 54.28 -18.01
N VAL H 200 36.49 53.83 -18.85
CA VAL H 200 36.26 52.70 -19.74
C VAL H 200 37.56 51.94 -19.94
N THR H 201 37.49 50.65 -19.65
CA THR H 201 38.64 49.78 -19.77
C THR H 201 38.26 48.39 -20.36
N CYS H 202 39.26 47.73 -20.95
CA CYS H 202 39.11 46.40 -21.53
C CYS H 202 39.92 45.54 -20.60
N ASN H 203 39.38 44.36 -20.29
CA ASN H 203 40.06 43.42 -19.37
C ASN H 203 40.62 42.23 -20.18
N VAL H 204 41.95 42.22 -20.36
CA VAL H 204 42.57 41.16 -21.15
C VAL H 204 43.06 40.02 -20.28
N ALA H 205 42.75 38.81 -20.74
CA ALA H 205 43.11 37.60 -20.01
C ALA H 205 43.70 36.50 -20.88
N HIS H 206 44.88 36.02 -20.44
CA HIS H 206 45.59 34.94 -21.11
C HIS H 206 45.78 33.85 -20.09
N PRO H 207 44.91 32.85 -20.08
CA PRO H 207 45.03 31.77 -19.12
C PRO H 207 46.42 31.22 -19.28
N ALA H 208 46.66 30.70 -20.47
CA ALA H 208 47.92 30.08 -20.83
C ALA H 208 49.12 30.71 -20.13
N SER H 209 49.13 32.02 -19.93
CA SER H 209 50.27 32.62 -19.26
C SER H 209 49.92 33.38 -17.98
N SER H 210 48.91 32.90 -17.24
CA SER H 210 48.49 33.55 -15.98
C SER H 210 48.49 35.10 -16.05
N THR H 211 48.32 35.63 -17.27
CA THR H 211 48.30 37.07 -17.50
C THR H 211 46.87 37.62 -17.46
N LYS H 212 46.68 38.61 -16.60
CA LYS H 212 45.41 39.29 -16.42
C LYS H 212 45.78 40.77 -16.26
N VAL H 213 45.36 41.59 -17.21
CA VAL H 213 45.73 43.00 -17.15
C VAL H 213 44.73 43.84 -17.95
N ASP H 214 44.42 45.04 -17.46
CA ASP H 214 43.49 45.91 -18.18
C ASP H 214 44.16 47.24 -18.50
N LYS H 215 43.63 47.97 -19.47
CA LYS H 215 44.27 49.25 -19.80
C LYS H 215 43.21 50.29 -20.11
N LYS H 216 42.84 51.05 -19.09
CA LYS H 216 41.81 52.09 -19.22
C LYS H 216 42.13 52.93 -20.46
N ILE H 217 41.10 53.20 -21.25
CA ILE H 217 41.27 54.01 -22.43
C ILE H 217 41.49 55.43 -21.98
N VAL H 218 42.76 55.77 -21.78
CA VAL H 218 43.10 57.10 -21.32
C VAL H 218 42.66 58.15 -22.34
N PRO H 219 41.56 58.85 -22.04
CA PRO H 219 41.14 59.86 -23.01
C PRO H 219 42.37 60.69 -23.44
N ARG H 220 42.52 60.89 -24.75
CA ARG H 220 43.64 61.65 -25.24
C ARG H 220 43.11 62.80 -26.08
N ASP H 221 42.12 63.50 -25.52
CA ASP H 221 41.48 64.64 -26.18
C ASP H 221 42.44 65.79 -26.44
N GLN I 1 25.22 26.63 35.02
CA GLN I 1 26.60 26.40 35.49
C GLN I 1 27.42 25.42 34.61
N ILE I 2 27.00 25.10 33.38
CA ILE I 2 27.84 24.18 32.59
C ILE I 2 29.17 24.85 32.16
N VAL I 3 30.28 24.12 32.19
CA VAL I 3 31.55 24.75 31.87
C VAL I 3 32.28 24.28 30.62
N LEU I 4 31.90 24.88 29.49
CA LEU I 4 32.51 24.57 28.19
C LEU I 4 33.74 25.41 27.93
N THR I 5 34.82 24.73 27.61
CA THR I 5 36.09 25.41 27.30
C THR I 5 36.71 24.89 26.00
N GLN I 6 36.60 25.68 24.93
CA GLN I 6 37.17 25.26 23.65
C GLN I 6 38.65 25.52 23.83
N SER I 7 39.49 24.63 23.31
CA SER I 7 40.93 24.70 23.51
C SER I 7 41.85 25.74 22.91
N PRO I 8 42.22 25.59 21.64
CA PRO I 8 43.14 26.62 21.13
C PRO I 8 42.77 28.11 21.32
N ALA I 9 41.50 28.39 21.56
CA ALA I 9 41.07 29.76 21.79
C ALA I 9 41.41 30.77 20.69
N ILE I 10 42.54 30.54 20.00
CA ILE I 10 43.02 31.36 18.89
C ILE I 10 44.07 30.48 18.26
N MET I 11 43.94 30.20 16.97
CA MET I 11 44.92 29.33 16.33
C MET I 11 44.90 29.36 14.81
N SER I 12 45.95 28.79 14.22
CA SER I 12 46.08 28.76 12.76
C SER I 12 46.53 27.41 12.21
N ALA I 13 46.52 27.33 10.88
CA ALA I 13 46.91 26.15 10.14
C ALA I 13 46.98 26.55 8.70
N SER I 14 47.16 25.57 7.82
CA SER I 14 47.31 25.84 6.40
C SER I 14 46.29 25.22 5.49
N PRO I 15 46.23 25.74 4.27
CA PRO I 15 45.26 25.20 3.32
C PRO I 15 45.58 23.73 2.98
N GLY I 16 45.03 22.82 3.78
CA GLY I 16 45.28 21.41 3.51
C GLY I 16 45.46 20.60 4.77
N GLU I 17 45.78 21.27 5.87
CA GLU I 17 46.00 20.61 7.17
C GLU I 17 44.73 20.06 7.79
N LYS I 18 44.92 19.19 8.76
CA LYS I 18 43.83 18.53 9.47
C LYS I 18 43.52 19.22 10.82
N VAL I 19 42.84 20.38 10.77
CA VAL I 19 42.46 21.19 11.96
C VAL I 19 41.39 20.54 12.87
N THR I 20 41.61 20.69 14.18
CA THR I 20 40.73 20.09 15.19
C THR I 20 40.55 20.82 16.53
N LEU I 21 39.36 21.40 16.67
CA LEU I 21 38.97 22.15 17.85
C LEU I 21 38.29 21.18 18.77
N THR I 22 38.34 21.47 20.06
CA THR I 22 37.73 20.64 21.08
C THR I 22 36.84 21.53 21.95
N CYS I 23 36.20 20.94 22.96
CA CYS I 23 35.33 21.71 23.84
C CYS I 23 34.86 20.83 24.98
N SER I 24 35.49 21.00 26.13
CA SER I 24 35.16 20.22 27.31
C SER I 24 33.86 20.69 27.92
N ALA I 25 33.56 20.25 29.13
CA ALA I 25 32.32 20.66 29.74
C ALA I 25 32.18 20.27 31.23
N SER I 26 31.95 21.27 32.09
CA SER I 26 31.77 21.07 33.55
C SER I 26 31.34 19.65 33.86
N SER I 27 30.08 19.36 33.47
CA SER I 27 29.46 18.05 33.61
C SER I 27 29.34 17.28 32.29
N THR I 28 28.45 16.30 32.23
CA THR I 28 28.29 15.49 31.01
C THR I 28 27.05 15.94 30.26
N ILE I 29 27.11 15.89 28.94
CA ILE I 29 25.94 16.25 28.13
C ILE I 29 25.56 15.14 27.09
N THR I 30 24.28 14.86 27.01
CA THR I 30 23.78 13.83 26.11
C THR I 30 24.11 14.15 24.65
N SER I 31 24.59 13.13 23.95
CA SER I 31 25.03 13.28 22.57
C SER I 31 24.10 13.84 21.56
N SER I 32 23.31 14.85 21.92
CA SER I 32 22.39 15.47 20.96
C SER I 32 21.88 16.76 21.48
N PHE I 33 22.67 17.38 22.33
CA PHE I 33 22.30 18.65 22.87
C PHE I 33 23.53 19.47 22.92
N LEU I 34 24.43 19.20 21.99
CA LEU I 34 25.64 19.93 21.86
C LEU I 34 25.71 20.36 20.42
N TYR I 35 26.06 21.61 20.12
CA TYR I 35 26.15 22.02 18.71
C TYR I 35 27.38 22.89 18.49
N TRP I 36 27.59 23.34 17.27
CA TRP I 36 28.75 24.17 16.98
C TRP I 36 28.29 25.29 16.10
N TYR I 37 28.79 26.49 16.33
CA TYR I 37 28.40 27.57 15.47
C TYR I 37 29.66 28.09 14.75
N GLN I 38 29.52 28.55 13.49
CA GLN I 38 30.65 29.06 12.70
C GLN I 38 30.36 30.52 12.50
N GLN I 39 31.01 31.40 13.24
CA GLN I 39 30.72 32.82 13.04
C GLN I 39 31.93 33.52 12.42
N LYS I 40 31.64 34.39 11.46
CA LYS I 40 32.66 35.19 10.78
C LYS I 40 32.33 36.63 11.21
N PRO I 41 33.30 37.56 11.12
CA PRO I 41 33.07 38.95 11.51
C PRO I 41 31.95 39.64 10.72
N GLY I 42 31.21 40.51 11.39
CA GLY I 42 30.12 41.21 10.74
C GLY I 42 28.84 40.38 10.58
N SER I 43 28.90 39.06 10.84
CA SER I 43 27.73 38.17 10.67
C SER I 43 26.88 38.01 11.90
N SER I 44 26.80 36.77 12.38
CA SER I 44 26.00 36.37 13.54
C SER I 44 26.24 34.90 13.51
N PRO I 45 26.44 34.23 14.67
CA PRO I 45 26.70 32.78 14.60
C PRO I 45 25.81 32.05 13.58
N LYS I 46 26.41 31.18 12.77
CA LYS I 46 25.67 30.39 11.78
C LYS I 46 25.77 28.97 12.31
N LEU I 47 24.67 28.23 12.28
CA LEU I 47 24.70 26.88 12.82
C LEU I 47 25.60 26.02 12.02
N TRP I 48 26.25 25.06 12.64
CA TRP I 48 27.12 24.23 11.86
C TRP I 48 26.99 22.75 12.17
N ILE I 49 26.59 22.38 13.37
CA ILE I 49 26.45 20.95 13.67
C ILE I 49 25.44 20.70 14.80
N TYR I 50 24.42 19.93 14.53
CA TYR I 50 23.47 19.68 15.59
C TYR I 50 23.66 18.26 16.10
N SER I 51 22.94 17.89 17.15
CA SER I 51 23.05 16.54 17.61
C SER I 51 24.47 16.05 17.54
N THR I 52 25.42 16.81 18.02
CA THR I 52 26.82 16.37 18.10
C THR I 52 27.58 15.95 16.85
N SER I 53 26.88 15.62 15.81
CA SER I 53 27.64 15.13 14.68
C SER I 53 26.98 15.29 13.34
N ASN I 54 25.92 16.11 13.27
CA ASN I 54 25.22 16.31 12.00
C ASN I 54 25.41 17.74 11.46
N LEU I 55 25.86 17.86 10.22
CA LEU I 55 26.09 19.16 9.53
C LEU I 55 24.81 19.85 9.14
N ALA I 56 24.70 21.15 9.43
CA ALA I 56 23.50 21.92 9.16
C ALA I 56 23.24 22.15 7.71
N SER I 57 22.06 22.66 7.38
CA SER I 57 21.68 22.85 5.97
C SER I 57 22.58 23.65 5.02
N GLY I 58 23.86 23.29 4.92
CA GLY I 58 24.76 24.03 4.04
C GLY I 58 26.21 23.64 4.15
N VAL I 59 26.64 23.40 5.38
CA VAL I 59 28.00 23.00 5.71
C VAL I 59 28.64 21.97 4.75
N PRO I 60 29.89 22.23 4.30
CA PRO I 60 30.61 21.31 3.39
C PRO I 60 31.19 20.11 4.10
N ALA I 61 31.41 19.05 3.31
CA ALA I 61 31.95 17.77 3.78
C ALA I 61 33.21 17.81 4.63
N ARG I 62 34.26 18.49 4.16
CA ARG I 62 35.48 18.54 4.94
C ARG I 62 35.31 18.55 6.47
N PHE I 63 34.14 18.99 6.95
CA PHE I 63 33.80 19.11 8.39
C PHE I 63 33.18 17.86 9.06
N SER I 64 33.98 17.11 9.78
CA SER I 64 33.43 15.94 10.45
C SER I 64 32.83 16.49 11.72
N GLY I 65 32.29 15.63 12.57
CA GLY I 65 31.71 16.09 13.84
C GLY I 65 31.70 15.00 14.89
N SER I 66 32.08 15.32 16.13
CA SER I 66 32.10 14.30 17.22
C SER I 66 31.99 14.74 18.69
N GLY I 67 32.02 13.74 19.57
CA GLY I 67 31.89 14.01 20.98
C GLY I 67 31.08 12.99 21.78
N SER I 68 31.57 12.70 22.97
CA SER I 68 30.93 11.73 23.82
C SER I 68 30.55 12.23 25.16
N GLY I 69 31.51 12.22 26.08
CA GLY I 69 31.20 12.64 27.44
C GLY I 69 31.13 14.12 27.73
N THR I 70 32.14 14.56 28.46
CA THR I 70 32.28 15.96 28.83
C THR I 70 33.29 16.51 27.86
N SER I 71 33.54 15.75 26.79
CA SER I 71 34.51 16.18 25.79
C SER I 71 34.05 15.91 24.36
N TYR I 72 34.13 16.96 23.53
CA TYR I 72 33.71 16.96 22.12
C TYR I 72 34.79 17.31 21.09
N SER I 73 34.38 17.51 19.84
CA SER I 73 35.34 17.84 18.77
C SER I 73 34.75 18.53 17.53
N LEU I 74 35.61 18.77 16.55
CA LEU I 74 35.20 19.41 15.32
C LEU I 74 35.90 18.64 14.23
N THR I 75 36.98 19.21 13.69
CA THR I 75 37.79 18.56 12.65
C THR I 75 37.51 18.92 11.18
N ILE I 76 38.61 19.10 10.44
CA ILE I 76 38.52 19.39 9.02
C ILE I 76 39.40 18.50 8.14
N SER I 77 38.77 17.86 7.16
CA SER I 77 39.48 17.01 6.23
C SER I 77 40.75 17.75 5.86
N SER I 78 40.57 18.85 5.14
CA SER I 78 41.67 19.69 4.73
C SER I 78 41.43 21.00 5.48
N LEU I 79 41.57 22.14 4.80
CA LEU I 79 41.36 23.46 5.39
C LEU I 79 41.29 24.45 4.23
N GLU I 80 40.26 25.28 4.19
CA GLU I 80 40.17 26.26 3.11
C GLU I 80 40.10 27.72 3.60
N ALA I 81 40.70 28.59 2.79
CA ALA I 81 40.76 30.00 3.05
C ALA I 81 39.49 30.22 3.72
N GLU I 82 38.45 29.85 3.00
CA GLU I 82 37.10 29.98 3.45
C GLU I 82 36.86 29.51 4.89
N ASP I 83 37.25 28.28 5.22
CA ASP I 83 37.02 27.74 6.56
C ASP I 83 37.56 28.53 7.74
N GLY I 84 38.23 29.62 7.43
CA GLY I 84 38.81 30.44 8.46
C GLY I 84 37.89 31.27 9.28
N ALA I 85 37.60 30.78 10.47
CA ALA I 85 36.75 31.54 11.35
C ALA I 85 36.86 31.04 12.78
N SER I 86 35.94 31.55 13.61
CA SER I 86 35.87 31.19 15.02
C SER I 86 34.66 30.28 15.21
N TYR I 87 34.79 29.37 16.16
CA TYR I 87 33.74 28.40 16.40
C TYR I 87 33.32 28.31 17.84
N PHE I 88 32.04 28.12 18.07
CA PHE I 88 31.62 28.00 19.42
C PHE I 88 30.78 26.81 19.57
N CYS I 89 31.07 26.00 20.58
CA CYS I 89 30.27 24.85 20.85
C CYS I 89 29.15 25.34 21.80
N HIS I 90 27.93 24.95 21.49
CA HIS I 90 26.76 25.33 22.26
C HIS I 90 26.22 24.08 22.94
N GLN I 91 25.57 24.27 24.08
CA GLN I 91 25.04 23.13 24.81
C GLN I 91 23.60 23.40 25.15
N TRP I 92 22.78 22.36 25.30
CA TRP I 92 21.35 22.53 25.63
C TRP I 92 20.82 21.56 26.68
N GLU I 93 21.75 20.82 27.30
CA GLU I 93 21.42 19.88 28.37
C GLU I 93 20.56 20.53 29.46
N THR I 94 21.26 21.16 30.42
CA THR I 94 20.66 21.90 31.57
C THR I 94 20.21 23.33 31.21
N PHE I 95 19.21 23.85 31.90
CA PHE I 95 18.61 25.14 31.53
C PHE I 95 19.31 26.47 31.30
N PRO I 96 20.43 26.75 31.98
CA PRO I 96 21.01 28.07 31.63
C PRO I 96 21.90 27.77 30.41
N ARG I 97 21.37 28.03 29.22
CA ARG I 97 22.10 27.74 28.01
C ARG I 97 23.53 28.33 28.03
N THR I 98 24.51 27.55 27.67
CA THR I 98 25.85 28.08 27.75
C THR I 98 26.60 28.07 26.39
N PHE I 99 27.78 28.67 26.31
CA PHE I 99 28.54 28.70 25.03
C PHE I 99 30.07 28.52 25.27
N GLY I 100 30.54 29.17 26.31
CA GLY I 100 31.96 29.13 26.58
C GLY I 100 32.58 30.14 25.61
N GLY I 101 33.91 30.16 25.57
CA GLY I 101 34.56 31.08 24.67
C GLY I 101 34.40 30.49 23.31
N GLY I 102 35.46 30.58 22.54
CA GLY I 102 35.44 30.04 21.20
C GLY I 102 36.88 29.81 20.76
N THR I 103 37.06 29.29 19.54
CA THR I 103 38.38 29.04 19.04
C THR I 103 38.47 29.74 17.70
N LYS I 104 39.25 30.81 17.66
CA LYS I 104 39.47 31.59 16.44
C LYS I 104 40.32 30.75 15.52
N LEU I 105 40.32 31.06 14.23
CA LEU I 105 41.13 30.32 13.27
C LEU I 105 41.73 31.20 12.19
N GLU I 106 43.03 31.50 12.31
CA GLU I 106 43.79 32.29 11.35
C GLU I 106 44.34 31.22 10.43
N ILE I 107 44.85 31.56 9.25
CA ILE I 107 45.37 30.48 8.40
C ILE I 107 46.81 30.74 7.91
N LYS I 108 47.41 29.69 7.39
CA LYS I 108 48.76 29.65 6.86
C LYS I 108 48.84 30.41 5.55
N ARG I 109 49.67 31.45 5.48
CA ARG I 109 49.79 32.17 4.23
C ARG I 109 51.00 32.97 4.23
N ALA I 110 51.61 32.92 3.06
CA ALA I 110 52.81 33.71 2.81
C ALA I 110 53.69 33.78 4.05
N ASP I 111 54.28 34.98 4.07
CA ASP I 111 55.18 35.49 5.00
C ASP I 111 55.61 36.51 4.04
N ALA I 112 55.18 37.73 4.22
CA ALA I 112 55.56 38.77 3.26
C ALA I 112 55.34 40.08 4.00
N ALA I 113 56.02 41.13 3.56
CA ALA I 113 55.98 42.44 4.20
C ALA I 113 54.88 43.40 3.82
N PRO I 114 54.73 44.45 4.65
CA PRO I 114 53.76 45.54 4.54
C PRO I 114 53.94 46.47 3.33
N THR I 115 52.98 47.35 3.18
CA THR I 115 52.95 48.31 2.13
C THR I 115 52.53 49.56 2.87
N VAL I 116 53.48 50.45 3.13
CA VAL I 116 53.18 51.66 3.89
C VAL I 116 52.99 52.96 3.13
N SER I 117 52.42 53.92 3.85
CA SER I 117 52.17 55.25 3.32
C SER I 117 51.90 56.24 4.45
N ILE I 118 52.51 57.42 4.35
CA ILE I 118 52.36 58.41 5.40
C ILE I 118 51.42 59.51 4.93
N PHE I 119 50.66 60.07 5.87
CA PHE I 119 49.69 61.13 5.54
C PHE I 119 49.74 62.47 6.31
N PRO I 120 49.43 63.57 5.59
CA PRO I 120 49.44 64.93 6.14
C PRO I 120 48.07 65.31 6.67
N PRO I 121 48.02 65.97 7.84
CA PRO I 121 46.76 66.41 8.44
C PRO I 121 45.99 67.34 7.49
N SER I 122 44.72 67.04 7.27
CA SER I 122 43.92 67.81 6.33
C SER I 122 43.98 69.32 6.49
N LYS I 123 43.58 70.03 5.44
CA LYS I 123 43.52 71.50 5.47
C LYS I 123 42.35 71.81 6.43
N ILE I 124 41.36 70.92 6.38
CA ILE I 124 40.17 70.97 7.21
C ILE I 124 40.61 70.63 8.65
N GLN I 125 41.15 69.41 8.81
CA GLN I 125 41.66 68.89 10.08
C GLN I 125 42.55 69.92 10.81
N LEU I 126 43.30 70.70 10.03
CA LEU I 126 44.19 71.75 10.55
C LEU I 126 43.39 72.92 11.03
N THR I 127 42.58 73.46 10.13
CA THR I 127 41.69 74.57 10.41
C THR I 127 40.87 74.31 11.70
N SER I 128 41.20 73.24 12.42
CA SER I 128 40.50 72.87 13.65
C SER I 128 41.44 72.78 14.86
N GLY I 129 42.69 73.16 14.64
CA GLY I 129 43.64 73.11 15.73
C GLY I 129 44.19 71.71 15.88
N GLY I 130 43.62 70.82 15.08
CA GLY I 130 44.03 69.43 15.09
C GLY I 130 44.97 69.09 13.96
N ALA I 131 45.86 68.14 14.24
CA ALA I 131 46.86 67.68 13.30
C ALA I 131 46.93 66.17 13.36
N SER I 132 46.16 65.52 12.51
CA SER I 132 46.17 64.07 12.50
C SER I 132 47.08 63.47 11.42
N VAL I 133 48.21 62.88 11.84
CA VAL I 133 49.14 62.25 10.91
C VAL I 133 49.01 60.73 11.04
N VAL I 134 48.30 60.15 10.08
CA VAL I 134 48.04 58.72 10.06
C VAL I 134 48.91 57.96 9.14
N CYS I 135 49.31 56.79 9.60
CA CYS I 135 50.18 55.95 8.82
C CYS I 135 49.58 54.55 8.69
N PHE I 136 49.31 54.12 7.46
CA PHE I 136 48.78 52.79 7.20
C PHE I 136 49.88 51.72 6.97
N LEU I 137 49.64 50.51 7.42
CA LEU I 137 50.58 49.40 7.22
C LEU I 137 49.73 48.21 6.81
N ASN I 138 49.41 48.14 5.53
CA ASN I 138 48.53 47.12 5.01
C ASN I 138 49.17 45.79 4.66
N ASN I 139 48.30 44.84 4.33
CA ASN I 139 48.59 43.45 3.91
C ASN I 139 49.93 42.75 4.19
N PHE I 140 50.43 42.85 5.41
CA PHE I 140 51.69 42.22 5.77
C PHE I 140 51.44 40.87 6.41
N TYR I 141 52.45 40.03 6.59
CA TYR I 141 52.10 38.81 7.27
C TYR I 141 51.98 38.89 8.80
N PRO I 142 52.55 37.93 9.57
CA PRO I 142 52.36 38.00 11.04
C PRO I 142 51.60 39.21 11.64
N LYS I 143 50.49 38.91 12.32
CA LYS I 143 49.70 39.98 12.90
C LYS I 143 50.57 40.97 13.67
N ASP I 144 51.72 40.53 14.16
CA ASP I 144 52.61 41.40 14.94
C ASP I 144 53.59 42.22 14.10
N ILE I 145 53.60 43.51 14.37
CA ILE I 145 54.45 44.46 13.68
C ILE I 145 54.71 45.55 14.72
N ASN I 146 55.63 46.47 14.44
CA ASN I 146 55.86 47.55 15.38
C ASN I 146 56.31 48.81 14.69
N VAL I 147 55.50 49.84 14.83
CA VAL I 147 55.82 51.11 14.23
C VAL I 147 56.49 51.97 15.26
N LYS I 148 56.97 53.10 14.77
CA LYS I 148 57.62 54.10 15.58
C LYS I 148 57.40 55.40 14.83
N TRP I 149 56.93 56.40 15.55
CA TRP I 149 56.73 57.71 14.98
C TRP I 149 57.94 58.59 15.35
N LYS I 150 58.54 59.20 14.33
CA LYS I 150 59.72 60.00 14.55
C LYS I 150 59.59 61.50 14.61
N ILE I 151 59.19 62.10 13.47
CA ILE I 151 59.11 63.57 13.29
C ILE I 151 60.56 64.00 12.99
N ASP I 152 61.28 64.42 14.04
CA ASP I 152 62.67 64.84 13.96
C ASP I 152 63.51 63.84 14.75
N GLY I 153 62.92 63.27 15.79
CA GLY I 153 63.59 62.27 16.59
C GLY I 153 62.52 61.65 17.48
N SER I 154 62.56 60.33 17.73
CA SER I 154 61.55 59.64 18.60
C SER I 154 61.49 58.07 18.61
N GLU I 155 61.61 57.46 19.81
CA GLU I 155 61.54 55.99 20.00
C GLU I 155 60.38 55.51 20.89
N ARG I 156 60.10 56.22 21.97
CA ARG I 156 59.02 55.80 22.88
C ARG I 156 57.64 56.41 22.56
N GLN I 157 56.65 55.98 23.34
CA GLN I 157 55.27 56.43 23.23
C GLN I 157 55.20 57.95 23.06
N ASN I 158 54.20 58.42 22.32
CA ASN I 158 54.00 59.87 22.07
C ASN I 158 52.54 60.27 22.35
N GLY I 159 51.71 60.04 21.33
CA GLY I 159 50.29 60.35 21.34
C GLY I 159 49.72 59.69 20.09
N VAL I 160 50.12 58.43 19.94
CA VAL I 160 49.69 57.66 18.81
C VAL I 160 48.62 56.68 19.28
N LEU I 161 47.83 56.20 18.31
CA LEU I 161 46.76 55.23 18.55
C LEU I 161 46.74 54.30 17.37
N ASN I 162 46.60 53.01 17.64
CA ASN I 162 46.60 51.99 16.60
C ASN I 162 45.40 51.06 16.67
N SER I 163 45.15 50.32 15.59
CA SER I 163 44.04 49.39 15.52
C SER I 163 44.18 48.46 14.35
N TRP I 164 44.74 47.29 14.59
CA TRP I 164 44.91 46.32 13.53
C TRP I 164 43.51 45.83 13.11
N THR I 165 43.47 44.94 12.12
CA THR I 165 42.23 44.41 11.61
C THR I 165 42.44 42.92 11.54
N ASP I 166 41.39 42.17 11.19
CA ASP I 166 41.43 40.71 11.08
C ASP I 166 41.91 40.18 9.71
N GLN I 167 42.51 38.99 9.75
CA GLN I 167 43.03 38.32 8.59
C GLN I 167 42.05 38.57 7.46
N ASP I 168 42.56 39.10 6.36
CA ASP I 168 41.76 39.44 5.18
C ASP I 168 41.02 38.24 4.55
N SER I 169 40.12 38.53 3.64
CA SER I 169 39.36 37.49 2.97
C SER I 169 40.28 36.55 2.22
N LYS I 170 40.80 37.01 1.07
CA LYS I 170 41.68 36.23 0.18
C LYS I 170 43.19 36.45 0.33
N ASP I 171 43.52 37.43 1.18
CA ASP I 171 44.89 37.81 1.48
C ASP I 171 45.30 37.10 2.74
N SER I 172 44.38 36.94 3.67
CA SER I 172 44.70 36.30 4.94
C SER I 172 45.96 37.01 5.46
N THR I 173 46.01 38.29 5.16
CA THR I 173 47.09 39.20 5.54
C THR I 173 46.51 40.10 6.62
N TYR I 174 47.23 41.17 6.95
CA TYR I 174 46.75 42.11 7.93
C TYR I 174 47.10 43.53 7.55
N SER I 175 46.55 44.49 8.29
CA SER I 175 46.79 45.89 8.04
C SER I 175 46.61 46.53 9.39
N MET I 176 47.37 47.58 9.67
CA MET I 176 47.30 48.24 10.95
C MET I 176 47.19 49.71 10.70
N SER I 177 47.03 50.50 11.77
CA SER I 177 46.89 51.93 11.58
C SER I 177 47.28 52.79 12.77
N SER I 178 48.40 53.48 12.61
CA SER I 178 48.88 54.41 13.62
C SER I 178 48.41 55.78 13.18
N THR I 179 48.10 56.63 14.13
CA THR I 179 47.65 57.96 13.78
C THR I 179 48.25 58.90 14.79
N LEU I 180 48.89 59.94 14.27
CA LEU I 180 49.52 60.97 15.09
C LEU I 180 48.69 62.28 15.14
N THR I 181 48.22 62.60 16.34
CA THR I 181 47.41 63.77 16.56
C THR I 181 48.11 64.84 17.41
N LEU I 182 48.31 66.03 16.82
CA LEU I 182 48.96 67.12 17.54
C LEU I 182 48.28 68.48 17.43
N THR I 183 48.80 69.45 18.18
CA THR I 183 48.24 70.77 18.14
C THR I 183 48.64 71.36 16.80
N LYS I 184 47.74 72.10 16.16
CA LYS I 184 48.03 72.77 14.87
C LYS I 184 49.43 73.40 14.88
N ASP I 185 49.68 74.09 16.00
CA ASP I 185 50.93 74.79 16.31
C ASP I 185 52.09 73.81 16.44
N GLU I 186 52.00 72.88 17.39
CA GLU I 186 53.05 71.89 17.61
C GLU I 186 53.43 71.11 16.35
N TYR I 187 52.50 71.08 15.39
CA TYR I 187 52.69 70.43 14.09
C TYR I 187 53.45 71.40 13.19
N GLU I 188 53.01 72.65 13.15
CA GLU I 188 53.72 73.65 12.37
C GLU I 188 54.93 74.00 13.22
N ARG I 189 55.50 73.00 13.88
CA ARG I 189 56.68 73.16 14.73
C ARG I 189 57.88 72.72 13.88
N HIS I 190 57.74 71.60 13.17
CA HIS I 190 58.79 71.08 12.25
C HIS I 190 58.05 70.56 10.99
N ASN I 191 58.81 70.06 10.01
CA ASN I 191 58.23 69.52 8.75
C ASN I 191 58.90 68.17 8.45
N SER I 192 59.27 67.53 9.54
CA SER I 192 59.94 66.24 9.59
C SER I 192 58.96 65.24 10.24
N TYR I 193 58.43 64.28 9.46
CA TYR I 193 57.45 63.32 10.00
C TYR I 193 57.51 61.90 9.46
N THR I 194 58.36 61.07 10.05
CA THR I 194 58.53 59.69 9.62
C THR I 194 57.74 58.63 10.40
N CYS I 195 57.36 57.59 9.66
CA CYS I 195 56.64 56.44 10.20
C CYS I 195 57.62 55.26 10.04
N GLU I 196 57.80 54.48 11.10
CA GLU I 196 58.72 53.36 11.03
C GLU I 196 58.10 51.96 11.16
N ALA I 197 57.90 51.26 10.04
CA ALA I 197 57.35 49.91 10.10
C ALA I 197 58.50 48.89 10.32
N THR I 198 58.45 48.17 11.43
CA THR I 198 59.48 47.16 11.73
C THR I 198 58.91 45.74 11.61
N HIS I 199 59.45 44.93 10.70
CA HIS I 199 58.88 43.58 10.52
C HIS I 199 59.81 42.37 10.56
N LYS I 200 59.18 41.20 10.64
CA LYS I 200 59.84 39.92 10.64
C LYS I 200 60.29 39.75 9.20
N THR I 201 59.65 40.53 8.36
CA THR I 201 59.95 40.49 6.96
C THR I 201 61.44 40.79 6.74
N SER I 202 61.87 42.04 6.90
CA SER I 202 63.29 42.40 6.73
C SER I 202 63.79 43.03 8.03
N THR I 203 65.11 43.12 8.19
CA THR I 203 65.72 43.70 9.39
C THR I 203 65.62 45.23 9.44
N SER I 204 65.83 45.88 8.30
CA SER I 204 65.76 47.34 8.23
C SER I 204 64.34 47.87 8.00
N PRO I 205 63.73 48.39 9.08
CA PRO I 205 62.39 48.98 9.22
C PRO I 205 61.89 49.91 8.14
N ILE I 206 61.29 49.32 7.13
CA ILE I 206 60.71 50.07 6.02
C ILE I 206 60.25 51.43 6.52
N VAL I 207 61.03 52.45 6.22
CA VAL I 207 60.64 53.76 6.69
C VAL I 207 59.89 54.47 5.59
N LYS I 208 59.04 55.41 6.01
CA LYS I 208 58.24 56.22 5.10
C LYS I 208 57.85 57.56 5.74
N SER I 209 57.81 58.62 4.91
CA SER I 209 57.45 59.98 5.32
C SER I 209 57.52 60.94 4.11
N PHE I 210 58.76 61.27 3.74
CA PHE I 210 59.05 62.17 2.63
C PHE I 210 60.50 61.82 2.23
N ASN I 211 60.69 60.54 1.85
CA ASN I 211 61.99 59.96 1.45
C ASN I 211 62.31 60.28 -0.01
N ARG I 212 62.52 61.57 -0.28
CA ARG I 212 62.82 62.09 -1.61
C ARG I 212 63.18 63.58 -1.60
N ASN I 213 63.52 64.10 -2.80
CA ASN I 213 63.90 65.50 -2.97
C ASN I 213 62.83 66.31 -3.75
N ASP J 1 10.17 31.60 4.70
CA ASP J 1 10.70 31.24 6.08
C ASP J 1 10.28 32.27 7.10
N VAL J 2 11.01 32.36 8.21
CA VAL J 2 10.68 33.35 9.20
C VAL J 2 11.76 34.41 9.22
N HIS J 3 11.37 35.66 9.47
CA HIS J 3 12.32 36.79 9.55
C HIS J 3 12.27 37.43 10.95
N LEU J 4 13.38 38.02 11.40
CA LEU J 4 13.46 38.66 12.75
C LEU J 4 14.26 39.92 12.66
N GLN J 5 13.73 41.03 13.18
CA GLN J 5 14.43 42.32 13.13
C GLN J 5 14.67 42.94 14.52
N GLU J 6 15.92 43.08 14.98
CA GLU J 6 16.19 43.68 16.30
C GLU J 6 15.70 45.09 16.28
N SER J 7 15.90 45.83 17.36
CA SER J 7 15.43 47.21 17.37
C SER J 7 15.54 47.90 18.73
N GLY J 8 15.64 49.22 18.70
CA GLY J 8 15.80 49.99 19.92
C GLY J 8 16.96 51.00 19.87
N PRO J 9 17.19 51.75 20.97
CA PRO J 9 18.25 52.75 21.07
C PRO J 9 19.66 52.29 20.80
N GLY J 10 20.49 53.19 20.30
CA GLY J 10 21.90 52.84 20.07
C GLY J 10 22.71 52.95 21.36
N LEU J 11 22.09 53.54 22.40
CA LEU J 11 22.72 53.76 23.72
C LEU J 11 21.80 54.13 24.88
N VAL J 12 22.39 54.16 26.08
CA VAL J 12 21.75 54.58 27.32
C VAL J 12 22.77 54.74 28.42
N LYS J 13 22.41 55.55 29.42
CA LYS J 13 23.24 55.86 30.59
C LYS J 13 22.99 54.83 31.66
N PRO J 14 24.09 54.37 32.25
CA PRO J 14 24.14 53.37 33.30
C PRO J 14 23.05 53.62 34.28
N SER J 15 22.13 52.69 34.38
CA SER J 15 21.01 52.75 35.32
C SER J 15 19.63 52.76 34.73
N GLN J 16 19.41 53.46 33.63
CA GLN J 16 18.06 53.46 33.08
C GLN J 16 17.61 52.02 32.72
N SER J 17 16.62 51.90 31.86
CA SER J 17 16.18 50.60 31.47
C SER J 17 16.35 50.37 29.97
N LEU J 18 16.81 49.18 29.60
CA LEU J 18 16.97 48.82 28.19
C LEU J 18 15.71 48.12 27.67
N SER J 19 15.30 48.36 26.43
CA SER J 19 14.08 47.75 25.93
C SER J 19 14.06 47.36 24.47
N LEU J 20 14.79 46.29 24.15
CA LEU J 20 14.85 45.80 22.77
C LEU J 20 13.52 45.36 22.20
N THR J 21 13.55 44.97 20.92
CA THR J 21 12.37 44.51 20.22
C THR J 21 12.73 43.73 18.97
N CYS J 22 12.02 42.62 18.77
CA CYS J 22 12.27 41.72 17.64
C CYS J 22 10.97 41.62 16.92
N TYR J 23 11.03 41.63 15.59
CA TYR J 23 9.82 41.53 14.77
C TYR J 23 9.98 40.29 13.96
N VAL J 24 9.07 39.35 14.16
CA VAL J 24 9.12 38.08 13.45
C VAL J 24 8.11 38.14 12.34
N THR J 25 8.37 37.39 11.30
CA THR J 25 7.50 37.38 10.17
C THR J 25 7.61 36.05 9.43
N GLY J 26 6.51 35.29 9.51
CA GLY J 26 6.41 33.98 8.87
C GLY J 26 6.15 32.81 9.82
N TYR J 27 5.79 33.13 11.05
CA TYR J 27 5.51 32.10 12.02
C TYR J 27 4.90 32.72 13.29
N SER J 28 3.70 32.30 13.66
CA SER J 28 3.06 32.84 14.84
C SER J 28 3.87 32.47 16.06
N ILE J 29 4.59 33.41 16.66
CA ILE J 29 5.41 33.06 17.82
C ILE J 29 4.68 32.37 18.95
N THR J 30 3.60 31.68 18.57
CA THR J 30 2.77 30.94 19.47
C THR J 30 2.67 29.58 18.86
N SER J 31 3.34 29.36 17.74
CA SER J 31 3.26 28.07 17.04
C SER J 31 4.50 27.22 17.13
N GLY J 32 5.24 27.32 18.22
CA GLY J 32 6.45 26.53 18.31
C GLY J 32 7.65 27.43 18.26
N TYR J 33 8.81 26.86 18.55
CA TYR J 33 10.08 27.61 18.57
C TYR J 33 10.22 28.43 19.83
N TYR J 34 11.45 28.52 20.32
CA TYR J 34 11.73 29.27 21.54
C TYR J 34 12.37 30.60 21.23
N TRP J 35 11.58 31.65 21.35
CA TRP J 35 12.10 32.94 21.00
C TRP J 35 13.00 33.43 22.09
N THR J 36 14.27 33.61 21.70
CA THR J 36 15.31 34.01 22.62
C THR J 36 16.08 35.27 22.26
N TRP J 37 16.91 35.72 23.19
CA TRP J 37 17.73 36.89 22.99
C TRP J 37 19.14 36.46 23.32
N ILE J 38 20.10 36.70 22.42
CA ILE J 38 21.48 36.32 22.69
C ILE J 38 22.42 37.44 22.34
N ARG J 39 23.34 37.72 23.22
CA ARG J 39 24.25 38.81 22.96
C ARG J 39 25.64 38.36 23.18
N GLN J 40 26.54 39.09 22.54
CA GLN J 40 27.95 38.86 22.74
C GLN J 40 28.66 40.23 23.02
N PHE J 41 29.59 40.16 23.97
CA PHE J 41 30.38 41.30 24.41
C PHE J 41 31.54 41.71 23.54
N PRO J 42 32.05 42.93 23.76
CA PRO J 42 33.18 43.39 22.95
C PRO J 42 34.23 42.31 22.74
N GLY J 43 34.43 41.49 23.78
CA GLY J 43 35.42 40.41 23.71
C GLY J 43 35.04 39.24 22.79
N ASN J 44 33.85 39.36 22.21
CA ASN J 44 33.32 38.33 21.35
C ASN J 44 33.17 37.09 22.20
N LYS J 45 32.09 37.09 22.99
CA LYS J 45 31.73 36.02 23.89
C LYS J 45 30.21 35.90 23.85
N LEU J 46 29.70 34.78 23.36
CA LEU J 46 28.28 34.62 23.26
C LEU J 46 27.70 34.26 24.62
N GLU J 47 26.71 35.04 25.07
CA GLU J 47 26.07 34.71 26.35
C GLU J 47 24.57 34.61 26.20
N TRP J 48 24.00 33.43 26.56
CA TRP J 48 22.56 33.11 26.48
C TRP J 48 21.66 33.89 27.45
N MET J 49 20.80 34.72 26.92
CA MET J 49 20.00 35.50 27.82
C MET J 49 18.66 34.88 28.19
N GLY J 50 18.22 33.85 27.50
CA GLY J 50 16.93 33.29 27.91
C GLY J 50 15.87 33.34 26.83
N TYR J 51 14.72 32.74 27.08
CA TYR J 51 13.70 32.74 26.05
C TYR J 51 12.28 33.14 26.41
N ILE J 52 11.35 32.36 25.88
CA ILE J 52 9.89 32.48 26.04
C ILE J 52 9.41 31.73 24.81
N SER J 53 8.88 30.53 25.04
CA SER J 53 8.41 29.70 23.93
C SER J 53 6.96 29.90 23.61
N TYR J 54 6.43 29.05 22.76
CA TYR J 54 5.05 29.17 22.38
C TYR J 54 4.33 28.93 23.67
N ASP J 55 5.02 28.24 24.57
CA ASP J 55 4.54 27.92 25.90
C ASP J 55 3.94 29.07 26.65
N GLY J 56 3.96 30.26 26.05
CA GLY J 56 3.39 31.42 26.71
C GLY J 56 4.33 32.28 27.56
N SER J 57 3.76 32.91 28.59
CA SER J 57 4.48 33.80 29.51
C SER J 57 5.60 33.03 30.19
N ASN J 58 5.95 31.86 29.63
CA ASN J 58 7.01 31.08 30.25
C ASN J 58 8.36 31.87 30.42
N ASN J 59 8.89 32.48 29.36
CA ASN J 59 10.13 33.23 29.52
C ASN J 59 11.26 32.24 29.81
N TYR J 60 11.18 31.67 31.01
CA TYR J 60 12.17 30.75 31.52
C TYR J 60 13.57 31.31 31.17
N ASN J 61 13.79 32.51 31.70
CA ASN J 61 15.01 33.33 31.57
C ASN J 61 16.26 32.52 32.05
N PRO J 62 17.43 33.16 32.19
CA PRO J 62 18.69 32.52 32.61
C PRO J 62 19.01 32.49 34.08
N SER J 63 20.15 33.10 34.40
CA SER J 63 20.67 33.15 35.75
C SER J 63 21.04 34.58 36.11
N LEU J 64 20.33 35.52 35.46
CA LEU J 64 20.45 36.97 35.68
C LEU J 64 19.03 37.56 35.59
N LYS J 65 18.09 36.77 36.13
CA LYS J 65 16.62 37.03 36.22
C LYS J 65 16.38 38.41 36.73
N ASN J 66 17.08 38.66 37.83
CA ASN J 66 17.06 39.92 38.48
C ASN J 66 16.50 41.02 37.56
N ARG J 67 16.79 40.93 36.27
CA ARG J 67 16.29 41.91 35.33
C ARG J 67 16.02 41.43 33.92
N ILE J 68 16.72 40.41 33.43
CA ILE J 68 16.39 39.98 32.07
C ILE J 68 14.94 39.61 32.31
N SER J 69 14.04 40.26 31.54
CA SER J 69 12.60 40.04 31.62
C SER J 69 12.01 40.20 30.23
N ILE J 70 11.20 39.24 29.81
CA ILE J 70 10.69 39.20 28.45
C ILE J 70 9.19 39.24 28.16
N THR J 71 8.82 39.69 26.97
CA THR J 71 7.40 39.72 26.58
C THR J 71 7.18 39.24 25.14
N ARG J 72 5.90 39.08 24.78
CA ARG J 72 5.44 38.64 23.45
C ARG J 72 4.19 39.45 23.15
N ASP J 73 3.86 39.68 21.88
CA ASP J 73 2.61 40.40 21.57
C ASP J 73 1.84 39.75 20.44
N THR J 74 1.43 38.51 20.70
CA THR J 74 0.69 37.64 19.78
C THR J 74 -0.09 38.34 18.66
N SER J 75 -0.59 39.53 18.93
CA SER J 75 -1.33 40.30 17.94
C SER J 75 -0.34 40.76 16.89
N LYS J 76 0.67 41.49 17.35
CA LYS J 76 1.73 41.99 16.48
C LYS J 76 2.77 40.91 16.21
N ASN J 77 2.64 39.80 16.93
CA ASN J 77 3.53 38.68 16.71
C ASN J 77 4.94 39.21 16.82
N GLN J 78 5.28 39.61 18.05
CA GLN J 78 6.61 40.15 18.32
C GLN J 78 6.95 39.95 19.79
N PHE J 79 8.25 39.87 20.10
CA PHE J 79 8.63 39.68 21.48
C PHE J 79 9.72 40.67 21.89
N PHE J 80 9.82 40.89 23.20
CA PHE J 80 10.73 41.91 23.70
C PHE J 80 11.71 41.57 24.82
N LEU J 81 12.56 42.54 25.15
CA LEU J 81 13.54 42.43 26.20
C LEU J 81 13.42 43.65 27.13
N LYS J 82 13.97 43.52 28.34
CA LYS J 82 13.97 44.58 29.35
C LYS J 82 15.34 44.80 30.02
N LEU J 83 15.82 43.82 30.77
CA LEU J 83 17.11 43.97 31.42
C LEU J 83 17.19 45.11 32.47
N ASN J 84 16.07 45.77 32.75
CA ASN J 84 16.00 46.82 33.78
C ASN J 84 17.21 47.76 33.93
N SER J 85 17.74 47.82 35.16
CA SER J 85 18.90 48.63 35.56
C SER J 85 20.18 48.11 34.92
N VAL J 86 20.78 48.94 34.08
CA VAL J 86 21.94 48.53 33.35
C VAL J 86 23.16 49.30 33.69
N THR J 87 24.28 48.71 33.36
CA THR J 87 25.57 49.27 33.61
C THR J 87 26.30 49.42 32.28
N ALA J 88 27.60 49.65 32.38
CA ALA J 88 28.46 49.82 31.23
C ALA J 88 28.95 48.43 30.98
N GLU J 89 28.81 47.62 31.99
CA GLU J 89 29.23 46.25 31.84
C GLU J 89 28.29 45.62 30.80
N ASP J 90 27.04 46.11 30.78
CA ASP J 90 26.02 45.61 29.86
C ASP J 90 26.06 46.09 28.41
N THR J 91 27.05 46.91 28.05
CA THR J 91 27.12 47.38 26.66
C THR J 91 27.62 46.25 25.77
N ALA J 92 26.85 45.95 24.72
CA ALA J 92 27.22 44.88 23.83
C ALA J 92 26.35 44.85 22.56
N SER J 93 26.33 43.68 21.91
CA SER J 93 25.52 43.43 20.70
C SER J 93 24.31 42.53 21.10
N TYR J 94 23.11 43.03 20.90
CA TYR J 94 21.97 42.28 21.30
C TYR J 94 21.27 41.69 20.13
N TYR J 95 21.17 40.36 20.14
CA TYR J 95 20.53 39.58 19.09
C TYR J 95 19.24 38.84 19.55
N CYS J 96 18.32 38.65 18.61
CA CYS J 96 17.15 37.84 18.90
C CYS J 96 17.07 36.68 17.89
N ALA J 97 16.58 35.52 18.37
CA ALA J 97 16.49 34.30 17.55
C ALA J 97 15.49 33.30 18.07
N ALA J 98 15.24 32.27 17.24
CA ALA J 98 14.32 31.15 17.56
C ALA J 98 15.00 29.81 17.30
N PHE J 99 14.74 28.85 18.17
CA PHE J 99 15.36 27.56 18.00
C PHE J 99 14.31 26.49 17.84
N TYR J 100 14.68 25.38 17.19
CA TYR J 100 13.76 24.27 16.94
C TYR J 100 13.80 23.05 17.89
N TYR J 101 14.91 22.34 18.06
CA TYR J 101 14.91 21.26 19.11
C TYR J 101 14.16 19.92 18.87
N ASP J 102 14.84 18.78 18.91
CA ASP J 102 14.13 17.55 18.57
C ASP J 102 14.61 16.21 19.10
N TYR J 103 15.83 16.16 19.60
CA TYR J 103 16.50 14.94 20.17
C TYR J 103 17.33 14.29 19.13
N ASP J 104 17.11 14.72 17.90
CA ASP J 104 17.81 14.20 16.73
C ASP J 104 18.00 15.37 15.75
N PHE J 105 17.36 16.50 16.01
CA PHE J 105 17.49 17.57 15.05
C PHE J 105 17.47 18.91 15.74
N PHE J 106 17.98 19.93 15.03
CA PHE J 106 18.03 21.26 15.61
C PHE J 106 18.10 22.21 14.50
N PHE J 107 17.56 23.42 14.72
CA PHE J 107 17.56 24.46 13.70
C PHE J 107 17.03 25.84 14.12
N ASP J 108 17.90 26.84 13.93
CA ASP J 108 17.70 28.25 14.32
C ASP J 108 17.69 29.29 13.23
N TYR J 109 17.23 30.49 13.65
CA TYR J 109 17.12 31.77 12.89
C TYR J 109 17.64 32.86 13.84
N TRP J 110 18.44 33.82 13.34
CA TRP J 110 18.95 34.90 14.21
C TRP J 110 18.48 36.30 13.78
N GLY J 111 19.42 37.23 13.64
CA GLY J 111 19.02 38.55 13.22
C GLY J 111 20.19 39.48 13.01
N GLN J 112 19.96 40.52 12.20
CA GLN J 112 20.98 41.51 11.88
C GLN J 112 21.64 41.98 13.20
N GLY J 113 20.85 41.98 14.27
CA GLY J 113 21.35 42.39 15.57
C GLY J 113 21.48 43.90 15.74
N THR J 114 21.16 44.36 16.94
CA THR J 114 21.26 45.78 17.26
C THR J 114 22.36 46.04 18.26
N THR J 115 23.08 47.15 18.06
CA THR J 115 24.13 47.50 18.98
C THR J 115 23.61 48.55 19.94
N LEU J 116 23.83 48.26 21.23
CA LEU J 116 23.50 49.17 22.30
C LEU J 116 24.86 49.45 22.97
N THR J 117 25.01 50.69 23.41
CA THR J 117 26.22 51.19 24.04
C THR J 117 25.75 51.87 25.34
N VAL J 118 26.29 51.46 26.47
CA VAL J 118 25.82 52.07 27.71
C VAL J 118 26.90 52.96 28.22
N SER J 119 26.63 54.26 28.15
CA SER J 119 27.59 55.22 28.62
C SER J 119 26.91 56.54 28.90
N SER J 120 27.61 57.31 29.71
CA SER J 120 27.22 58.67 30.10
C SER J 120 27.28 59.61 28.86
N ALA J 121 28.53 59.94 28.47
CA ALA J 121 28.90 60.80 27.34
C ALA J 121 27.79 60.92 26.32
N LYS J 122 27.88 61.96 25.49
CA LYS J 122 26.83 62.28 24.51
C LYS J 122 26.96 61.97 23.02
N THR J 123 25.82 61.65 22.44
CA THR J 123 25.76 61.36 21.03
C THR J 123 26.43 62.58 20.45
N THR J 124 27.53 62.40 19.74
CA THR J 124 28.21 63.56 19.19
C THR J 124 28.79 63.36 17.81
N PRO J 125 28.24 64.09 16.85
CA PRO J 125 28.64 64.06 15.43
C PRO J 125 30.15 63.98 15.21
N PRO J 126 30.56 63.30 14.11
CA PRO J 126 31.97 63.10 13.72
C PRO J 126 32.36 64.08 12.62
N SER J 127 33.65 64.19 12.40
CA SER J 127 34.12 65.08 11.39
C SER J 127 35.01 64.23 10.54
N VAL J 128 34.93 64.47 9.23
CA VAL J 128 35.67 63.72 8.23
C VAL J 128 36.77 64.48 7.51
N TYR J 129 37.99 64.02 7.66
CA TYR J 129 39.12 64.66 6.99
C TYR J 129 39.75 63.69 6.02
N PRO J 130 40.00 64.13 4.77
CA PRO J 130 40.60 63.33 3.71
C PRO J 130 42.09 63.10 3.71
N LEU J 131 42.47 61.85 3.44
CA LEU J 131 43.86 61.52 3.41
C LEU J 131 44.40 61.32 2.01
N ALA J 132 45.13 62.32 1.54
CA ALA J 132 45.77 62.25 0.22
C ALA J 132 47.28 62.27 0.47
N PRO J 133 48.06 61.78 -0.49
CA PRO J 133 49.52 61.73 -0.39
C PRO J 133 50.18 63.08 -0.72
N GLY J 134 49.37 63.97 -1.28
CA GLY J 134 49.76 65.33 -1.68
C GLY J 134 51.21 65.64 -2.01
N SER J 135 51.83 66.46 -1.14
CA SER J 135 53.22 66.92 -1.25
C SER J 135 54.12 66.05 -2.14
N ALA J 136 54.82 65.13 -1.48
CA ALA J 136 55.72 64.20 -2.14
C ALA J 136 54.91 62.98 -2.67
N ALA J 137 55.29 62.45 -3.84
CA ALA J 137 54.57 61.31 -4.42
C ALA J 137 55.15 59.90 -4.11
N GLN J 138 56.26 59.50 -4.75
CA GLN J 138 56.87 58.16 -4.54
C GLN J 138 55.86 57.09 -4.98
N THR J 139 55.70 56.91 -6.29
CA THR J 139 54.73 55.93 -6.78
C THR J 139 55.26 54.97 -7.86
N ASN J 140 54.87 55.26 -9.11
CA ASN J 140 55.22 54.47 -10.30
C ASN J 140 54.53 53.08 -10.20
N SER J 141 53.61 52.97 -9.25
CA SER J 141 52.85 51.74 -9.01
C SER J 141 51.57 52.18 -8.32
N MET J 142 50.87 51.21 -7.72
CA MET J 142 49.61 51.46 -7.02
C MET J 142 49.66 52.60 -5.98
N VAL J 143 48.57 53.37 -5.90
CA VAL J 143 48.47 54.49 -4.98
C VAL J 143 47.51 54.14 -3.87
N THR J 144 47.65 54.82 -2.73
CA THR J 144 46.76 54.61 -1.57
C THR J 144 46.09 55.91 -1.06
N LEU J 145 44.81 55.82 -0.71
CA LEU J 145 44.11 56.99 -0.21
C LEU J 145 43.57 56.66 1.13
N GLY J 146 43.32 57.70 1.90
CA GLY J 146 42.78 57.51 3.23
C GLY J 146 41.42 58.15 3.28
N CYS J 147 41.15 58.78 4.41
CA CYS J 147 39.88 59.44 4.70
C CYS J 147 39.53 58.89 6.07
N LEU J 148 39.75 59.71 7.10
CA LEU J 148 39.52 59.33 8.49
C LEU J 148 38.32 59.96 9.20
N VAL J 149 37.73 59.13 10.05
CA VAL J 149 36.59 59.54 10.87
C VAL J 149 37.08 59.69 12.31
N LYS J 150 36.91 60.91 12.85
CA LYS J 150 37.35 61.23 14.20
C LYS J 150 36.29 62.00 14.99
N GLY J 151 36.44 61.89 16.30
CA GLY J 151 35.59 62.54 17.25
C GLY J 151 34.13 62.17 17.22
N TYR J 152 33.81 60.88 17.25
CA TYR J 152 32.40 60.48 17.25
C TYR J 152 32.03 59.55 18.39
N PHE J 153 30.73 59.42 18.59
CA PHE J 153 30.17 58.59 19.64
C PHE J 153 28.67 58.84 19.66
N PRO J 154 27.87 57.81 20.00
CA PRO J 154 28.23 56.45 20.37
C PRO J 154 28.42 55.62 19.10
N GLU J 155 29.16 54.52 19.18
CA GLU J 155 29.32 53.67 18.01
C GLU J 155 27.94 53.50 17.34
N PRO J 156 27.90 53.05 16.07
CA PRO J 156 28.94 52.66 15.12
C PRO J 156 28.74 53.46 13.83
N VAL J 157 29.79 53.54 13.03
CA VAL J 157 29.70 54.27 11.78
C VAL J 157 29.97 53.34 10.62
N THR J 158 29.65 53.80 9.42
CA THR J 158 29.85 52.97 8.25
C THR J 158 30.56 53.73 7.13
N VAL J 159 31.66 53.15 6.65
CA VAL J 159 32.44 53.79 5.58
C VAL J 159 32.48 53.02 4.27
N THR J 160 32.57 53.78 3.19
CA THR J 160 32.62 53.19 1.85
C THR J 160 33.59 53.86 0.83
N TRP J 161 33.30 53.66 -0.45
CA TRP J 161 34.06 54.24 -1.54
C TRP J 161 33.19 54.39 -2.80
N ASN J 162 33.06 55.64 -3.24
CA ASN J 162 32.29 56.03 -4.41
C ASN J 162 30.95 55.36 -4.42
N SER J 163 30.38 55.27 -3.22
CA SER J 163 29.07 54.68 -2.99
C SER J 163 29.10 53.17 -2.98
N GLY J 164 30.21 52.60 -2.50
CA GLY J 164 30.36 51.16 -2.45
C GLY J 164 31.00 50.49 -3.66
N SER J 165 31.02 51.18 -4.81
CA SER J 165 31.60 50.63 -6.02
C SER J 165 33.04 50.20 -5.84
N LEU J 166 33.80 50.91 -5.00
CA LEU J 166 35.19 50.50 -4.76
C LEU J 166 35.23 49.66 -3.50
N SER J 167 35.05 48.35 -3.67
CA SER J 167 35.04 47.42 -2.56
C SER J 167 36.44 46.89 -2.25
N SER J 168 37.03 46.19 -3.21
CA SER J 168 38.35 45.56 -3.06
C SER J 168 39.48 46.51 -2.78
N GLY J 169 40.43 46.07 -1.96
CA GLY J 169 41.58 46.92 -1.65
C GLY J 169 41.39 47.98 -0.56
N VAL J 170 40.25 47.95 0.14
CA VAL J 170 39.98 48.92 1.22
C VAL J 170 39.92 48.29 2.63
N HIS J 171 40.68 48.83 3.57
CA HIS J 171 40.70 48.32 4.95
C HIS J 171 40.18 49.33 5.92
N THR J 172 39.02 49.08 6.48
CA THR J 172 38.54 50.05 7.45
C THR J 172 38.84 49.45 8.82
N PHE J 173 39.76 50.11 9.48
CA PHE J 173 40.19 49.63 10.75
C PHE J 173 39.09 49.75 11.80
N PRO J 174 39.33 49.22 13.01
CA PRO J 174 38.40 49.26 14.15
C PRO J 174 38.54 50.66 14.83
N ALA J 175 37.46 51.43 14.90
CA ALA J 175 37.59 52.75 15.53
C ALA J 175 38.31 52.56 16.86
N VAL J 176 39.20 53.49 17.25
CA VAL J 176 39.84 53.37 18.57
C VAL J 176 39.24 54.43 19.47
N LEU J 177 38.85 54.03 20.66
CA LEU J 177 38.22 54.92 21.60
C LEU J 177 39.08 55.67 22.61
N GLN J 178 38.81 56.97 22.73
CA GLN J 178 39.52 57.81 23.66
C GLN J 178 38.61 58.91 24.16
N SER J 179 38.67 59.10 25.49
CA SER J 179 37.91 60.10 26.22
C SER J 179 36.60 60.49 25.56
N ASP J 180 35.64 59.58 25.63
CA ASP J 180 34.29 59.77 25.09
C ASP J 180 34.14 60.01 23.61
N LEU J 181 35.12 59.61 22.79
CA LEU J 181 35.04 59.80 21.34
C LEU J 181 35.77 58.69 20.61
N TYR J 182 35.26 58.36 19.43
CA TYR J 182 35.85 57.31 18.59
C TYR J 182 36.54 57.98 17.43
N THR J 183 37.54 57.31 16.88
CA THR J 183 38.30 57.84 15.74
C THR J 183 38.81 56.65 14.93
N LEU J 184 38.40 56.55 13.66
CA LEU J 184 38.79 55.43 12.79
C LEU J 184 39.29 55.90 11.46
N SER J 185 39.79 54.94 10.71
CA SER J 185 40.25 55.20 9.36
C SER J 185 39.98 54.02 8.42
N SER J 186 39.76 54.39 7.16
CA SER J 186 39.49 53.49 6.04
C SER J 186 40.72 53.58 5.12
N SER J 187 40.93 52.57 4.26
CA SER J 187 42.12 52.59 3.41
C SER J 187 42.00 52.06 1.97
N VAL J 188 41.24 52.76 1.13
CA VAL J 188 41.09 52.36 -0.27
C VAL J 188 42.47 52.29 -0.95
N THR J 189 42.51 51.82 -2.20
CA THR J 189 43.75 51.71 -2.99
C THR J 189 43.37 51.50 -4.44
N VAL J 190 43.52 52.54 -5.24
CA VAL J 190 43.21 52.43 -6.65
C VAL J 190 44.45 52.15 -7.53
N PRO J 191 44.22 51.80 -8.80
CA PRO J 191 45.30 51.49 -9.73
C PRO J 191 46.47 52.45 -9.70
N SER J 192 47.66 51.88 -9.89
CA SER J 192 48.94 52.62 -9.92
C SER J 192 48.80 54.06 -10.42
N SER J 193 47.96 54.20 -11.44
CA SER J 193 47.68 55.47 -12.09
C SER J 193 46.28 55.90 -11.76
N THR J 194 45.35 55.14 -12.31
CA THR J 194 43.93 55.39 -12.19
C THR J 194 43.37 55.91 -10.88
N TRP J 195 43.22 57.23 -10.87
CA TRP J 195 42.65 57.99 -9.77
C TRP J 195 42.74 59.46 -10.02
N PRO J 196 43.95 60.04 -9.87
CA PRO J 196 44.12 61.48 -10.09
C PRO J 196 42.98 61.91 -11.01
N SER J 197 42.94 61.21 -12.14
CA SER J 197 41.92 61.41 -13.13
C SER J 197 40.58 61.24 -12.44
N GLU J 198 40.22 59.97 -12.27
CA GLU J 198 38.97 59.57 -11.65
C GLU J 198 38.68 60.18 -10.27
N THR J 199 37.39 60.42 -10.06
CA THR J 199 36.93 60.98 -8.82
C THR J 199 36.80 59.82 -7.82
N VAL J 200 37.25 60.07 -6.60
CA VAL J 200 37.21 59.06 -5.54
C VAL J 200 36.91 59.72 -4.21
N THR J 201 35.82 59.25 -3.59
CA THR J 201 35.36 59.78 -2.33
C THR J 201 34.93 58.68 -1.39
N CYS J 202 34.97 58.96 -0.10
CA CYS J 202 34.51 57.99 0.90
C CYS J 202 33.16 58.50 1.31
N ASN J 203 32.30 57.58 1.75
CA ASN J 203 30.95 57.95 2.18
C ASN J 203 30.81 57.57 3.65
N VAL J 204 30.82 58.57 4.51
CA VAL J 204 30.73 58.35 5.93
C VAL J 204 29.33 58.57 6.46
N ALA J 205 28.90 57.64 7.32
CA ALA J 205 27.59 57.73 7.93
C ALA J 205 27.56 57.38 9.40
N HIS J 206 26.89 58.24 10.15
CA HIS J 206 26.73 58.07 11.58
C HIS J 206 25.23 58.12 11.86
N PRO J 207 24.56 56.93 11.90
CA PRO J 207 23.13 56.87 12.18
C PRO J 207 22.95 57.70 13.41
N ALA J 208 23.58 57.26 14.49
CA ALA J 208 23.49 57.97 15.75
C ALA J 208 23.18 59.47 15.61
N SER J 209 23.94 60.19 14.79
CA SER J 209 23.70 61.63 14.65
C SER J 209 23.11 62.14 13.33
N SER J 210 22.43 61.26 12.61
CA SER J 210 21.81 61.63 11.34
C SER J 210 22.83 62.24 10.38
N THR J 211 24.11 61.90 10.58
CA THR J 211 25.24 62.43 9.78
C THR J 211 25.61 61.59 8.56
N LYS J 212 25.48 62.18 7.39
CA LYS J 212 25.79 61.51 6.14
C LYS J 212 26.58 62.53 5.33
N VAL J 213 27.88 62.28 5.16
CA VAL J 213 28.76 63.21 4.44
C VAL J 213 29.95 62.53 3.78
N ASP J 214 30.27 62.97 2.57
CA ASP J 214 31.40 62.43 1.81
C ASP J 214 32.47 63.49 1.57
N LYS J 215 33.71 63.08 1.33
CA LYS J 215 34.77 64.07 1.13
C LYS J 215 35.75 63.70 0.03
N LYS J 216 35.36 63.91 -1.23
CA LYS J 216 36.18 63.59 -2.38
C LYS J 216 37.65 63.86 -2.11
N ILE J 217 38.50 62.94 -2.57
CA ILE J 217 39.93 63.08 -2.38
C ILE J 217 40.50 63.82 -3.57
N VAL J 218 41.51 64.67 -3.35
CA VAL J 218 42.21 65.41 -4.42
C VAL J 218 43.60 65.77 -3.82
N PRO J 219 44.67 65.81 -4.66
CA PRO J 219 46.11 66.09 -4.38
C PRO J 219 46.73 67.46 -3.92
#